data_8GNB
#
_entry.id   8GNB
#
_cell.length_a   1.00
_cell.length_b   1.00
_cell.length_c   1.00
_cell.angle_alpha   90.00
_cell.angle_beta   90.00
_cell.angle_gamma   90.00
#
_symmetry.space_group_name_H-M   'P 1'
#
_entity_poly.entity_id   1
_entity_poly.type   'polypeptide(L)'
_entity_poly.pdbx_seq_one_letter_code
;MEGVDLLGFLIITLNCNVTMVGKLWFVLTMLLRMLVIVLAGRPVYQDEQERFVCNTLQPGCANVCYDVFSPVSHLRFWLI
QGVCVLLPSAVFSVYVLHRGATLAALGPRRCPDPREPASGQRRCPRPFGERGGLQVPDFSAGYIIHLLLRTLLEAAFGAL
HYFLFGFLAPKKFPCTRPPCTGVVDCYVSRPTEKSLLMLFLWAVSALSFLLGLADLVCSLRRRMRRRPGPPTS
;
_entity_poly.pdbx_strand_id   D,A,B,C,E,F,G,H,I,J
#
# COMPACT_ATOMS: atom_id res chain seq x y z
N GLY A 3 24.82 49.20 -13.98
CA GLY A 3 25.25 47.89 -13.52
C GLY A 3 24.15 47.09 -12.87
N VAL A 4 23.14 46.71 -13.66
CA VAL A 4 21.99 45.97 -13.18
C VAL A 4 21.81 44.74 -14.08
N ASP A 5 21.21 43.70 -13.52
CA ASP A 5 20.88 42.50 -14.26
C ASP A 5 19.80 42.84 -15.30
N LEU A 6 19.61 41.96 -16.28
CA LEU A 6 18.68 42.27 -17.36
C LEU A 6 17.24 41.86 -17.01
N LEU A 7 17.04 41.20 -15.88
CA LEU A 7 15.71 41.16 -15.28
C LEU A 7 15.44 42.44 -14.49
N GLY A 8 16.40 43.34 -14.53
CA GLY A 8 16.40 44.65 -13.93
C GLY A 8 15.97 45.68 -14.97
N PHE A 9 16.92 46.18 -15.74
CA PHE A 9 16.59 47.08 -16.84
C PHE A 9 15.84 46.29 -17.92
N LEU A 10 14.66 45.79 -17.54
CA LEU A 10 13.69 45.24 -18.47
C LEU A 10 12.25 45.63 -18.14
N ILE A 11 11.98 46.10 -16.93
CA ILE A 11 10.64 46.51 -16.53
C ILE A 11 10.53 48.03 -16.39
N ILE A 12 11.64 48.69 -16.08
CA ILE A 12 11.66 50.15 -16.09
C ILE A 12 11.51 50.66 -17.52
N THR A 13 12.14 49.96 -18.47
CA THR A 13 11.88 50.25 -19.87
C THR A 13 10.43 49.94 -20.26
N LEU A 14 9.70 49.24 -19.40
CA LEU A 14 8.27 49.02 -19.58
C LEU A 14 7.41 50.02 -18.84
N ASN A 15 7.74 50.30 -17.58
CA ASN A 15 6.92 51.19 -16.77
C ASN A 15 7.09 52.65 -17.17
N CYS A 16 8.32 53.06 -17.52
CA CYS A 16 8.59 54.46 -17.81
C CYS A 16 7.89 54.96 -19.07
N ASN A 17 7.56 54.08 -20.01
CA ASN A 17 6.91 54.47 -21.25
C ASN A 17 5.39 54.41 -21.17
N VAL A 18 4.84 54.12 -19.99
CA VAL A 18 3.39 54.05 -19.79
C VAL A 18 3.03 54.84 -18.54
N THR A 19 1.94 55.60 -18.62
CA THR A 19 1.51 56.45 -17.52
C THR A 19 0.63 55.67 -16.55
N MET A 20 0.51 56.19 -15.33
CA MET A 20 -0.27 55.51 -14.30
C MET A 20 -1.75 55.45 -14.68
N VAL A 21 -2.21 56.42 -15.46
CA VAL A 21 -3.59 56.37 -15.96
C VAL A 21 -3.78 55.15 -16.85
N GLY A 22 -2.77 54.80 -17.65
CA GLY A 22 -2.87 53.61 -18.47
C GLY A 22 -2.95 52.33 -17.67
N LYS A 23 -2.12 52.23 -16.62
CA LYS A 23 -2.21 51.05 -15.75
C LYS A 23 -3.56 50.97 -15.06
N LEU A 24 -4.08 52.12 -14.61
CA LEU A 24 -5.41 52.13 -14.02
C LEU A 24 -6.47 51.69 -15.02
N TRP A 25 -6.34 52.12 -16.28
CA TRP A 25 -7.24 51.65 -17.33
C TRP A 25 -7.17 50.14 -17.47
N PHE A 26 -5.96 49.60 -17.50
CA PHE A 26 -5.77 48.15 -17.63
C PHE A 26 -6.46 47.43 -16.48
N VAL A 27 -6.26 47.92 -15.25
CA VAL A 27 -6.84 47.27 -14.08
C VAL A 27 -8.36 47.31 -14.13
N LEU A 28 -8.93 48.48 -14.44
CA LEU A 28 -10.39 48.58 -14.50
C LEU A 28 -10.99 47.72 -15.60
N THR A 29 -10.34 47.66 -16.76
CA THR A 29 -10.91 46.89 -17.87
C THR A 29 -10.59 45.40 -17.80
N MET A 30 -9.74 44.97 -16.88
CA MET A 30 -9.59 43.54 -16.63
C MET A 30 -10.34 43.05 -15.39
N LEU A 31 -10.53 43.90 -14.39
CA LEU A 31 -11.20 43.49 -13.16
C LEU A 31 -12.71 43.70 -13.20
N LEU A 32 -13.20 44.82 -13.72
CA LEU A 32 -14.62 45.05 -13.84
C LEU A 32 -15.18 44.80 -15.23
N ARG A 33 -14.34 44.46 -16.20
CA ARG A 33 -14.83 44.29 -17.57
C ARG A 33 -14.56 42.90 -18.12
N MET A 34 -13.33 42.39 -17.98
CA MET A 34 -13.02 41.03 -18.38
C MET A 34 -13.52 39.97 -17.40
N LEU A 35 -13.72 40.34 -16.14
CA LEU A 35 -14.10 39.37 -15.12
C LEU A 35 -15.61 39.23 -14.97
N VAL A 36 -16.37 40.31 -15.08
CA VAL A 36 -17.82 40.23 -14.91
C VAL A 36 -18.45 39.46 -16.06
N ILE A 37 -17.91 39.61 -17.27
CA ILE A 37 -18.56 39.03 -18.45
C ILE A 37 -18.47 37.51 -18.45
N VAL A 38 -17.28 36.97 -18.15
CA VAL A 38 -17.12 35.53 -18.16
C VAL A 38 -17.83 34.90 -16.97
N LEU A 39 -17.84 35.59 -15.84
CA LEU A 39 -18.25 35.00 -14.58
C LEU A 39 -19.73 35.16 -14.29
N ALA A 40 -20.34 36.27 -14.73
CA ALA A 40 -21.76 36.51 -14.53
C ALA A 40 -22.57 36.48 -15.82
N GLY A 41 -21.95 36.74 -16.97
CA GLY A 41 -22.68 36.75 -18.22
C GLY A 41 -22.84 35.37 -18.82
N ARG A 42 -21.91 34.48 -18.49
CA ARG A 42 -22.00 33.10 -18.96
C ARG A 42 -23.21 32.37 -18.38
N PRO A 43 -23.46 32.41 -17.05
CA PRO A 43 -24.61 31.63 -16.53
C PRO A 43 -25.96 32.22 -16.88
N VAL A 44 -26.07 33.54 -17.00
CA VAL A 44 -27.38 34.16 -17.20
C VAL A 44 -27.94 33.80 -18.56
N TYR A 45 -27.07 33.63 -19.56
CA TYR A 45 -27.49 33.47 -20.95
C TYR A 45 -27.53 32.02 -21.41
N GLN A 46 -27.38 31.07 -20.49
CA GLN A 46 -27.55 29.67 -20.84
C GLN A 46 -29.02 29.33 -21.06
N ASP A 47 -29.92 29.94 -20.31
CA ASP A 47 -31.34 29.63 -20.35
C ASP A 47 -32.09 30.63 -21.23
N GLU A 48 -31.37 31.30 -22.13
CA GLU A 48 -32.02 32.08 -23.17
C GLU A 48 -32.68 31.18 -24.20
N GLN A 49 -32.28 29.92 -24.25
CA GLN A 49 -32.83 28.93 -25.17
C GLN A 49 -33.91 28.07 -24.55
N GLU A 50 -33.78 27.75 -23.27
CA GLU A 50 -34.65 26.76 -22.64
C GLU A 50 -36.08 27.29 -22.50
N ARG A 51 -36.24 28.59 -22.27
CA ARG A 51 -37.55 29.11 -21.90
C ARG A 51 -37.96 30.24 -22.83
N PHE A 52 -37.83 30.00 -24.14
CA PHE A 52 -38.37 30.89 -25.17
C PHE A 52 -39.80 30.41 -25.44
N VAL A 53 -40.55 30.29 -24.34
CA VAL A 53 -41.80 29.55 -24.35
C VAL A 53 -42.95 30.42 -24.83
N CYS A 54 -43.84 29.82 -25.63
CA CYS A 54 -44.93 30.53 -26.28
C CYS A 54 -45.92 29.59 -26.96
N ASN A 55 -47.09 30.13 -27.27
CA ASN A 55 -48.29 29.33 -27.58
C ASN A 55 -48.22 28.80 -28.99
N THR A 56 -47.64 27.61 -29.11
CA THR A 56 -47.76 26.85 -30.35
C THR A 56 -47.62 25.37 -30.01
N LEU A 57 -48.08 24.52 -30.92
CA LEU A 57 -48.08 23.08 -30.71
C LEU A 57 -47.39 22.28 -31.80
N GLN A 58 -47.40 22.74 -33.04
CA GLN A 58 -46.74 21.97 -34.10
C GLN A 58 -45.24 22.09 -33.89
N PRO A 59 -44.49 21.00 -34.00
CA PRO A 59 -43.04 21.08 -33.77
C PRO A 59 -42.34 21.91 -34.84
N GLY A 60 -41.38 22.72 -34.40
CA GLY A 60 -40.54 23.49 -35.30
C GLY A 60 -40.96 24.93 -35.53
N CYS A 61 -41.90 25.44 -34.73
CA CYS A 61 -42.21 26.87 -34.82
C CYS A 61 -41.34 27.69 -33.88
N ALA A 62 -41.13 27.19 -32.66
CA ALA A 62 -40.37 27.97 -31.67
C ALA A 62 -38.93 28.18 -32.13
N ASN A 63 -38.32 27.17 -32.75
CA ASN A 63 -36.93 27.29 -33.16
C ASN A 63 -36.74 28.37 -34.23
N VAL A 64 -37.60 28.38 -35.25
CA VAL A 64 -37.50 29.42 -36.27
C VAL A 64 -37.90 30.77 -35.69
N CYS A 65 -38.82 30.77 -34.71
CA CYS A 65 -39.19 32.03 -34.07
C CYS A 65 -38.01 32.64 -33.33
N TYR A 66 -37.22 31.82 -32.63
CA TYR A 66 -36.04 32.38 -32.00
C TYR A 66 -34.98 32.75 -33.02
N ASP A 67 -34.85 31.94 -34.09
CA ASP A 67 -33.88 32.26 -35.14
C ASP A 67 -34.14 33.62 -35.75
N VAL A 68 -35.41 33.94 -36.02
CA VAL A 68 -35.73 35.29 -36.49
C VAL A 68 -35.68 36.28 -35.34
N PHE A 69 -35.77 35.81 -34.10
CA PHE A 69 -35.73 36.71 -32.95
C PHE A 69 -34.32 37.23 -32.70
N SER A 70 -33.37 36.32 -32.44
CA SER A 70 -32.00 36.70 -32.10
C SER A 70 -31.05 36.18 -33.17
N PRO A 71 -30.68 37.02 -34.13
CA PRO A 71 -29.63 36.62 -35.09
C PRO A 71 -28.29 36.40 -34.42
N VAL A 72 -27.84 37.37 -33.62
CA VAL A 72 -26.57 37.27 -32.91
C VAL A 72 -26.80 37.66 -31.47
N SER A 73 -26.42 36.78 -30.54
CA SER A 73 -26.51 37.11 -29.13
C SER A 73 -25.43 38.13 -28.76
N HIS A 74 -25.83 39.11 -27.94
CA HIS A 74 -24.91 40.19 -27.59
C HIS A 74 -23.83 39.76 -26.60
N LEU A 75 -23.92 38.57 -26.02
CA LEU A 75 -22.81 38.05 -25.23
C LEU A 75 -21.58 37.83 -26.09
N ARG A 76 -21.75 37.21 -27.26
CA ARG A 76 -20.64 37.03 -28.17
C ARG A 76 -20.10 38.37 -28.66
N PHE A 77 -21.00 39.33 -28.87
CA PHE A 77 -20.59 40.68 -29.23
C PHE A 77 -19.70 41.29 -28.16
N TRP A 78 -20.11 41.14 -26.90
CA TRP A 78 -19.31 41.68 -25.80
C TRP A 78 -17.95 41.01 -25.72
N LEU A 79 -17.90 39.69 -25.88
CA LEU A 79 -16.61 38.99 -25.80
C LEU A 79 -15.69 39.38 -26.95
N ILE A 80 -16.21 39.47 -28.17
CA ILE A 80 -15.35 39.85 -29.29
C ILE A 80 -14.89 41.29 -29.13
N GLN A 81 -15.76 42.16 -28.62
CA GLN A 81 -15.37 43.53 -28.34
C GLN A 81 -14.26 43.57 -27.28
N GLY A 82 -14.38 42.74 -26.25
CA GLY A 82 -13.36 42.71 -25.22
C GLY A 82 -12.02 42.22 -25.75
N VAL A 83 -12.02 41.16 -26.55
CA VAL A 83 -10.76 40.65 -27.05
C VAL A 83 -10.12 41.64 -28.02
N CYS A 84 -10.94 42.34 -28.82
CA CYS A 84 -10.35 43.32 -29.73
C CYS A 84 -9.86 44.56 -28.98
N VAL A 85 -10.48 44.89 -27.85
CA VAL A 85 -10.03 46.06 -27.11
C VAL A 85 -8.87 45.70 -26.18
N LEU A 86 -8.59 44.41 -26.02
CA LEU A 86 -7.38 44.03 -25.30
C LEU A 86 -6.22 43.62 -26.20
N LEU A 87 -6.47 43.37 -27.49
CA LEU A 87 -5.40 42.92 -28.39
C LEU A 87 -4.26 43.94 -28.55
N PRO A 88 -4.50 45.21 -28.85
CA PRO A 88 -3.36 46.13 -29.07
C PRO A 88 -2.45 46.27 -27.87
N SER A 89 -2.99 46.20 -26.65
CA SER A 89 -2.14 46.28 -25.47
C SER A 89 -1.21 45.10 -25.35
N ALA A 90 -1.59 43.95 -25.89
CA ALA A 90 -0.72 42.80 -25.96
C ALA A 90 0.30 42.90 -27.09
N VAL A 91 -0.10 43.40 -28.26
CA VAL A 91 0.86 43.50 -29.36
C VAL A 91 1.92 44.56 -29.02
N PHE A 92 1.51 45.67 -28.41
CA PHE A 92 2.49 46.66 -27.96
C PHE A 92 3.39 46.11 -26.86
N SER A 93 2.83 45.32 -25.94
CA SER A 93 3.66 44.72 -24.91
C SER A 93 4.74 43.85 -25.52
N VAL A 94 4.36 42.99 -26.47
CA VAL A 94 5.35 42.14 -27.12
C VAL A 94 6.36 42.99 -27.88
N TYR A 95 5.90 44.05 -28.54
CA TYR A 95 6.82 44.94 -29.26
C TYR A 95 7.87 45.53 -28.32
N VAL A 96 7.44 46.07 -27.18
CA VAL A 96 8.37 46.78 -26.31
C VAL A 96 9.31 45.80 -25.62
N LEU A 97 8.81 44.64 -25.19
CA LEU A 97 9.73 43.64 -24.64
C LEU A 97 10.74 43.16 -25.69
N HIS A 98 10.29 42.98 -26.94
CA HIS A 98 11.22 42.54 -27.97
C HIS A 98 12.31 43.59 -28.23
N ARG A 99 11.92 44.86 -28.29
CA ARG A 99 12.92 45.90 -28.53
C ARG A 99 13.73 46.27 -27.29
N GLY A 100 13.32 45.84 -26.11
CA GLY A 100 14.10 46.09 -24.92
C GLY A 100 15.08 44.98 -24.60
N ALA A 101 14.67 43.74 -24.85
CA ALA A 101 15.53 42.59 -24.59
C ALA A 101 16.62 42.41 -25.63
N THR A 102 16.51 43.09 -26.78
CA THR A 102 17.50 42.93 -27.84
C THR A 102 18.66 43.91 -27.70
N LEU A 103 18.39 45.16 -27.36
CA LEU A 103 19.46 46.16 -27.25
C LEU A 103 20.43 45.83 -26.13
N ALA A 104 19.94 45.21 -25.05
CA ALA A 104 20.81 44.89 -23.92
C ALA A 104 21.85 43.83 -24.29
N ALA A 105 21.59 43.01 -25.31
CA ALA A 105 22.56 42.00 -25.71
C ALA A 105 23.85 42.63 -26.22
N LEU A 106 23.73 43.68 -27.04
CA LEU A 106 24.91 44.34 -27.56
C LEU A 106 25.64 45.11 -26.46
N GLY A 107 24.89 45.70 -25.53
CA GLY A 107 25.48 46.47 -24.46
C GLY A 107 25.90 47.86 -24.90
N PRO A 108 26.59 48.59 -24.02
CA PRO A 108 27.06 49.96 -24.32
C PRO A 108 28.16 49.97 -25.37
N GLY A 133 21.02 57.25 -13.37
CA GLY A 133 22.14 56.94 -14.24
C GLY A 133 21.87 55.76 -15.16
N LEU A 134 20.69 55.73 -15.75
CA LEU A 134 20.29 54.67 -16.65
C LEU A 134 20.26 55.16 -18.10
N GLN A 135 19.99 54.24 -19.01
CA GLN A 135 19.95 54.50 -20.44
C GLN A 135 18.64 53.98 -21.04
N VAL A 136 17.54 54.33 -20.37
CA VAL A 136 16.20 53.86 -20.76
C VAL A 136 15.85 54.38 -22.14
N PRO A 137 15.43 53.52 -23.08
CA PRO A 137 14.99 54.01 -24.39
C PRO A 137 13.65 54.71 -24.27
N ASP A 138 13.35 55.50 -25.31
CA ASP A 138 12.15 56.34 -25.34
C ASP A 138 11.21 55.77 -26.41
N PHE A 139 10.24 54.97 -25.97
CA PHE A 139 9.20 54.47 -26.86
C PHE A 139 7.93 55.30 -26.70
N SER A 140 7.98 56.50 -27.29
CA SER A 140 6.87 57.45 -27.23
C SER A 140 6.06 57.48 -28.53
N ALA A 141 6.71 57.24 -29.67
CA ALA A 141 6.00 57.26 -30.95
C ALA A 141 4.93 56.19 -31.04
N GLY A 142 5.20 55.00 -30.54
CA GLY A 142 4.22 53.93 -30.62
C GLY A 142 3.07 54.02 -29.65
N TYR A 143 3.25 54.69 -28.51
CA TYR A 143 2.19 54.77 -27.50
C TYR A 143 1.09 55.73 -27.93
N ILE A 144 1.45 56.82 -28.61
CA ILE A 144 0.45 57.76 -29.10
C ILE A 144 -0.37 57.15 -30.22
N ILE A 145 0.27 56.44 -31.15
CA ILE A 145 -0.51 55.75 -32.19
C ILE A 145 -1.30 54.60 -31.58
N HIS A 146 -0.75 53.97 -30.54
CA HIS A 146 -1.50 52.97 -29.79
C HIS A 146 -2.80 53.55 -29.25
N LEU A 147 -2.72 54.73 -28.62
CA LEU A 147 -3.92 55.33 -28.05
C LEU A 147 -4.86 55.82 -29.14
N LEU A 148 -4.32 56.26 -30.28
CA LEU A 148 -5.17 56.59 -31.41
C LEU A 148 -5.97 55.39 -31.88
N LEU A 149 -5.31 54.23 -32.02
CA LEU A 149 -6.01 53.02 -32.40
C LEU A 149 -7.04 52.64 -31.32
N ARG A 150 -6.69 52.83 -30.05
CA ARG A 150 -7.66 52.59 -28.99
C ARG A 150 -8.90 53.43 -29.15
N THR A 151 -8.73 54.75 -29.34
CA THR A 151 -9.87 55.63 -29.47
C THR A 151 -10.70 55.30 -30.70
N LEU A 152 -10.05 54.86 -31.78
CA LEU A 152 -10.78 54.54 -32.99
C LEU A 152 -11.53 53.22 -32.88
N LEU A 153 -10.99 52.25 -32.13
CA LEU A 153 -11.59 50.92 -32.07
C LEU A 153 -12.68 50.80 -31.03
N GLU A 154 -13.05 51.88 -30.34
CA GLU A 154 -14.12 51.80 -29.36
C GLU A 154 -15.41 52.45 -29.84
N ALA A 155 -15.32 53.64 -30.45
CA ALA A 155 -16.52 54.35 -30.88
C ALA A 155 -17.29 53.58 -31.94
N ALA A 156 -16.58 52.94 -32.87
CA ALA A 156 -17.25 52.19 -33.92
C ALA A 156 -18.05 51.03 -33.35
N PHE A 157 -17.45 50.23 -32.48
CA PHE A 157 -18.16 49.11 -31.90
C PHE A 157 -19.29 49.58 -30.99
N GLY A 158 -19.11 50.74 -30.33
CA GLY A 158 -20.23 51.32 -29.60
C GLY A 158 -21.39 51.68 -30.53
N ALA A 159 -21.07 52.22 -31.70
CA ALA A 159 -22.11 52.55 -32.67
C ALA A 159 -22.84 51.31 -33.15
N LEU A 160 -22.10 50.22 -33.43
CA LEU A 160 -22.75 48.96 -33.79
C LEU A 160 -23.62 48.44 -32.66
N HIS A 161 -23.15 48.53 -31.42
CA HIS A 161 -23.98 48.11 -30.29
C HIS A 161 -25.27 48.91 -30.23
N TYR A 162 -25.16 50.23 -30.41
CA TYR A 162 -26.35 51.08 -30.32
C TYR A 162 -27.33 50.79 -31.45
N PHE A 163 -26.82 50.58 -32.67
CA PHE A 163 -27.69 50.32 -33.81
C PHE A 163 -28.23 48.90 -33.86
N LEU A 164 -27.63 47.95 -33.14
CA LEU A 164 -28.08 46.57 -33.20
C LEU A 164 -28.91 46.15 -31.99
N PHE A 165 -28.45 46.45 -30.78
CA PHE A 165 -29.10 45.90 -29.59
C PHE A 165 -29.85 46.95 -28.76
N GLY A 166 -29.79 48.23 -29.14
CA GLY A 166 -30.58 49.23 -28.45
C GLY A 166 -30.15 49.42 -27.01
N PHE A 167 -31.12 49.76 -26.16
CA PHE A 167 -30.88 50.06 -24.75
C PHE A 167 -31.60 49.11 -23.80
N LEU A 168 -32.82 48.70 -24.11
CA LEU A 168 -33.58 47.78 -23.26
C LEU A 168 -34.14 46.65 -24.09
N ALA A 169 -34.13 45.44 -23.51
CA ALA A 169 -34.58 44.26 -24.19
C ALA A 169 -36.10 44.13 -24.16
N PRO A 170 -36.71 43.73 -25.28
CA PRO A 170 -38.16 43.52 -25.31
C PRO A 170 -38.60 42.46 -24.32
N LYS A 171 -39.91 42.46 -24.04
CA LYS A 171 -40.52 41.49 -23.14
C LYS A 171 -41.27 40.39 -23.89
N LYS A 172 -41.83 40.71 -25.06
CA LYS A 172 -42.54 39.75 -25.89
C LYS A 172 -42.29 40.09 -27.35
N PHE A 173 -42.50 39.10 -28.22
CA PHE A 173 -42.10 39.17 -29.63
C PHE A 173 -43.16 38.50 -30.51
N PRO A 174 -43.64 39.18 -31.55
CA PRO A 174 -44.53 38.51 -32.51
C PRO A 174 -43.74 37.79 -33.60
N CYS A 175 -44.21 36.58 -33.92
CA CYS A 175 -43.52 35.70 -34.85
C CYS A 175 -44.46 35.32 -35.98
N THR A 176 -43.99 35.45 -37.22
CA THR A 176 -44.86 35.31 -38.38
C THR A 176 -44.35 34.38 -39.47
N ARG A 177 -43.02 34.20 -39.61
CA ARG A 177 -42.47 33.33 -40.67
C ARG A 177 -43.00 31.91 -40.49
N PRO A 178 -43.81 31.40 -41.41
CA PRO A 178 -44.55 30.16 -41.16
C PRO A 178 -43.79 28.91 -41.57
N PRO A 179 -43.31 28.11 -40.62
CA PRO A 179 -43.47 26.66 -40.74
C PRO A 179 -44.60 26.23 -39.83
N CYS A 180 -45.23 27.22 -39.20
CA CYS A 180 -46.30 27.06 -38.23
C CYS A 180 -47.46 28.01 -38.58
N THR A 181 -48.65 27.62 -38.15
CA THR A 181 -49.89 28.29 -38.54
C THR A 181 -50.12 29.50 -37.64
N GLY A 182 -50.25 30.68 -38.24
CA GLY A 182 -50.68 31.89 -37.55
C GLY A 182 -49.50 32.73 -37.06
N VAL A 183 -49.83 33.73 -36.24
CA VAL A 183 -48.85 34.59 -35.60
C VAL A 183 -48.72 34.15 -34.14
N VAL A 184 -47.49 33.96 -33.69
CA VAL A 184 -47.23 33.43 -32.35
C VAL A 184 -46.60 34.53 -31.51
N ASP A 185 -47.23 34.86 -30.38
CA ASP A 185 -46.73 35.84 -29.45
C ASP A 185 -45.85 35.11 -28.43
N CYS A 186 -44.56 35.43 -28.44
CA CYS A 186 -43.56 34.58 -27.82
C CYS A 186 -42.78 35.36 -26.77
N TYR A 187 -42.50 34.71 -25.65
CA TYR A 187 -42.06 35.38 -24.44
C TYR A 187 -40.57 35.13 -24.19
N VAL A 188 -39.84 36.20 -23.88
CA VAL A 188 -38.45 36.06 -23.47
C VAL A 188 -38.38 35.61 -22.02
N SER A 189 -37.18 35.23 -21.60
CA SER A 189 -36.94 34.80 -20.23
C SER A 189 -36.04 35.80 -19.53
N ARG A 190 -36.49 36.30 -18.38
CA ARG A 190 -35.69 37.11 -17.46
C ARG A 190 -35.13 38.35 -18.17
N PRO A 191 -35.98 39.34 -18.44
CA PRO A 191 -35.51 40.54 -19.15
C PRO A 191 -34.85 41.60 -18.27
N THR A 192 -35.36 41.79 -17.05
CA THR A 192 -34.87 42.89 -16.22
C THR A 192 -33.42 42.69 -15.80
N GLU A 193 -33.05 41.45 -15.47
CA GLU A 193 -31.66 41.16 -15.17
C GLU A 193 -30.77 41.54 -16.34
N LYS A 194 -31.21 41.20 -17.56
CA LYS A 194 -30.43 41.48 -18.76
C LYS A 194 -30.30 42.99 -18.97
N SER A 195 -31.40 43.72 -18.82
CA SER A 195 -31.36 45.17 -19.02
C SER A 195 -30.45 45.84 -18.01
N LEU A 196 -30.55 45.46 -16.73
CA LEU A 196 -29.68 46.06 -15.73
C LEU A 196 -28.21 45.73 -15.99
N LEU A 197 -27.92 44.47 -16.32
CA LEU A 197 -26.55 44.05 -16.53
C LEU A 197 -25.94 44.76 -17.74
N MET A 198 -26.69 44.86 -18.83
CA MET A 198 -26.16 45.51 -20.03
C MET A 198 -26.08 47.02 -19.84
N LEU A 199 -26.94 47.59 -18.98
CA LEU A 199 -26.75 48.98 -18.59
C LEU A 199 -25.44 49.17 -17.83
N PHE A 200 -25.11 48.22 -16.94
CA PHE A 200 -23.84 48.30 -16.23
C PHE A 200 -22.67 48.23 -17.20
N LEU A 201 -22.74 47.32 -18.17
CA LEU A 201 -21.69 47.26 -19.19
C LEU A 201 -21.60 48.55 -20.00
N TRP A 202 -22.74 49.13 -20.35
CA TRP A 202 -22.73 50.41 -21.08
C TRP A 202 -22.04 51.49 -20.26
N ALA A 203 -22.35 51.55 -18.97
CA ALA A 203 -21.76 52.57 -18.11
C ALA A 203 -20.25 52.39 -17.99
N VAL A 204 -19.79 51.15 -17.77
CA VAL A 204 -18.36 50.94 -17.60
C VAL A 204 -17.62 51.19 -18.92
N SER A 205 -18.24 50.84 -20.05
CA SER A 205 -17.64 51.12 -21.34
C SER A 205 -17.54 52.63 -21.58
N ALA A 206 -18.58 53.37 -21.19
CA ALA A 206 -18.54 54.82 -21.34
C ALA A 206 -17.44 55.44 -20.49
N LEU A 207 -17.28 54.94 -19.25
CA LEU A 207 -16.22 55.44 -18.39
C LEU A 207 -14.84 55.15 -18.98
N SER A 208 -14.66 53.92 -19.48
CA SER A 208 -13.38 53.55 -20.09
C SER A 208 -13.09 54.40 -21.33
N PHE A 209 -14.11 54.71 -22.12
CA PHE A 209 -13.90 55.55 -23.30
C PHE A 209 -13.38 56.92 -22.93
N LEU A 210 -14.00 57.57 -21.93
CA LEU A 210 -13.56 58.89 -21.52
C LEU A 210 -12.16 58.84 -20.92
N LEU A 211 -11.86 57.82 -20.12
CA LEU A 211 -10.53 57.71 -19.53
C LEU A 211 -9.47 57.49 -20.61
N GLY A 212 -9.78 56.67 -21.61
CA GLY A 212 -8.86 56.47 -22.72
C GLY A 212 -8.64 57.73 -23.53
N LEU A 213 -9.70 58.51 -23.76
CA LEU A 213 -9.52 59.81 -24.39
C LEU A 213 -8.63 60.72 -23.56
N ALA A 214 -8.77 60.67 -22.23
CA ALA A 214 -7.89 61.45 -21.36
C ALA A 214 -6.43 61.03 -21.49
N ASP A 215 -6.16 59.72 -21.61
CA ASP A 215 -4.78 59.26 -21.72
C ASP A 215 -4.03 59.92 -22.87
N LEU A 216 -4.58 59.86 -24.09
CA LEU A 216 -3.88 60.41 -25.25
C LEU A 216 -3.72 61.92 -25.15
N VAL A 217 -4.78 62.63 -24.75
CA VAL A 217 -4.74 64.08 -24.72
C VAL A 217 -3.77 64.58 -23.67
N CYS A 218 -3.58 63.83 -22.57
CA CYS A 218 -2.55 64.18 -21.60
C CYS A 218 -1.14 63.79 -22.03
N SER A 219 -0.99 62.61 -22.64
CA SER A 219 0.31 62.11 -23.08
C SER A 219 0.92 62.95 -24.19
N LEU A 220 0.13 63.43 -25.13
CA LEU A 220 0.65 64.30 -26.17
C LEU A 220 1.14 65.63 -25.61
N ARG A 221 0.42 66.21 -24.66
CA ARG A 221 0.87 67.44 -24.03
C ARG A 221 2.14 67.23 -23.22
N ARG A 222 2.24 66.12 -22.48
CA ARG A 222 3.40 65.88 -21.64
C ARG A 222 4.64 65.49 -22.44
N ARG A 223 4.62 65.58 -23.76
CA ARG A 223 5.81 65.27 -24.56
C ARG A 223 6.26 66.47 -25.38
N MET A 224 5.32 67.35 -25.77
CA MET A 224 5.71 68.64 -26.34
C MET A 224 6.11 69.67 -25.29
N ARG A 225 5.89 69.38 -24.01
CA ARG A 225 6.30 70.31 -22.97
C ARG A 225 7.82 70.36 -22.86
N ARG A 226 8.48 69.30 -23.32
CA ARG A 226 9.94 69.22 -23.28
C ARG A 226 10.56 70.06 -24.39
N ARG A 227 9.72 70.47 -25.35
CA ARG A 227 10.18 71.32 -26.45
C ARG A 227 10.05 72.79 -26.09
N GLY B 3 23.09 48.00 -2.15
CA GLY B 3 23.61 47.26 -3.29
C GLY B 3 22.84 46.00 -3.60
N VAL B 4 21.58 46.16 -4.01
CA VAL B 4 20.69 45.04 -4.32
C VAL B 4 20.10 45.28 -5.70
N ASP B 5 19.75 44.17 -6.36
CA ASP B 5 19.07 44.23 -7.65
C ASP B 5 17.68 44.83 -7.47
N LEU B 6 17.06 45.27 -8.56
CA LEU B 6 15.78 45.95 -8.45
C LEU B 6 14.60 44.98 -8.43
N LEU B 7 14.86 43.69 -8.62
CA LEU B 7 13.90 42.67 -8.19
C LEU B 7 14.03 42.39 -6.70
N GLY B 8 14.94 43.14 -6.09
CA GLY B 8 15.25 43.11 -4.67
C GLY B 8 14.48 44.22 -3.98
N PHE B 9 15.04 45.43 -3.95
CA PHE B 9 14.32 46.57 -3.42
C PHE B 9 13.15 46.91 -4.35
N LEU B 10 12.21 45.97 -4.46
CA LEU B 10 10.92 46.19 -5.08
C LEU B 10 9.78 45.53 -4.33
N ILE B 11 10.05 44.57 -3.44
CA ILE B 11 9.02 43.90 -2.66
C ILE B 11 9.05 44.32 -1.21
N ILE B 12 10.23 44.72 -0.70
CA ILE B 12 10.30 45.29 0.64
C ILE B 12 9.60 46.64 0.68
N THR B 13 9.73 47.42 -0.40
CA THR B 13 8.93 48.62 -0.55
C THR B 13 7.45 48.30 -0.68
N LEU B 14 7.10 47.03 -0.90
CA LEU B 14 5.72 46.58 -0.89
C LEU B 14 5.29 46.01 0.46
N ASN B 15 6.14 45.17 1.07
CA ASN B 15 5.76 44.52 2.32
C ASN B 15 5.82 45.48 3.49
N CYS B 16 6.80 46.38 3.51
CA CYS B 16 7.00 47.26 4.66
C CYS B 16 5.86 48.26 4.84
N ASN B 17 5.13 48.60 3.78
CA ASN B 17 4.05 49.57 3.87
C ASN B 17 2.70 48.91 4.15
N VAL B 18 2.67 47.60 4.38
CA VAL B 18 1.44 46.87 4.66
C VAL B 18 1.67 45.98 5.88
N THR B 19 0.68 45.93 6.76
CA THR B 19 0.78 45.17 8.00
C THR B 19 0.34 43.72 7.77
N MET B 20 0.78 42.84 8.67
CA MET B 20 0.46 41.42 8.55
C MET B 20 -1.03 41.17 8.65
N VAL B 21 -1.75 42.04 9.38
CA VAL B 21 -3.21 41.93 9.44
C VAL B 21 -3.80 42.15 8.06
N GLY B 22 -3.23 43.06 7.27
CA GLY B 22 -3.72 43.28 5.92
C GLY B 22 -3.51 42.08 5.02
N LYS B 23 -2.35 41.45 5.11
CA LYS B 23 -2.10 40.24 4.32
C LYS B 23 -3.05 39.13 4.75
N LEU B 24 -3.29 39.00 6.05
CA LEU B 24 -4.25 38.00 6.53
C LEU B 24 -5.65 38.29 6.00
N TRP B 25 -6.04 39.57 5.96
CA TRP B 25 -7.31 39.95 5.36
C TRP B 25 -7.38 39.52 3.90
N PHE B 26 -6.31 39.79 3.15
CA PHE B 26 -6.27 39.42 1.74
C PHE B 26 -6.44 37.91 1.57
N VAL B 27 -5.73 37.14 2.40
CA VAL B 27 -5.80 35.68 2.30
C VAL B 27 -7.20 35.18 2.63
N LEU B 28 -7.80 35.68 3.71
CA LEU B 28 -9.14 35.22 4.07
C LEU B 28 -10.18 35.61 3.04
N THR B 29 -10.08 36.81 2.47
CA THR B 29 -11.09 37.25 1.52
C THR B 29 -10.84 36.73 0.10
N MET B 30 -9.70 36.10 -0.17
CA MET B 30 -9.54 35.40 -1.44
C MET B 30 -9.72 33.90 -1.34
N LEU B 31 -9.44 33.29 -0.18
CA LEU B 31 -9.56 31.85 -0.03
C LEU B 31 -10.93 31.40 0.45
N LEU B 32 -11.54 32.10 1.41
CA LEU B 32 -12.88 31.76 1.87
C LEU B 32 -13.97 32.64 1.29
N ARG B 33 -13.64 33.64 0.49
CA ARG B 33 -14.64 34.56 -0.01
C ARG B 33 -14.70 34.59 -1.54
N MET B 34 -13.55 34.74 -2.20
CA MET B 34 -13.49 34.68 -3.66
C MET B 34 -13.59 33.25 -4.21
N LEU B 35 -13.23 32.25 -3.42
CA LEU B 35 -13.20 30.87 -3.90
C LEU B 35 -14.51 30.13 -3.68
N VAL B 36 -15.20 30.36 -2.57
CA VAL B 36 -16.44 29.66 -2.30
C VAL B 36 -17.53 30.11 -3.27
N ILE B 37 -17.55 31.39 -3.64
CA ILE B 37 -18.65 31.93 -4.42
C ILE B 37 -18.64 31.39 -5.84
N VAL B 38 -17.47 31.37 -6.49
CA VAL B 38 -17.38 30.88 -7.86
C VAL B 38 -17.57 29.38 -7.91
N LEU B 39 -17.08 28.68 -6.89
CA LEU B 39 -16.95 27.23 -6.95
C LEU B 39 -18.17 26.50 -6.40
N ALA B 40 -18.85 27.06 -5.41
CA ALA B 40 -20.05 26.46 -4.83
C ALA B 40 -21.32 27.25 -5.13
N GLY B 41 -21.22 28.56 -5.39
CA GLY B 41 -22.41 29.34 -5.64
C GLY B 41 -22.86 29.27 -7.09
N ARG B 42 -21.92 29.01 -7.98
CA ARG B 42 -22.26 28.84 -9.40
C ARG B 42 -23.15 27.62 -9.63
N PRO B 43 -22.83 26.42 -9.12
CA PRO B 43 -23.69 25.26 -9.44
C PRO B 43 -25.04 25.28 -8.73
N VAL B 44 -25.12 25.84 -7.53
CA VAL B 44 -26.36 25.77 -6.77
C VAL B 44 -27.47 26.58 -7.45
N TYR B 45 -27.10 27.68 -8.10
CA TYR B 45 -28.06 28.64 -8.61
C TYR B 45 -28.35 28.46 -10.10
N GLN B 46 -27.88 27.37 -10.70
CA GLN B 46 -28.25 27.07 -12.08
C GLN B 46 -29.70 26.60 -12.18
N ASP B 47 -30.17 25.85 -11.19
CA ASP B 47 -31.49 25.25 -11.21
C ASP B 47 -32.50 26.11 -10.42
N GLU B 48 -32.17 27.39 -10.24
CA GLU B 48 -33.16 28.33 -9.73
C GLU B 48 -34.23 28.62 -10.77
N GLN B 49 -33.94 28.32 -12.04
CA GLN B 49 -34.87 28.53 -13.14
C GLN B 49 -35.64 27.28 -13.51
N GLU B 50 -35.00 26.12 -13.42
CA GLU B 50 -35.59 24.89 -13.95
C GLU B 50 -36.80 24.44 -13.13
N ARG B 51 -36.79 24.68 -11.83
CA ARG B 51 -37.80 24.09 -10.96
C ARG B 51 -38.51 25.16 -10.14
N PHE B 52 -38.95 26.22 -10.81
CA PHE B 52 -39.82 27.24 -10.23
C PHE B 52 -41.24 26.75 -10.49
N VAL B 53 -41.48 25.49 -10.08
CA VAL B 53 -42.65 24.76 -10.53
C VAL B 53 -43.86 25.08 -9.65
N CYS B 54 -45.02 25.20 -10.29
CA CYS B 54 -46.25 25.63 -9.64
C CYS B 54 -47.47 25.48 -10.54
N ASN B 55 -48.64 25.50 -9.89
CA ASN B 55 -49.89 25.03 -10.49
C ASN B 55 -50.45 26.05 -11.47
N THR B 56 -50.03 25.92 -12.73
CA THR B 56 -50.69 26.63 -13.82
C THR B 56 -50.50 25.82 -15.10
N LEU B 57 -51.33 26.12 -16.09
CA LEU B 57 -51.31 25.38 -17.35
C LEU B 57 -51.17 26.25 -18.58
N GLN B 58 -51.67 27.48 -18.56
CA GLN B 58 -51.55 28.33 -19.75
C GLN B 58 -50.10 28.76 -19.88
N PRO B 59 -49.51 28.71 -21.07
CA PRO B 59 -48.10 29.08 -21.20
C PRO B 59 -47.86 30.56 -20.91
N GLY B 60 -46.76 30.85 -20.21
CA GLY B 60 -46.34 32.21 -19.97
C GLY B 60 -46.75 32.79 -18.63
N CYS B 61 -47.25 31.97 -17.70
CA CYS B 61 -47.51 32.47 -16.35
C CYS B 61 -46.29 32.31 -15.47
N ALA B 62 -45.61 31.16 -15.55
CA ALA B 62 -44.47 30.90 -14.67
C ALA B 62 -43.34 31.89 -14.92
N ASN B 63 -43.10 32.26 -16.18
CA ASN B 63 -41.99 33.17 -16.48
C ASN B 63 -42.22 34.55 -15.85
N VAL B 64 -43.42 35.11 -16.02
CA VAL B 64 -43.71 36.41 -15.41
C VAL B 64 -43.77 36.28 -13.90
N CYS B 65 -44.19 35.11 -13.39
CA CYS B 65 -44.21 34.91 -11.95
C CYS B 65 -42.80 34.96 -11.36
N TYR B 66 -41.84 34.35 -12.05
CA TYR B 66 -40.46 34.45 -11.56
C TYR B 66 -39.92 35.86 -11.77
N ASP B 67 -40.28 36.50 -12.88
CA ASP B 67 -39.82 37.86 -13.13
C ASP B 67 -40.26 38.81 -12.02
N VAL B 68 -41.50 38.68 -11.56
CA VAL B 68 -41.92 39.48 -10.42
C VAL B 68 -41.35 38.91 -9.12
N PHE B 69 -40.94 37.63 -9.13
CA PHE B 69 -40.38 37.02 -7.93
C PHE B 69 -38.97 37.52 -7.65
N SER B 70 -38.06 37.31 -8.59
CA SER B 70 -36.65 37.66 -8.41
C SER B 70 -36.25 38.73 -9.43
N PRO B 71 -36.27 40.00 -9.03
CA PRO B 71 -35.73 41.05 -9.93
C PRO B 71 -34.24 40.89 -10.18
N VAL B 72 -33.46 40.74 -9.11
CA VAL B 72 -32.02 40.58 -9.21
C VAL B 72 -31.62 39.41 -8.33
N SER B 73 -30.92 38.43 -8.92
CA SER B 73 -30.40 37.33 -8.13
C SER B 73 -29.22 37.80 -7.29
N HIS B 74 -29.19 37.34 -6.04
CA HIS B 74 -28.16 37.78 -5.10
C HIS B 74 -26.79 37.18 -5.39
N LEU B 75 -26.69 36.20 -6.28
CA LEU B 75 -25.38 35.74 -6.72
C LEU B 75 -24.63 36.84 -7.45
N ARG B 76 -25.30 37.54 -8.37
CA ARG B 76 -24.66 38.65 -9.06
C ARG B 76 -24.33 39.76 -8.08
N PHE B 77 -25.19 39.99 -7.09
CA PHE B 77 -24.89 40.97 -6.05
C PHE B 77 -23.62 40.60 -5.31
N TRP B 78 -23.46 39.33 -4.94
CA TRP B 78 -22.26 38.89 -4.24
C TRP B 78 -21.02 39.08 -5.11
N LEU B 79 -21.11 38.73 -6.40
CA LEU B 79 -19.94 38.86 -7.26
C LEU B 79 -19.55 40.32 -7.47
N ILE B 80 -20.53 41.21 -7.67
CA ILE B 80 -20.20 42.62 -7.87
C ILE B 80 -19.65 43.21 -6.57
N GLN B 81 -20.19 42.78 -5.43
CA GLN B 81 -19.64 43.21 -4.15
C GLN B 81 -18.20 42.73 -3.99
N GLY B 82 -17.93 41.49 -4.39
CA GLY B 82 -16.56 40.99 -4.28
C GLY B 82 -15.60 41.75 -5.17
N VAL B 83 -15.98 42.02 -6.41
CA VAL B 83 -15.06 42.72 -7.30
C VAL B 83 -14.84 44.16 -6.82
N CYS B 84 -15.88 44.80 -6.29
CA CYS B 84 -15.67 46.16 -5.80
C CYS B 84 -14.87 46.17 -4.50
N VAL B 85 -14.94 45.10 -3.70
CA VAL B 85 -14.17 45.09 -2.46
C VAL B 85 -12.75 44.59 -2.73
N LEU B 86 -12.49 44.06 -3.92
CA LEU B 86 -11.10 43.76 -4.27
C LEU B 86 -10.45 44.80 -5.18
N LEU B 87 -11.23 45.70 -5.78
CA LEU B 87 -10.64 46.68 -6.69
C LEU B 87 -9.63 47.62 -6.05
N PRO B 88 -9.91 48.29 -4.91
CA PRO B 88 -8.93 49.23 -4.36
C PRO B 88 -7.60 48.61 -4.02
N SER B 89 -7.57 47.35 -3.58
CA SER B 89 -6.31 46.69 -3.27
C SER B 89 -5.48 46.48 -4.53
N ALA B 90 -6.11 46.36 -5.69
CA ALA B 90 -5.39 46.30 -6.96
C ALA B 90 -4.92 47.68 -7.41
N VAL B 91 -5.76 48.72 -7.27
CA VAL B 91 -5.33 50.03 -7.72
C VAL B 91 -4.19 50.55 -6.85
N PHE B 92 -4.24 50.30 -5.54
CA PHE B 92 -3.12 50.66 -4.67
C PHE B 92 -1.88 49.84 -5.00
N SER B 93 -2.04 48.56 -5.30
CA SER B 93 -0.89 47.75 -5.69
C SER B 93 -0.20 48.35 -6.91
N VAL B 94 -0.98 48.68 -7.93
CA VAL B 94 -0.40 49.28 -9.13
C VAL B 94 0.26 50.61 -8.79
N TYR B 95 -0.39 51.41 -7.94
CA TYR B 95 0.19 52.70 -7.54
C TYR B 95 1.56 52.52 -6.90
N VAL B 96 1.67 51.59 -5.93
CA VAL B 96 2.91 51.47 -5.18
C VAL B 96 4.00 50.86 -6.05
N LEU B 97 3.67 49.86 -6.88
CA LEU B 97 4.69 49.36 -7.80
C LEU B 97 5.14 50.43 -8.78
N HIS B 98 4.22 51.26 -9.27
CA HIS B 98 4.61 52.32 -10.20
C HIS B 98 5.54 53.33 -9.54
N ARG B 99 5.22 53.72 -8.31
CA ARG B 99 6.08 54.69 -7.63
C ARG B 99 7.34 54.09 -7.04
N GLY B 100 7.44 52.76 -6.97
CA GLY B 100 8.66 52.14 -6.49
C GLY B 100 9.63 51.80 -7.61
N ALA B 101 9.10 51.39 -8.76
CA ALA B 101 9.93 51.05 -9.90
C ALA B 101 10.48 52.27 -10.62
N THR B 102 9.94 53.46 -10.36
CA THR B 102 10.38 54.67 -11.03
C THR B 102 11.55 55.34 -10.33
N LEU B 103 11.50 55.44 -9.00
CA LEU B 103 12.56 56.12 -8.26
C LEU B 103 13.89 55.39 -8.38
N ALA B 104 13.87 54.06 -8.50
CA ALA B 104 15.11 53.30 -8.61
C ALA B 104 15.86 53.60 -9.91
N ALA B 105 15.16 54.05 -10.95
CA ALA B 105 15.82 54.36 -12.21
C ALA B 105 16.81 55.51 -12.04
N LEU B 106 16.42 56.56 -11.33
CA LEU B 106 17.31 57.70 -11.12
C LEU B 106 18.46 57.33 -10.19
N GLY B 107 18.19 56.49 -9.18
CA GLY B 107 19.21 56.09 -8.25
C GLY B 107 19.47 57.14 -7.19
N PRO B 108 20.49 56.93 -6.35
CA PRO B 108 20.86 57.87 -5.30
C PRO B 108 21.42 59.18 -5.84
N GLY B 133 20.27 49.14 6.24
CA GLY B 133 20.91 50.18 5.45
C GLY B 133 20.23 50.40 4.10
N LEU B 134 18.91 50.46 4.12
CA LEU B 134 18.11 50.67 2.92
C LEU B 134 17.50 52.07 2.91
N GLN B 135 16.86 52.40 1.80
CA GLN B 135 16.22 53.70 1.58
C GLN B 135 14.76 53.52 1.17
N VAL B 136 14.05 52.68 1.93
CA VAL B 136 12.66 52.34 1.63
C VAL B 136 11.79 53.58 1.72
N PRO B 137 10.99 53.89 0.71
CA PRO B 137 10.07 55.02 0.81
C PRO B 137 8.91 54.71 1.76
N ASP B 138 8.26 55.77 2.23
CA ASP B 138 7.19 55.67 3.21
C ASP B 138 5.87 56.02 2.53
N PHE B 139 5.12 54.99 2.12
CA PHE B 139 3.79 55.17 1.57
C PHE B 139 2.74 54.89 2.65
N SER B 140 2.60 55.86 3.55
CA SER B 140 1.66 55.76 4.66
C SER B 140 0.39 56.57 4.43
N ALA B 141 0.49 57.68 3.71
CA ALA B 141 -0.68 58.52 3.45
C ALA B 141 -1.74 57.80 2.64
N GLY B 142 -1.35 57.00 1.65
CA GLY B 142 -2.32 56.31 0.82
C GLY B 142 -2.95 55.10 1.46
N TYR B 143 -2.29 54.45 2.41
CA TYR B 143 -2.82 53.24 3.03
C TYR B 143 -3.96 53.56 4.00
N ILE B 144 -3.86 54.69 4.70
CA ILE B 144 -4.93 55.10 5.61
C ILE B 144 -6.18 55.52 4.84
N ILE B 145 -6.01 56.27 3.74
CA ILE B 145 -7.17 56.60 2.93
C ILE B 145 -7.70 55.36 2.22
N HIS B 146 -6.80 54.43 1.87
CA HIS B 146 -7.21 53.14 1.35
C HIS B 146 -8.14 52.42 2.31
N LEU B 147 -7.75 52.36 3.59
CA LEU B 147 -8.59 51.67 4.57
C LEU B 147 -9.87 52.43 4.86
N LEU B 148 -9.83 53.76 4.78
CA LEU B 148 -11.06 54.55 4.88
C LEU B 148 -12.03 54.18 3.78
N LEU B 149 -11.54 54.11 2.54
CA LEU B 149 -12.39 53.70 1.43
C LEU B 149 -12.90 52.28 1.63
N ARG B 150 -12.04 51.40 2.15
CA ARG B 150 -12.50 50.04 2.48
C ARG B 150 -13.65 50.05 3.45
N THR B 151 -13.51 50.77 4.56
CA THR B 151 -14.56 50.79 5.58
C THR B 151 -15.84 51.41 5.02
N LEU B 152 -15.71 52.39 4.14
CA LEU B 152 -16.91 53.03 3.58
C LEU B 152 -17.60 52.16 2.54
N LEU B 153 -16.84 51.35 1.79
CA LEU B 153 -17.41 50.57 0.70
C LEU B 153 -17.98 49.24 1.14
N GLU B 154 -17.98 48.93 2.44
CA GLU B 154 -18.56 47.67 2.91
C GLU B 154 -19.90 47.86 3.61
N ALA B 155 -20.01 48.85 4.48
CA ALA B 155 -21.24 49.05 5.25
C ALA B 155 -22.42 49.37 4.33
N ALA B 156 -22.19 50.19 3.30
CA ALA B 156 -23.27 50.55 2.39
C ALA B 156 -23.82 49.33 1.67
N PHE B 157 -22.93 48.50 1.09
CA PHE B 157 -23.40 47.31 0.39
C PHE B 157 -24.03 46.31 1.35
N GLY B 158 -23.54 46.26 2.58
CA GLY B 158 -24.23 45.45 3.58
C GLY B 158 -25.64 45.94 3.85
N ALA B 159 -25.82 47.26 3.90
CA ALA B 159 -27.15 47.83 4.09
C ALA B 159 -28.07 47.49 2.93
N LEU B 160 -27.57 47.60 1.69
CA LEU B 160 -28.37 47.18 0.54
C LEU B 160 -28.72 45.69 0.60
N HIS B 161 -27.76 44.85 1.00
CA HIS B 161 -28.06 43.43 1.14
C HIS B 161 -29.18 43.21 2.15
N TYR B 162 -29.10 43.90 3.30
CA TYR B 162 -30.09 43.72 4.35
C TYR B 162 -31.46 44.20 3.89
N PHE B 163 -31.52 45.34 3.20
CA PHE B 163 -32.80 45.89 2.76
C PHE B 163 -33.38 45.19 1.54
N LEU B 164 -32.57 44.44 0.79
CA LEU B 164 -33.07 43.80 -0.43
C LEU B 164 -33.34 42.31 -0.26
N PHE B 165 -32.41 41.56 0.34
CA PHE B 165 -32.53 40.11 0.35
C PHE B 165 -32.83 39.54 1.73
N GLY B 166 -32.86 40.36 2.77
CA GLY B 166 -33.25 39.86 4.08
C GLY B 166 -32.25 38.87 4.66
N PHE B 167 -32.76 37.92 5.44
CA PHE B 167 -31.94 36.93 6.12
C PHE B 167 -32.25 35.49 5.71
N LEU B 168 -33.51 35.15 5.46
CA LEU B 168 -33.88 33.80 5.06
C LEU B 168 -34.80 33.87 3.84
N ALA B 169 -34.60 32.93 2.92
CA ALA B 169 -35.34 32.88 1.67
C ALA B 169 -36.72 32.25 1.88
N PRO B 170 -37.76 32.82 1.27
CA PRO B 170 -39.09 32.24 1.36
C PRO B 170 -39.14 30.83 0.77
N LYS B 171 -40.20 30.11 1.13
CA LYS B 171 -40.43 28.76 0.65
C LYS B 171 -41.48 28.70 -0.47
N LYS B 172 -42.45 29.61 -0.44
CA LYS B 172 -43.49 29.68 -1.46
C LYS B 172 -43.86 31.14 -1.68
N PHE B 173 -44.45 31.43 -2.85
CA PHE B 173 -44.68 32.78 -3.31
C PHE B 173 -46.03 32.90 -4.01
N PRO B 174 -46.87 33.86 -3.64
CA PRO B 174 -48.11 34.09 -4.39
C PRO B 174 -47.88 35.02 -5.57
N CYS B 175 -48.49 34.68 -6.70
CA CYS B 175 -48.29 35.38 -7.95
C CYS B 175 -49.64 35.85 -8.48
N THR B 176 -49.72 37.12 -8.86
CA THR B 176 -51.00 37.73 -9.20
C THR B 176 -51.02 38.49 -10.53
N ARG B 177 -49.90 39.03 -11.01
CA ARG B 177 -49.87 39.79 -12.26
C ARG B 177 -50.34 38.90 -13.41
N PRO B 178 -51.48 39.20 -14.02
CA PRO B 178 -52.12 38.24 -14.93
C PRO B 178 -51.65 38.39 -16.37
N PRO B 179 -50.85 37.45 -16.90
CA PRO B 179 -51.12 36.95 -18.24
C PRO B 179 -51.79 35.60 -18.12
N CYS B 180 -52.05 35.21 -16.87
CA CYS B 180 -52.63 33.93 -16.49
C CYS B 180 -53.78 34.16 -15.50
N THR B 181 -54.70 33.21 -15.48
CA THR B 181 -55.96 33.34 -14.74
C THR B 181 -55.74 32.94 -13.28
N GLY B 182 -56.05 33.87 -12.37
CA GLY B 182 -56.10 33.58 -10.94
C GLY B 182 -54.80 33.92 -10.24
N VAL B 183 -54.70 33.48 -8.98
CA VAL B 183 -53.50 33.63 -8.17
C VAL B 183 -52.80 32.28 -8.13
N VAL B 184 -51.50 32.26 -8.39
CA VAL B 184 -50.73 31.03 -8.48
C VAL B 184 -49.76 30.97 -7.32
N ASP B 185 -49.85 29.90 -6.53
CA ASP B 185 -48.96 29.66 -5.41
C ASP B 185 -47.77 28.85 -5.93
N CYS B 186 -46.58 29.45 -5.89
CA CYS B 186 -45.46 28.97 -6.67
C CYS B 186 -44.28 28.67 -5.75
N TYR B 187 -43.59 27.58 -6.05
CA TYR B 187 -42.65 26.96 -5.12
C TYR B 187 -41.22 27.20 -5.56
N VAL B 188 -40.37 27.62 -4.62
CA VAL B 188 -38.94 27.74 -4.88
C VAL B 188 -38.30 26.35 -4.84
N SER B 189 -37.05 26.30 -5.29
CA SER B 189 -36.29 25.06 -5.28
C SER B 189 -35.13 25.18 -4.30
N ARG B 190 -35.03 24.23 -3.38
CA ARG B 190 -33.89 24.05 -2.49
C ARG B 190 -33.63 25.33 -1.69
N PRO B 191 -34.45 25.63 -0.68
CA PRO B 191 -34.26 26.86 0.09
C PRO B 191 -33.25 26.75 1.23
N THR B 192 -33.19 25.60 1.91
CA THR B 192 -32.36 25.50 3.11
C THR B 192 -30.87 25.59 2.77
N GLU B 193 -30.46 24.99 1.66
CA GLU B 193 -29.08 25.13 1.20
C GLU B 193 -28.75 26.60 1.00
N LYS B 194 -29.67 27.34 0.37
CA LYS B 194 -29.44 28.75 0.09
C LYS B 194 -29.35 29.55 1.38
N SER B 195 -30.25 29.30 2.33
CA SER B 195 -30.23 30.03 3.59
C SER B 195 -28.95 29.77 4.37
N LEU B 196 -28.52 28.51 4.45
CA LEU B 196 -27.29 28.19 5.16
C LEU B 196 -26.08 28.83 4.47
N LEU B 197 -26.02 28.74 3.14
CA LEU B 197 -24.87 29.27 2.42
C LEU B 197 -24.79 30.79 2.55
N MET B 198 -25.93 31.49 2.44
CA MET B 198 -25.90 32.93 2.54
C MET B 198 -25.68 33.37 3.99
N LEU B 199 -26.08 32.55 4.96
CA LEU B 199 -25.68 32.82 6.34
C LEU B 199 -24.17 32.73 6.50
N PHE B 200 -23.55 31.74 5.85
CA PHE B 200 -22.09 31.63 5.91
C PHE B 200 -21.42 32.85 5.29
N LEU B 201 -21.94 33.31 4.15
CA LEU B 201 -21.42 34.53 3.55
C LEU B 201 -21.61 35.74 4.46
N TRP B 202 -22.77 35.85 5.11
CA TRP B 202 -23.00 36.95 6.04
C TRP B 202 -21.99 36.93 7.17
N ALA B 203 -21.72 35.73 7.71
CA ALA B 203 -20.78 35.62 8.83
C ALA B 203 -19.37 36.00 8.39
N VAL B 204 -18.92 35.52 7.23
CA VAL B 204 -17.55 35.82 6.80
C VAL B 204 -17.42 37.30 6.47
N SER B 205 -18.47 37.89 5.89
CA SER B 205 -18.45 39.33 5.61
C SER B 205 -18.39 40.13 6.90
N ALA B 206 -19.14 39.71 7.92
CA ALA B 206 -19.09 40.40 9.20
C ALA B 206 -17.70 40.31 9.83
N LEU B 207 -17.08 39.13 9.75
CA LEU B 207 -15.73 38.98 10.28
C LEU B 207 -14.75 39.88 9.54
N SER B 208 -14.84 39.92 8.21
CA SER B 208 -13.95 40.76 7.42
C SER B 208 -14.16 42.24 7.74
N PHE B 209 -15.40 42.65 7.97
CA PHE B 209 -15.67 44.05 8.32
C PHE B 209 -14.96 44.44 9.61
N LEU B 210 -15.10 43.62 10.65
CA LEU B 210 -14.45 43.93 11.92
C LEU B 210 -12.93 43.92 11.79
N LEU B 211 -12.38 42.96 11.05
CA LEU B 211 -10.93 42.91 10.88
C LEU B 211 -10.43 44.14 10.12
N GLY B 212 -11.17 44.55 9.08
CA GLY B 212 -10.80 45.75 8.36
C GLY B 212 -10.88 47.01 9.21
N LEU B 213 -11.90 47.11 10.06
CA LEU B 213 -11.93 48.22 11.02
C LEU B 213 -10.74 48.17 11.96
N ALA B 214 -10.32 46.98 12.38
CA ALA B 214 -9.12 46.86 13.21
C ALA B 214 -7.87 47.35 12.49
N ASP B 215 -7.73 47.06 11.20
CA ASP B 215 -6.54 47.48 10.46
C ASP B 215 -6.32 48.98 10.54
N LEU B 216 -7.33 49.80 10.19
CA LEU B 216 -7.14 51.25 10.18
C LEU B 216 -6.88 51.80 11.58
N VAL B 217 -7.65 51.33 12.56
CA VAL B 217 -7.52 51.88 13.91
C VAL B 217 -6.18 51.52 14.53
N CYS B 218 -5.59 50.39 14.16
CA CYS B 218 -4.24 50.07 14.60
C CYS B 218 -3.16 50.81 13.80
N SER B 219 -3.32 50.93 12.49
CA SER B 219 -2.36 51.59 11.64
C SER B 219 -2.22 53.07 11.93
N LEU B 220 -3.32 53.77 12.20
CA LEU B 220 -3.23 55.18 12.57
C LEU B 220 -2.48 55.39 13.89
N ARG B 221 -2.72 54.54 14.88
CA ARG B 221 -1.99 54.63 16.14
C ARG B 221 -0.51 54.33 15.95
N ARG B 222 -0.17 53.32 15.16
CA ARG B 222 1.23 52.95 14.97
C ARG B 222 2.02 53.93 14.11
N ARG B 223 1.44 55.08 13.77
CA ARG B 223 2.17 56.07 12.99
C ARG B 223 2.29 57.40 13.74
N MET B 224 1.33 57.72 14.60
CA MET B 224 1.50 58.84 15.52
C MET B 224 2.35 58.48 16.74
N ARG B 225 2.67 57.20 16.93
CA ARG B 225 3.52 56.83 18.06
C ARG B 225 4.94 57.31 17.84
N ARG B 226 5.31 57.55 16.58
CA ARG B 226 6.65 58.02 16.23
C ARG B 226 6.78 59.51 16.52
N ARG B 227 5.64 60.16 16.75
CA ARG B 227 5.64 61.59 17.08
C ARG B 227 5.74 61.80 18.58
N GLY C 3 26.36 36.78 0.97
CA GLY C 3 26.32 37.65 -0.18
C GLY C 3 25.44 37.15 -1.30
N VAL C 4 24.14 37.10 -1.03
CA VAL C 4 23.15 36.62 -1.99
C VAL C 4 22.05 37.66 -2.11
N ASP C 5 21.40 37.68 -3.28
CA ASP C 5 20.26 38.54 -3.52
C ASP C 5 19.10 38.11 -2.62
N LEU C 6 18.10 38.98 -2.45
CA LEU C 6 17.02 38.66 -1.53
C LEU C 6 15.91 37.85 -2.19
N LEU C 7 16.00 37.61 -3.50
CA LEU C 7 15.25 36.51 -4.11
C LEU C 7 15.98 35.19 -3.91
N GLY C 8 17.10 35.28 -3.20
CA GLY C 8 17.96 34.19 -2.81
C GLY C 8 17.59 33.74 -1.41
N PHE C 9 18.18 34.37 -0.41
CA PHE C 9 17.80 34.09 0.97
C PHE C 9 16.37 34.58 1.22
N LEU C 10 15.42 33.97 0.49
CA LEU C 10 14.00 34.11 0.75
C LEU C 10 13.24 32.79 0.62
N ILE C 11 13.82 31.78 -0.03
CA ILE C 11 13.17 30.50 -0.21
C ILE C 11 13.83 29.42 0.66
N ILE C 12 15.12 29.58 0.96
CA ILE C 12 15.76 28.68 1.91
C ILE C 12 15.21 28.91 3.30
N THR C 13 14.91 30.17 3.64
CA THR C 13 14.19 30.44 4.87
C THR C 13 12.76 29.89 4.82
N LEU C 14 12.30 29.47 3.64
CA LEU C 14 11.02 28.78 3.50
C LEU C 14 11.17 27.27 3.50
N ASN C 15 12.15 26.75 2.76
CA ASN C 15 12.30 25.30 2.64
C ASN C 15 12.87 24.69 3.90
N CYS C 16 13.83 25.37 4.55
CA CYS C 16 14.52 24.80 5.69
C CYS C 16 13.61 24.61 6.90
N ASN C 17 12.53 25.37 7.02
CA ASN C 17 11.62 25.26 8.14
C ASN C 17 10.47 24.28 7.90
N VAL C 18 10.48 23.58 6.77
CA VAL C 18 9.45 22.61 6.44
C VAL C 18 10.12 21.32 5.96
N THR C 19 9.58 20.19 6.41
CA THR C 19 10.15 18.89 6.07
C THR C 19 9.58 18.37 4.75
N MET C 20 10.32 17.43 4.15
CA MET C 20 9.91 16.89 2.86
C MET C 20 8.57 16.15 2.96
N VAL C 21 8.27 15.59 4.14
CA VAL C 21 6.97 14.97 4.35
C VAL C 21 5.87 16.01 4.21
N GLY C 22 6.10 17.23 4.69
CA GLY C 22 5.11 18.28 4.55
C GLY C 22 4.87 18.67 3.10
N LYS C 23 5.94 18.79 2.31
CA LYS C 23 5.77 19.08 0.89
C LYS C 23 5.03 17.95 0.19
N LEU C 24 5.35 16.71 0.54
CA LEU C 24 4.62 15.58 -0.04
C LEU C 24 3.14 15.63 0.33
N TRP C 25 2.84 16.00 1.58
CA TRP C 25 1.45 16.18 1.99
C TRP C 25 0.77 17.24 1.13
N PHE C 26 1.44 18.37 0.92
CA PHE C 26 0.88 19.45 0.11
C PHE C 26 0.58 18.95 -1.31
N VAL C 27 1.53 18.21 -1.89
CA VAL C 27 1.36 17.72 -3.26
C VAL C 27 0.19 16.74 -3.34
N LEU C 28 0.13 15.79 -2.41
CA LEU C 28 -0.96 14.81 -2.44
C LEU C 28 -2.33 15.46 -2.21
N THR C 29 -2.42 16.43 -1.30
CA THR C 29 -3.71 17.04 -1.02
C THR C 29 -4.09 18.14 -2.01
N MET C 30 -3.20 18.54 -2.90
CA MET C 30 -3.61 19.42 -4.00
C MET C 30 -3.80 18.69 -5.32
N LEU C 31 -3.10 17.59 -5.56
CA LEU C 31 -3.22 16.87 -6.82
C LEU C 31 -4.28 15.78 -6.80
N LEU C 32 -4.40 15.01 -5.72
CA LEU C 32 -5.44 14.00 -5.62
C LEU C 32 -6.64 14.43 -4.79
N ARG C 33 -6.61 15.61 -4.19
CA ARG C 33 -7.70 16.02 -3.31
C ARG C 33 -8.36 17.31 -3.76
N MET C 34 -7.60 18.35 -4.07
CA MET C 34 -8.16 19.58 -4.62
C MET C 34 -8.54 19.48 -6.08
N LEU C 35 -7.93 18.55 -6.83
CA LEU C 35 -8.17 18.45 -8.27
C LEU C 35 -9.31 17.51 -8.61
N VAL C 36 -9.45 16.40 -7.90
CA VAL C 36 -10.51 15.45 -8.22
C VAL C 36 -11.88 16.04 -7.92
N ILE C 37 -11.98 16.83 -6.84
CA ILE C 37 -13.29 17.29 -6.38
C ILE C 37 -13.89 18.31 -7.35
N VAL C 38 -13.09 19.28 -7.81
CA VAL C 38 -13.61 20.29 -8.72
C VAL C 38 -13.86 19.68 -10.10
N LEU C 39 -13.03 18.74 -10.50
CA LEU C 39 -13.00 18.29 -11.89
C LEU C 39 -13.94 17.10 -12.14
N ALA C 40 -14.11 16.22 -11.16
CA ALA C 40 -14.99 15.06 -11.29
C ALA C 40 -16.22 15.14 -10.41
N GLY C 41 -16.19 15.89 -9.31
CA GLY C 41 -17.33 15.97 -8.43
C GLY C 41 -18.35 17.01 -8.88
N ARG C 42 -17.87 18.01 -9.61
CA ARG C 42 -18.78 19.02 -10.15
C ARG C 42 -19.74 18.43 -11.19
N PRO C 43 -19.30 17.67 -12.19
CA PRO C 43 -20.26 17.18 -13.19
C PRO C 43 -21.20 16.10 -12.68
N VAL C 44 -20.75 15.26 -11.75
CA VAL C 44 -21.56 14.12 -11.32
C VAL C 44 -22.80 14.60 -10.58
N TYR C 45 -22.69 15.71 -9.85
CA TYR C 45 -23.73 16.16 -8.94
C TYR C 45 -24.62 17.25 -9.53
N GLN C 46 -24.49 17.52 -10.83
CA GLN C 46 -25.42 18.44 -11.48
C GLN C 46 -26.79 17.81 -11.67
N ASP C 47 -26.85 16.51 -11.94
CA ASP C 47 -28.09 15.82 -12.24
C ASP C 47 -28.64 15.11 -11.00
N GLU C 48 -28.21 15.55 -9.82
CA GLU C 48 -28.85 15.11 -8.59
C GLU C 48 -30.24 15.72 -8.45
N GLN C 49 -30.51 16.79 -9.19
CA GLN C 49 -31.81 17.46 -9.18
C GLN C 49 -32.72 17.03 -10.30
N GLU C 50 -32.15 16.74 -11.48
CA GLU C 50 -32.96 16.50 -12.67
C GLU C 50 -33.74 15.20 -12.58
N ARG C 51 -33.19 14.19 -11.93
CA ARG C 51 -33.77 12.85 -12.00
C ARG C 51 -34.03 12.30 -10.59
N PHE C 52 -34.66 13.12 -9.75
CA PHE C 52 -35.16 12.68 -8.45
C PHE C 52 -36.58 12.19 -8.70
N VAL C 53 -36.69 11.30 -9.68
CA VAL C 53 -37.98 10.95 -10.27
C VAL C 53 -38.69 9.90 -9.45
N CYS C 54 -40.00 10.06 -9.32
CA CYS C 54 -40.84 9.21 -8.47
C CYS C 54 -42.33 9.46 -8.66
N ASN C 55 -43.13 8.50 -8.19
CA ASN C 55 -44.53 8.37 -8.59
C ASN C 55 -45.39 9.39 -7.85
N THR C 56 -45.54 10.55 -8.47
CA THR C 56 -46.55 11.51 -8.04
C THR C 56 -46.94 12.36 -9.24
N LEU C 57 -48.10 13.00 -9.13
CA LEU C 57 -48.63 13.80 -10.22
C LEU C 57 -48.98 15.24 -9.84
N GLN C 58 -49.37 15.50 -8.60
CA GLN C 58 -49.71 16.88 -8.23
C GLN C 58 -48.42 17.68 -8.16
N PRO C 59 -48.39 18.89 -8.72
CA PRO C 59 -47.13 19.66 -8.70
C PRO C 59 -46.73 20.07 -7.28
N GLY C 60 -45.43 19.99 -7.00
CA GLY C 60 -44.88 20.45 -5.75
C GLY C 60 -44.67 19.38 -4.69
N CYS C 61 -44.79 18.10 -5.04
CA CYS C 61 -44.44 17.05 -4.09
C CYS C 61 -42.97 16.68 -4.19
N ALA C 62 -42.44 16.57 -5.42
CA ALA C 62 -41.05 16.14 -5.60
C ALA C 62 -40.08 17.13 -4.98
N ASN C 63 -40.36 18.43 -5.10
CA ASN C 63 -39.44 19.44 -4.57
C ASN C 63 -39.32 19.35 -3.05
N VAL C 64 -40.46 19.25 -2.35
CA VAL C 64 -40.41 19.13 -0.89
C VAL C 64 -39.84 17.77 -0.50
N CYS C 65 -40.06 16.75 -1.33
CA CYS C 65 -39.50 15.43 -1.05
C CYS C 65 -37.97 15.48 -1.09
N TYR C 66 -37.40 16.18 -2.07
CA TYR C 66 -35.95 16.30 -2.08
C TYR C 66 -35.47 17.22 -0.96
N ASP C 67 -36.23 18.27 -0.66
CA ASP C 67 -35.86 19.17 0.42
C ASP C 67 -35.75 18.43 1.75
N VAL C 68 -36.68 17.54 2.04
CA VAL C 68 -36.57 16.70 3.23
C VAL C 68 -35.54 15.60 3.00
N PHE C 69 -35.23 15.28 1.75
CA PHE C 69 -34.25 14.23 1.46
C PHE C 69 -32.83 14.70 1.74
N SER C 70 -32.39 15.75 1.05
CA SER C 70 -31.02 16.25 1.16
C SER C 70 -31.03 17.66 1.73
N PRO C 71 -30.83 17.81 3.05
CA PRO C 71 -30.66 19.16 3.61
C PRO C 71 -29.42 19.85 3.08
N VAL C 72 -28.27 19.18 3.15
CA VAL C 72 -27.02 19.74 2.68
C VAL C 72 -26.33 18.70 1.80
N SER C 73 -26.00 19.08 0.58
CA SER C 73 -25.25 18.18 -0.30
C SER C 73 -23.80 18.07 0.18
N HIS C 74 -23.28 16.85 0.16
CA HIS C 74 -21.93 16.60 0.67
C HIS C 74 -20.83 17.12 -0.24
N LEU C 75 -21.16 17.55 -1.46
CA LEU C 75 -20.17 18.22 -2.29
C LEU C 75 -19.73 19.54 -1.66
N ARG C 76 -20.70 20.32 -1.18
CA ARG C 76 -20.36 21.57 -0.50
C ARG C 76 -19.59 21.29 0.78
N PHE C 77 -19.95 20.21 1.47
CA PHE C 77 -19.20 19.80 2.66
C PHE C 77 -17.76 19.50 2.32
N TRP C 78 -17.53 18.77 1.23
CA TRP C 78 -16.16 18.46 0.82
C TRP C 78 -15.38 19.71 0.46
N LEU C 79 -16.02 20.64 -0.26
CA LEU C 79 -15.30 21.87 -0.65
C LEU C 79 -14.96 22.73 0.56
N ILE C 80 -15.91 22.89 1.50
CA ILE C 80 -15.62 23.70 2.68
C ILE C 80 -14.54 23.02 3.53
N GLN C 81 -14.59 21.69 3.62
CA GLN C 81 -13.54 20.97 4.32
C GLN C 81 -12.19 21.18 3.66
N GLY C 82 -12.16 21.15 2.32
CA GLY C 82 -10.90 21.37 1.62
C GLY C 82 -10.35 22.77 1.84
N VAL C 83 -11.21 23.78 1.76
CA VAL C 83 -10.70 25.14 1.93
C VAL C 83 -10.24 25.36 3.37
N CYS C 84 -10.93 24.77 4.36
CA CYS C 84 -10.47 24.94 5.73
C CYS C 84 -9.20 24.14 6.01
N VAL C 85 -8.99 23.03 5.30
CA VAL C 85 -7.77 22.26 5.54
C VAL C 85 -6.62 22.81 4.71
N LEU C 86 -6.90 23.73 3.78
CA LEU C 86 -5.80 24.42 3.11
C LEU C 86 -5.53 25.82 3.64
N LEU C 87 -6.44 26.40 4.43
CA LEU C 87 -6.24 27.76 4.93
C LEU C 87 -5.01 27.93 5.81
N PRO C 88 -4.77 27.12 6.84
CA PRO C 88 -3.60 27.37 7.71
C PRO C 88 -2.28 27.32 6.99
N SER C 89 -2.14 26.48 5.96
CA SER C 89 -0.89 26.44 5.20
C SER C 89 -0.66 27.73 4.43
N ALA C 90 -1.72 28.44 4.07
CA ALA C 90 -1.60 29.75 3.46
C ALA C 90 -1.30 30.84 4.48
N VAL C 91 -1.95 30.80 5.65
CA VAL C 91 -1.68 31.85 6.65
C VAL C 91 -0.25 31.72 7.18
N PHE C 92 0.22 30.49 7.38
CA PHE C 92 1.62 30.30 7.78
C PHE C 92 2.58 30.72 6.68
N SER C 93 2.24 30.44 5.42
CA SER C 93 3.09 30.89 4.33
C SER C 93 3.24 32.40 4.34
N VAL C 94 2.12 33.11 4.47
CA VAL C 94 2.19 34.57 4.52
C VAL C 94 2.99 35.03 5.73
N TYR C 95 2.79 34.37 6.87
CA TYR C 95 3.53 34.73 8.07
C TYR C 95 5.04 34.61 7.85
N VAL C 96 5.49 33.48 7.29
CA VAL C 96 6.93 33.25 7.17
C VAL C 96 7.54 34.16 6.12
N LEU C 97 6.85 34.36 4.99
CA LEU C 97 7.36 35.33 4.02
C LEU C 97 7.42 36.74 4.61
N HIS C 98 6.42 37.13 5.39
CA HIS C 98 6.44 38.46 5.98
C HIS C 98 7.59 38.62 6.95
N ARG C 99 7.85 37.61 7.79
CA ARG C 99 8.95 37.72 8.73
C ARG C 99 10.32 37.45 8.11
N GLY C 100 10.37 36.92 6.89
CA GLY C 100 11.65 36.73 6.23
C GLY C 100 12.05 37.90 5.37
N ALA C 101 11.06 38.53 4.72
CA ALA C 101 11.34 39.68 3.86
C ALA C 101 11.60 40.96 4.65
N THR C 102 11.27 40.98 5.94
CA THR C 102 11.45 42.18 6.74
C THR C 102 12.83 42.27 7.38
N LEU C 103 13.35 41.14 7.89
CA LEU C 103 14.64 41.17 8.56
C LEU C 103 15.78 41.49 7.59
N ALA C 104 15.64 41.07 6.32
CA ALA C 104 16.69 41.35 5.35
C ALA C 104 16.85 42.83 5.04
N ALA C 105 15.80 43.63 5.26
CA ALA C 105 15.90 45.06 5.00
C ALA C 105 16.91 45.72 5.93
N LEU C 106 16.90 45.36 7.21
CA LEU C 106 17.86 45.94 8.15
C LEU C 106 19.27 45.43 7.88
N GLY C 107 19.40 44.17 7.48
CA GLY C 107 20.70 43.58 7.22
C GLY C 107 21.42 43.19 8.50
N PRO C 108 22.69 42.77 8.37
CA PRO C 108 23.50 42.36 9.52
C PRO C 108 23.85 43.53 10.43
N GLY C 133 27.32 29.04 5.33
CA GLY C 133 27.62 30.34 5.90
C GLY C 133 26.47 31.32 5.80
N LEU C 134 25.27 30.84 6.13
CA LEU C 134 24.07 31.65 6.08
C LEU C 134 23.57 31.96 7.49
N GLN C 135 22.54 32.80 7.56
CA GLN C 135 21.94 33.24 8.82
C GLN C 135 20.43 32.98 8.81
N VAL C 136 20.05 31.76 8.42
CA VAL C 136 18.65 31.37 8.28
C VAL C 136 17.96 31.44 9.64
N PRO C 137 16.83 32.13 9.75
CA PRO C 137 16.08 32.13 11.01
C PRO C 137 15.42 30.78 11.25
N ASP C 138 15.07 30.55 12.51
CA ASP C 138 14.49 29.28 12.97
C ASP C 138 13.02 29.51 13.32
N PHE C 139 12.14 29.20 12.39
CA PHE C 139 10.70 29.24 12.63
C PHE C 139 10.18 27.84 12.92
N SER C 140 10.48 27.38 14.14
CA SER C 140 10.08 26.06 14.60
C SER C 140 8.86 26.09 15.53
N ALA C 141 8.70 27.17 16.30
CA ALA C 141 7.58 27.28 17.22
C ALA C 141 6.24 27.30 16.49
N GLY C 142 6.15 27.99 15.36
CA GLY C 142 4.89 28.06 14.65
C GLY C 142 4.52 26.84 13.86
N TYR C 143 5.49 26.02 13.44
CA TYR C 143 5.20 24.85 12.63
C TYR C 143 4.58 23.73 13.47
N ILE C 144 5.02 23.59 14.71
CA ILE C 144 4.45 22.58 15.60
C ILE C 144 3.01 22.94 15.98
N ILE C 145 2.74 24.20 16.28
CA ILE C 145 1.36 24.61 16.56
C ILE C 145 0.53 24.55 15.28
N HIS C 146 1.17 24.82 14.13
CA HIS C 146 0.51 24.62 12.84
C HIS C 146 0.03 23.19 12.68
N LEU C 147 0.90 22.23 12.97
CA LEU C 147 0.53 20.82 12.81
C LEU C 147 -0.48 20.39 13.87
N LEU C 148 -0.42 20.99 15.07
CA LEU C 148 -1.45 20.74 16.06
C LEU C 148 -2.82 21.19 15.55
N LEU C 149 -2.89 22.39 14.99
CA LEU C 149 -4.15 22.87 14.41
C LEU C 149 -4.59 21.97 13.27
N ARG C 150 -3.64 21.51 12.45
CA ARG C 150 -3.97 20.55 11.40
C ARG C 150 -4.62 19.30 11.95
N THR C 151 -3.99 18.68 12.95
CA THR C 151 -4.53 17.45 13.51
C THR C 151 -5.89 17.68 14.15
N LEU C 152 -6.10 18.86 14.75
CA LEU C 152 -7.38 19.13 15.39
C LEU C 152 -8.48 19.43 14.38
N LEU C 153 -8.14 20.04 13.24
CA LEU C 153 -9.16 20.46 12.28
C LEU C 153 -9.56 19.36 11.30
N GLU C 154 -9.03 18.15 11.44
CA GLU C 154 -9.41 17.06 10.55
C GLU C 154 -10.34 16.05 11.20
N ALA C 155 -10.03 15.64 12.44
CA ALA C 155 -10.83 14.61 13.10
C ALA C 155 -12.26 15.08 13.35
N ALA C 156 -12.44 16.36 13.71
CA ALA C 156 -13.78 16.86 13.96
C ALA C 156 -14.64 16.81 12.70
N PHE C 157 -14.12 17.31 11.58
CA PHE C 157 -14.89 17.29 10.34
C PHE C 157 -15.10 15.87 9.85
N GLY C 158 -14.16 14.98 10.11
CA GLY C 158 -14.40 13.56 9.84
C GLY C 158 -15.55 13.01 10.65
N ALA C 159 -15.63 13.41 11.92
CA ALA C 159 -16.73 12.96 12.77
C ALA C 159 -18.07 13.50 12.26
N LEU C 160 -18.11 14.76 11.85
CA LEU C 160 -19.34 15.29 11.25
C LEU C 160 -19.69 14.54 9.97
N HIS C 161 -18.71 14.24 9.12
CA HIS C 161 -18.99 13.47 7.92
C HIS C 161 -19.59 12.11 8.28
N TYR C 162 -19.01 11.44 9.26
CA TYR C 162 -19.50 10.11 9.64
C TYR C 162 -20.91 10.17 10.20
N PHE C 163 -21.19 11.18 11.05
CA PHE C 163 -22.51 11.29 11.66
C PHE C 163 -23.57 11.85 10.73
N LEU C 164 -23.20 12.50 9.63
CA LEU C 164 -24.18 13.10 8.74
C LEU C 164 -24.43 12.30 7.47
N PHE C 165 -23.37 11.85 6.79
CA PHE C 165 -23.53 11.24 5.47
C PHE C 165 -23.27 9.74 5.45
N GLY C 166 -22.83 9.15 6.56
CA GLY C 166 -22.65 7.71 6.61
C GLY C 166 -21.56 7.22 5.68
N PHE C 167 -21.75 6.01 5.16
CA PHE C 167 -20.77 5.35 4.30
C PHE C 167 -21.28 5.04 2.90
N LEU C 168 -22.55 4.67 2.76
CA LEU C 168 -23.12 4.36 1.45
C LEU C 168 -24.45 5.08 1.29
N ALA C 169 -24.70 5.58 0.08
CA ALA C 169 -25.90 6.35 -0.21
C ALA C 169 -27.09 5.43 -0.46
N PRO C 170 -28.26 5.78 0.08
CA PRO C 170 -29.46 5.00 -0.19
C PRO C 170 -29.81 4.95 -1.66
N LYS C 171 -30.66 3.98 -2.01
CA LYS C 171 -31.14 3.80 -3.37
C LYS C 171 -32.55 4.33 -3.58
N LYS C 172 -33.39 4.29 -2.54
CA LYS C 172 -34.75 4.81 -2.59
C LYS C 172 -35.11 5.41 -1.24
N PHE C 173 -36.10 6.29 -1.25
CA PHE C 173 -36.45 7.13 -0.10
C PHE C 173 -37.97 7.27 0.05
N PRO C 174 -38.52 7.00 1.23
CA PRO C 174 -39.95 7.27 1.43
C PRO C 174 -40.18 8.70 1.87
N CYS C 175 -41.22 9.31 1.30
CA CYS C 175 -41.53 10.72 1.50
C CYS C 175 -42.95 10.85 2.02
N THR C 176 -43.12 11.63 3.08
CA THR C 176 -44.40 11.68 3.79
C THR C 176 -44.93 13.08 4.07
N ARG C 177 -44.08 14.11 4.18
CA ARG C 177 -44.54 15.47 4.48
C ARG C 177 -45.49 15.93 3.38
N PRO C 178 -46.75 16.15 3.68
CA PRO C 178 -47.76 16.33 2.61
C PRO C 178 -47.93 17.78 2.19
N PRO C 179 -47.46 18.17 1.00
CA PRO C 179 -48.28 19.03 0.14
C PRO C 179 -48.91 18.16 -0.94
N CYS C 180 -48.65 16.85 -0.83
CA CYS C 180 -49.09 15.84 -1.77
C CYS C 180 -49.70 14.67 -1.01
N THR C 181 -50.58 13.94 -1.70
CA THR C 181 -51.40 12.90 -1.09
C THR C 181 -50.62 11.59 -1.03
N GLY C 182 -50.48 11.05 0.18
CA GLY C 182 -49.95 9.72 0.39
C GLY C 182 -48.46 9.72 0.68
N VAL C 183 -47.87 8.53 0.66
CA VAL C 183 -46.43 8.33 0.83
C VAL C 183 -45.84 8.03 -0.54
N VAL C 184 -44.77 8.74 -0.89
CA VAL C 184 -44.17 8.63 -2.22
C VAL C 184 -42.81 7.97 -2.08
N ASP C 185 -42.63 6.87 -2.80
CA ASP C 185 -41.35 6.15 -2.83
C ASP C 185 -40.53 6.72 -3.97
N CYS C 186 -39.41 7.35 -3.64
CA CYS C 186 -38.73 8.24 -4.57
C CYS C 186 -37.29 7.78 -4.78
N TYR C 187 -36.84 7.87 -6.03
CA TYR C 187 -35.62 7.20 -6.47
C TYR C 187 -34.49 8.19 -6.67
N VAL C 188 -33.31 7.86 -6.15
CA VAL C 188 -32.13 8.65 -6.41
C VAL C 188 -31.59 8.33 -7.79
N SER C 189 -30.65 9.14 -8.25
CA SER C 189 -30.00 8.95 -9.54
C SER C 189 -28.54 8.60 -9.33
N ARG C 190 -28.12 7.48 -9.93
CA ARG C 190 -26.72 7.08 -10.03
C ARG C 190 -26.08 6.98 -8.63
N PRO C 191 -26.41 5.94 -7.88
CA PRO C 191 -25.86 5.81 -6.52
C PRO C 191 -24.47 5.17 -6.45
N THR C 192 -24.19 4.19 -7.29
CA THR C 192 -22.94 3.44 -7.17
C THR C 192 -21.73 4.30 -7.48
N GLU C 193 -21.84 5.17 -8.49
CA GLU C 193 -20.76 6.11 -8.77
C GLU C 193 -20.48 6.96 -7.54
N LYS C 194 -21.54 7.44 -6.89
CA LYS C 194 -21.39 8.30 -5.72
C LYS C 194 -20.73 7.54 -4.57
N SER C 195 -21.16 6.31 -4.32
CA SER C 195 -20.59 5.52 -3.24
C SER C 195 -19.12 5.23 -3.48
N LEU C 196 -18.76 4.84 -4.70
CA LEU C 196 -17.35 4.57 -4.99
C LEU C 196 -16.50 5.84 -4.87
N LEU C 197 -17.01 6.95 -5.40
CA LEU C 197 -16.23 8.19 -5.37
C LEU C 197 -16.04 8.68 -3.95
N MET C 198 -17.08 8.62 -3.12
CA MET C 198 -16.94 9.10 -1.75
C MET C 198 -16.13 8.12 -0.91
N LEU C 199 -16.13 6.83 -1.27
CA LEU C 199 -15.18 5.90 -0.66
C LEU C 199 -13.75 6.29 -0.99
N PHE C 200 -13.50 6.69 -2.24
CA PHE C 200 -12.15 7.14 -2.60
C PHE C 200 -11.74 8.37 -1.80
N LEU C 201 -12.67 9.33 -1.65
CA LEU C 201 -12.38 10.50 -0.83
C LEU C 201 -12.12 10.11 0.63
N TRP C 202 -12.90 9.17 1.16
CA TRP C 202 -12.67 8.72 2.53
C TRP C 202 -11.28 8.11 2.68
N ALA C 203 -10.87 7.30 1.70
CA ALA C 203 -9.57 6.66 1.77
C ALA C 203 -8.43 7.68 1.71
N VAL C 204 -8.53 8.65 0.80
CA VAL C 204 -7.46 9.63 0.66
C VAL C 204 -7.41 10.53 1.90
N SER C 205 -8.57 10.86 2.46
CA SER C 205 -8.60 11.64 3.69
C SER C 205 -7.97 10.88 4.84
N ALA C 206 -8.26 9.58 4.94
CA ALA C 206 -7.65 8.76 5.99
C ALA C 206 -6.13 8.71 5.83
N LEU C 207 -5.65 8.55 4.60
CA LEU C 207 -4.21 8.55 4.37
C LEU C 207 -3.58 9.88 4.76
N SER C 208 -4.22 10.99 4.37
CA SER C 208 -3.70 12.31 4.72
C SER C 208 -3.68 12.52 6.23
N PHE C 209 -4.69 12.02 6.93
CA PHE C 209 -4.73 12.16 8.38
C PHE C 209 -3.53 11.47 9.04
N LEU C 210 -3.26 10.22 8.64
CA LEU C 210 -2.13 9.50 9.22
C LEU C 210 -0.81 10.16 8.87
N LEU C 211 -0.66 10.63 7.63
CA LEU C 211 0.59 11.29 7.25
C LEU C 211 0.78 12.58 8.03
N GLY C 212 -0.29 13.36 8.22
CA GLY C 212 -0.21 14.55 9.03
C GLY C 212 0.14 14.27 10.48
N LEU C 213 -0.43 13.21 11.05
CA LEU C 213 -0.02 12.81 12.39
C LEU C 213 1.46 12.43 12.42
N ALA C 214 1.96 11.77 11.37
CA ALA C 214 3.38 11.47 11.29
C ALA C 214 4.25 12.73 11.28
N ASP C 215 3.83 13.76 10.55
CA ASP C 215 4.62 14.99 10.47
C ASP C 215 4.93 15.58 11.84
N LEU C 216 3.91 15.80 12.67
CA LEU C 216 4.14 16.43 13.97
C LEU C 216 4.98 15.55 14.88
N VAL C 217 4.68 14.25 14.93
CA VAL C 217 5.36 13.36 15.85
C VAL C 217 6.83 13.19 15.46
N CYS C 218 7.16 13.30 14.17
CA CYS C 218 8.56 13.29 13.75
C CYS C 218 9.24 14.64 13.97
N SER C 219 8.55 15.74 13.68
CA SER C 219 9.11 17.08 13.82
C SER C 219 9.42 17.44 15.26
N LEU C 220 8.58 17.07 16.21
CA LEU C 220 8.88 17.32 17.61
C LEU C 220 10.11 16.57 18.09
N ARG C 221 10.26 15.30 17.67
CA ARG C 221 11.45 14.55 18.03
C ARG C 221 12.70 15.13 17.41
N ARG C 222 12.64 15.55 16.14
CA ARG C 222 13.81 16.07 15.47
C ARG C 222 14.22 17.46 15.93
N ARG C 223 13.60 17.98 17.00
CA ARG C 223 13.99 19.29 17.51
C ARG C 223 14.49 19.20 18.95
N MET C 224 13.98 18.24 19.73
CA MET C 224 14.57 17.94 21.03
C MET C 224 15.83 17.08 20.93
N ARG C 225 16.13 16.54 19.75
CA ARG C 225 17.36 15.76 19.60
C ARG C 225 18.58 16.66 19.70
N ARG C 226 18.41 17.95 19.43
CA ARG C 226 19.50 18.91 19.49
C ARG C 226 19.81 19.28 20.94
N ARG C 227 18.91 18.92 21.84
CA ARG C 227 19.12 19.18 23.26
C ARG C 227 19.83 18.02 23.93
N GLY D 3 30.18 31.11 -9.10
CA GLY D 3 29.72 32.41 -8.64
C GLY D 3 28.43 32.85 -9.30
N VAL D 4 27.35 32.12 -9.00
CA VAL D 4 26.03 32.39 -9.56
C VAL D 4 25.03 32.48 -8.41
N ASP D 5 23.95 33.23 -8.65
CA ASP D 5 22.87 33.34 -7.69
C ASP D 5 22.17 31.99 -7.58
N LEU D 6 21.38 31.80 -6.51
CA LEU D 6 20.77 30.49 -6.29
C LEU D 6 19.44 30.34 -7.04
N LEU D 7 18.96 31.39 -7.69
CA LEU D 7 17.98 31.22 -8.76
C LEU D 7 18.66 30.83 -10.07
N GLY D 8 19.97 30.67 -9.98
CA GLY D 8 20.86 30.25 -11.04
C GLY D 8 21.09 28.76 -10.93
N PHE D 9 22.07 28.35 -10.13
CA PHE D 9 22.29 26.94 -9.87
C PHE D 9 21.12 26.40 -9.06
N LEU D 10 19.93 26.42 -9.67
CA LEU D 10 18.75 25.72 -9.16
C LEU D 10 17.94 25.07 -10.28
N ILE D 11 18.13 25.46 -11.53
CA ILE D 11 17.41 24.87 -12.66
C ILE D 11 18.31 23.98 -13.50
N ILE D 12 19.62 24.26 -13.52
CA ILE D 12 20.56 23.36 -14.17
C ILE D 12 20.65 22.05 -13.39
N THR D 13 20.59 22.13 -12.07
CA THR D 13 20.45 20.92 -11.26
C THR D 13 19.11 20.23 -11.51
N LEU D 14 18.18 20.90 -12.18
CA LEU D 14 16.93 20.29 -12.61
C LEU D 14 16.99 19.77 -14.04
N ASN D 15 17.54 20.57 -14.96
CA ASN D 15 17.55 20.19 -16.37
C ASN D 15 18.58 19.09 -16.65
N CYS D 16 19.74 19.16 -16.00
CA CYS D 16 20.82 18.22 -16.29
C CYS D 16 20.49 16.79 -15.90
N ASN D 17 19.59 16.58 -14.94
CA ASN D 17 19.23 15.24 -14.49
C ASN D 17 18.04 14.66 -15.25
N VAL D 18 17.55 15.36 -16.27
CA VAL D 18 16.42 14.89 -17.06
C VAL D 18 16.76 15.05 -18.54
N THR D 19 16.40 14.06 -19.34
CA THR D 19 16.71 14.06 -20.76
C THR D 19 15.62 14.78 -21.55
N MET D 20 15.99 15.21 -22.76
CA MET D 20 15.05 15.94 -23.61
C MET D 20 13.84 15.09 -23.99
N VAL D 21 14.03 13.77 -24.06
CA VAL D 21 12.91 12.88 -24.30
C VAL D 21 11.90 12.97 -23.16
N GLY D 22 12.38 13.11 -21.93
CA GLY D 22 11.47 13.26 -20.80
C GLY D 22 10.66 14.55 -20.87
N LYS D 23 11.31 15.66 -21.23
CA LYS D 23 10.59 16.91 -21.38
C LYS D 23 9.56 16.81 -22.50
N LEU D 24 9.94 16.16 -23.60
CA LEU D 24 8.98 15.96 -24.69
C LEU D 24 7.80 15.11 -24.23
N TRP D 25 8.06 14.09 -23.42
CA TRP D 25 6.97 13.29 -22.84
C TRP D 25 6.05 14.16 -22.01
N PHE D 26 6.63 15.02 -21.17
CA PHE D 26 5.84 15.90 -20.32
C PHE D 26 4.95 16.80 -21.18
N VAL D 27 5.53 17.37 -22.24
CA VAL D 27 4.78 18.29 -23.09
C VAL D 27 3.64 17.56 -23.80
N LEU D 28 3.92 16.38 -24.36
CA LEU D 28 2.87 15.64 -25.06
C LEU D 28 1.76 15.20 -24.12
N THR D 29 2.11 14.75 -22.91
CA THR D 29 1.09 14.26 -21.98
C THR D 29 0.38 15.38 -21.21
N MET D 30 0.84 16.62 -21.31
CA MET D 30 0.05 17.72 -20.76
C MET D 30 -0.72 18.50 -21.83
N LEU D 31 -0.23 18.55 -23.07
CA LEU D 31 -0.89 19.30 -24.12
C LEU D 31 -1.92 18.49 -24.90
N LEU D 32 -1.61 17.24 -25.25
CA LEU D 32 -2.57 16.39 -25.95
C LEU D 32 -3.28 15.39 -25.04
N ARG D 33 -2.94 15.34 -23.76
CA ARG D 33 -3.54 14.35 -22.87
C ARG D 33 -4.27 14.97 -21.70
N MET D 34 -3.66 15.90 -20.99
CA MET D 34 -4.32 16.62 -19.92
C MET D 34 -5.28 17.70 -20.41
N LEU D 35 -5.09 18.20 -21.63
CA LEU D 35 -5.91 19.30 -22.13
C LEU D 35 -7.14 18.82 -22.89
N VAL D 36 -7.03 17.73 -23.67
CA VAL D 36 -8.17 17.27 -24.43
C VAL D 36 -9.26 16.72 -23.51
N ILE D 37 -8.86 16.07 -22.41
CA ILE D 37 -9.83 15.37 -21.57
C ILE D 37 -10.73 16.36 -20.83
N VAL D 38 -10.14 17.40 -20.24
CA VAL D 38 -10.95 18.37 -19.50
C VAL D 38 -11.78 19.21 -20.44
N LEU D 39 -11.25 19.51 -21.62
CA LEU D 39 -11.83 20.52 -22.49
C LEU D 39 -12.83 19.96 -23.48
N ALA D 40 -12.63 18.72 -23.94
CA ALA D 40 -13.53 18.07 -24.88
C ALA D 40 -14.29 16.90 -24.28
N GLY D 41 -13.75 16.26 -23.23
CA GLY D 41 -14.42 15.12 -22.65
C GLY D 41 -15.48 15.50 -21.64
N ARG D 42 -15.31 16.68 -21.03
CA ARG D 42 -16.31 17.19 -20.09
C ARG D 42 -17.64 17.49 -20.78
N PRO D 43 -17.70 18.21 -21.90
CA PRO D 43 -19.01 18.53 -22.48
C PRO D 43 -19.70 17.34 -23.13
N VAL D 44 -18.95 16.41 -23.71
CA VAL D 44 -19.56 15.31 -24.45
C VAL D 44 -20.35 14.40 -23.52
N TYR D 45 -19.89 14.24 -22.28
CA TYR D 45 -20.43 13.25 -21.37
C TYR D 45 -21.43 13.82 -20.37
N GLN D 46 -21.85 15.08 -20.57
CA GLN D 46 -22.90 15.64 -19.74
C GLN D 46 -24.26 15.05 -20.10
N ASP D 47 -24.49 14.77 -21.38
CA ASP D 47 -25.78 14.31 -21.87
C ASP D 47 -25.80 12.79 -22.02
N GLU D 48 -24.89 12.11 -21.31
CA GLU D 48 -24.98 10.67 -21.19
C GLU D 48 -26.15 10.26 -20.31
N GLN D 49 -26.66 11.19 -19.51
CA GLN D 49 -27.79 10.95 -18.62
C GLN D 49 -29.11 11.41 -19.21
N GLU D 50 -29.11 12.51 -19.96
CA GLU D 50 -30.35 13.13 -20.41
C GLU D 50 -31.09 12.27 -21.43
N ARG D 51 -30.35 11.55 -22.27
CA ARG D 51 -30.99 10.89 -23.40
C ARG D 51 -30.66 9.39 -23.41
N PHE D 52 -30.83 8.75 -22.26
CA PHE D 52 -30.77 7.29 -22.14
C PHE D 52 -32.19 6.79 -22.39
N VAL D 53 -32.74 7.25 -23.51
CA VAL D 53 -34.18 7.15 -23.77
C VAL D 53 -34.54 5.79 -24.34
N CYS D 54 -35.66 5.25 -23.88
CA CYS D 54 -36.11 3.91 -24.22
C CYS D 54 -37.53 3.61 -23.75
N ASN D 55 -38.11 2.55 -24.33
CA ASN D 55 -39.55 2.32 -24.30
C ASN D 55 -39.97 1.76 -22.95
N THR D 56 -40.31 2.67 -22.04
CA THR D 56 -40.99 2.29 -20.81
C THR D 56 -41.81 3.49 -20.33
N LEU D 57 -42.78 3.20 -19.47
CA LEU D 57 -43.67 4.24 -18.97
C LEU D 57 -43.76 4.33 -17.46
N GLN D 58 -43.59 3.23 -16.74
CA GLN D 58 -43.68 3.30 -15.28
C GLN D 58 -42.43 4.03 -14.77
N PRO D 59 -42.57 4.97 -13.84
CA PRO D 59 -41.38 5.70 -13.38
C PRO D 59 -40.42 4.81 -12.62
N GLY D 60 -39.12 5.01 -12.86
CA GLY D 60 -38.07 4.32 -12.14
C GLY D 60 -37.50 3.10 -12.82
N CYS D 61 -37.82 2.88 -14.11
CA CYS D 61 -37.15 1.80 -14.84
C CYS D 61 -35.88 2.29 -15.51
N ALA D 62 -35.92 3.49 -16.12
CA ALA D 62 -34.76 3.99 -16.84
C ALA D 62 -33.56 4.20 -15.92
N ASN D 63 -33.80 4.69 -14.70
CA ASN D 63 -32.69 4.96 -13.78
C ASN D 63 -31.96 3.68 -13.39
N VAL D 64 -32.70 2.63 -13.03
CA VAL D 64 -32.06 1.36 -12.69
C VAL D 64 -31.44 0.73 -13.94
N CYS D 65 -32.05 0.95 -15.10
CA CYS D 65 -31.47 0.44 -16.34
C CYS D 65 -30.11 1.06 -16.62
N TYR D 66 -29.97 2.36 -16.39
CA TYR D 66 -28.65 2.96 -16.57
C TYR D 66 -27.69 2.53 -15.46
N ASP D 67 -28.21 2.39 -14.24
CA ASP D 67 -27.37 1.94 -13.13
C ASP D 67 -26.76 0.58 -13.41
N VAL D 68 -27.54 -0.35 -13.97
CA VAL D 68 -26.96 -1.63 -14.36
C VAL D 68 -26.18 -1.47 -15.67
N PHE D 69 -26.45 -0.41 -16.43
CA PHE D 69 -25.74 -0.20 -17.69
C PHE D 69 -24.30 0.26 -17.45
N SER D 70 -24.14 1.40 -16.79
CA SER D 70 -22.82 2.01 -16.56
C SER D 70 -22.53 2.04 -15.07
N PRO D 71 -21.78 1.05 -14.56
CA PRO D 71 -21.33 1.15 -13.15
C PRO D 71 -20.39 2.31 -12.92
N VAL D 72 -19.36 2.44 -13.76
CA VAL D 72 -18.38 3.51 -13.65
C VAL D 72 -18.18 4.12 -15.03
N SER D 73 -18.36 5.43 -15.14
CA SER D 73 -18.10 6.10 -16.40
C SER D 73 -16.59 6.19 -16.63
N HIS D 74 -16.19 5.94 -17.87
CA HIS D 74 -14.76 5.91 -18.21
C HIS D 74 -14.12 7.30 -18.24
N LEU D 75 -14.90 8.37 -18.18
CA LEU D 75 -14.32 9.69 -18.02
C LEU D 75 -13.59 9.81 -16.69
N ARG D 76 -14.24 9.35 -15.61
CA ARG D 76 -13.57 9.37 -14.31
C ARG D 76 -12.35 8.45 -14.31
N PHE D 77 -12.44 7.32 -15.01
CA PHE D 77 -11.30 6.44 -15.16
C PHE D 77 -10.14 7.16 -15.83
N TRP D 78 -10.42 7.89 -16.90
CA TRP D 78 -9.38 8.62 -17.59
C TRP D 78 -8.76 9.68 -16.71
N LEU D 79 -9.59 10.42 -15.96
CA LEU D 79 -9.04 11.47 -15.10
C LEU D 79 -8.19 10.90 -13.97
N ILE D 80 -8.63 9.81 -13.34
CA ILE D 80 -7.84 9.23 -12.26
C ILE D 80 -6.55 8.63 -12.82
N GLN D 81 -6.62 8.05 -14.01
CA GLN D 81 -5.41 7.57 -14.67
C GLN D 81 -4.45 8.71 -14.95
N GLY D 82 -4.97 9.84 -15.43
CA GLY D 82 -4.12 10.98 -15.69
C GLY D 82 -3.45 11.54 -14.45
N VAL D 83 -4.21 11.66 -13.35
CA VAL D 83 -3.62 12.21 -12.15
C VAL D 83 -2.58 11.24 -11.57
N CYS D 84 -2.83 9.93 -11.66
CA CYS D 84 -1.83 9.00 -11.15
C CYS D 84 -0.61 8.93 -12.06
N VAL D 85 -0.77 9.20 -13.36
CA VAL D 85 0.40 9.15 -14.24
C VAL D 85 1.13 10.49 -14.22
N LEU D 86 0.52 11.52 -13.62
CA LEU D 86 1.28 12.76 -13.42
C LEU D 86 1.82 12.92 -12.00
N LEU D 87 1.35 12.14 -11.03
CA LEU D 87 1.81 12.30 -9.65
C LEU D 87 3.30 12.07 -9.45
N PRO D 88 3.91 10.97 -9.92
CA PRO D 88 5.34 10.77 -9.63
C PRO D 88 6.24 11.87 -10.18
N SER D 89 5.89 12.47 -11.31
CA SER D 89 6.71 13.55 -11.85
C SER D 89 6.67 14.78 -10.95
N ALA D 90 5.59 14.96 -10.20
CA ALA D 90 5.51 16.02 -9.21
C ALA D 90 6.27 15.67 -7.93
N VAL D 91 6.16 14.42 -7.46
CA VAL D 91 6.87 14.06 -6.23
C VAL D 91 8.37 14.09 -6.45
N PHE D 92 8.83 13.64 -7.62
CA PHE D 92 10.25 13.74 -7.95
C PHE D 92 10.69 15.19 -8.10
N SER D 93 9.84 16.03 -8.70
CA SER D 93 10.19 17.44 -8.81
C SER D 93 10.40 18.06 -7.44
N VAL D 94 9.47 17.80 -6.52
CA VAL D 94 9.63 18.34 -5.16
C VAL D 94 10.88 17.78 -4.51
N TYR D 95 11.14 16.48 -4.71
CA TYR D 95 12.35 15.87 -4.14
C TYR D 95 13.61 16.58 -4.62
N VAL D 96 13.73 16.80 -5.94
CA VAL D 96 14.97 17.33 -6.47
C VAL D 96 15.12 18.80 -6.10
N LEU D 97 14.04 19.58 -6.13
CA LEU D 97 14.15 20.97 -5.65
C LEU D 97 14.52 21.01 -4.18
N HIS D 98 13.96 20.12 -3.36
CA HIS D 98 14.29 20.12 -1.94
C HIS D 98 15.76 19.79 -1.71
N ARG D 99 16.28 18.80 -2.42
CA ARG D 99 17.68 18.44 -2.24
C ARG D 99 18.65 19.37 -2.97
N GLY D 100 18.16 20.24 -3.86
CA GLY D 100 19.03 21.19 -4.50
C GLY D 100 19.10 22.51 -3.78
N ALA D 101 17.96 22.94 -3.21
CA ALA D 101 17.91 24.19 -2.48
C ALA D 101 18.54 24.11 -1.09
N THR D 102 18.78 22.90 -0.59
CA THR D 102 19.34 22.73 0.75
C THR D 102 20.86 22.74 0.75
N LEU D 103 21.49 22.07 -0.22
CA LEU D 103 22.95 22.00 -0.24
C LEU D 103 23.58 23.36 -0.48
N ALA D 104 22.92 24.22 -1.25
CA ALA D 104 23.47 25.55 -1.53
C ALA D 104 23.56 26.42 -0.28
N ALA D 105 22.75 26.14 0.74
CA ALA D 105 22.79 26.93 1.96
C ALA D 105 24.14 26.78 2.66
N LEU D 106 24.64 25.55 2.74
CA LEU D 106 25.93 25.32 3.39
C LEU D 106 27.08 25.88 2.55
N GLY D 107 26.98 25.79 1.23
CA GLY D 107 28.00 26.27 0.35
C GLY D 107 29.17 25.30 0.25
N PRO D 108 30.25 25.73 -0.42
CA PRO D 108 31.44 24.91 -0.61
C PRO D 108 32.21 24.69 0.70
N GLY D 133 32.49 24.87 -15.04
CA GLY D 133 33.07 24.99 -13.71
C GLY D 133 32.03 25.00 -12.61
N LEU D 134 31.06 24.10 -12.71
CA LEU D 134 29.98 24.00 -11.73
C LEU D 134 30.14 22.73 -10.89
N GLN D 135 29.28 22.60 -9.89
CA GLN D 135 29.27 21.49 -8.96
C GLN D 135 27.89 20.84 -8.90
N VAL D 136 27.32 20.57 -10.07
CA VAL D 136 25.98 20.02 -10.19
C VAL D 136 25.92 18.64 -9.56
N PRO D 137 24.97 18.39 -8.66
CA PRO D 137 24.82 17.04 -8.09
C PRO D 137 24.25 16.08 -9.14
N ASP D 138 24.44 14.79 -8.88
CA ASP D 138 24.05 13.73 -9.79
C ASP D 138 22.88 12.96 -9.17
N PHE D 139 21.67 13.31 -9.59
CA PHE D 139 20.47 12.59 -9.17
C PHE D 139 20.05 11.62 -10.29
N SER D 140 20.80 10.52 -10.37
CA SER D 140 20.57 9.48 -11.36
C SER D 140 19.86 8.26 -10.79
N ALA D 141 20.10 7.95 -9.51
CA ALA D 141 19.45 6.80 -8.89
C ALA D 141 17.94 6.93 -8.84
N GLY D 142 17.42 8.10 -8.55
CA GLY D 142 15.99 8.28 -8.45
C GLY D 142 15.25 8.35 -9.77
N TYR D 143 15.92 8.75 -10.86
CA TYR D 143 15.26 8.90 -12.14
C TYR D 143 14.99 7.54 -12.78
N ILE D 144 15.90 6.59 -12.59
CA ILE D 144 15.70 5.25 -13.13
C ILE D 144 14.57 4.52 -12.40
N ILE D 145 14.52 4.65 -11.06
CA ILE D 145 13.40 4.05 -10.33
C ILE D 145 12.12 4.81 -10.64
N HIS D 146 12.22 6.12 -10.87
CA HIS D 146 11.08 6.90 -11.34
C HIS D 146 10.51 6.32 -12.63
N LEU D 147 11.37 6.04 -13.61
CA LEU D 147 10.89 5.50 -14.87
C LEU D 147 10.39 4.07 -14.73
N LEU D 148 10.98 3.30 -13.81
CA LEU D 148 10.45 1.97 -13.51
C LEU D 148 9.02 2.06 -12.99
N LEU D 149 8.78 2.98 -12.03
CA LEU D 149 7.42 3.18 -11.53
C LEU D 149 6.50 3.65 -12.64
N ARG D 150 7.00 4.52 -13.53
CA ARG D 150 6.21 4.94 -14.68
C ARG D 150 5.78 3.76 -15.53
N THR D 151 6.73 2.91 -15.91
CA THR D 151 6.42 1.77 -16.76
C THR D 151 5.46 0.81 -16.07
N LEU D 152 5.59 0.66 -14.75
CA LEU D 152 4.71 -0.25 -14.03
C LEU D 152 3.30 0.32 -13.87
N LEU D 153 3.17 1.63 -13.73
CA LEU D 153 1.87 2.23 -13.45
C LEU D 153 1.04 2.51 -14.70
N GLU D 154 1.52 2.13 -15.88
CA GLU D 154 0.74 2.33 -17.10
C GLU D 154 0.12 1.05 -17.64
N ALA D 155 0.89 -0.04 -17.68
CA ALA D 155 0.40 -1.29 -18.26
C ALA D 155 -0.77 -1.84 -17.46
N ALA D 156 -0.72 -1.74 -16.13
CA ALA D 156 -1.81 -2.26 -15.31
C ALA D 156 -3.11 -1.52 -15.59
N PHE D 157 -3.08 -0.19 -15.59
CA PHE D 157 -4.30 0.56 -15.86
C PHE D 157 -4.77 0.36 -17.29
N GLY D 158 -3.85 0.17 -18.23
CA GLY D 158 -4.26 -0.21 -19.57
C GLY D 158 -4.98 -1.55 -19.59
N ALA D 159 -4.51 -2.51 -18.79
CA ALA D 159 -5.19 -3.80 -18.71
C ALA D 159 -6.58 -3.67 -18.12
N LEU D 160 -6.72 -2.86 -17.07
CA LEU D 160 -8.06 -2.60 -16.53
C LEU D 160 -8.96 -1.93 -17.56
N HIS D 161 -8.43 -0.96 -18.31
CA HIS D 161 -9.23 -0.33 -19.36
C HIS D 161 -9.70 -1.36 -20.37
N TYR D 162 -8.80 -2.25 -20.80
CA TYR D 162 -9.14 -3.24 -21.81
C TYR D 162 -10.18 -4.22 -21.29
N PHE D 163 -10.03 -4.67 -20.04
CA PHE D 163 -10.97 -5.63 -19.47
C PHE D 163 -12.29 -5.02 -19.03
N LEU D 164 -12.38 -3.70 -18.87
CA LEU D 164 -13.62 -3.09 -18.40
C LEU D 164 -14.41 -2.40 -19.51
N PHE D 165 -13.75 -1.60 -20.34
CA PHE D 165 -14.49 -0.77 -21.30
C PHE D 165 -14.33 -1.22 -22.74
N GLY D 166 -13.49 -2.21 -23.02
CA GLY D 166 -13.40 -2.74 -24.38
C GLY D 166 -12.81 -1.73 -25.35
N PHE D 167 -13.25 -1.82 -26.61
CA PHE D 167 -12.76 -0.97 -27.68
C PHE D 167 -13.82 -0.09 -28.31
N LEU D 168 -15.06 -0.57 -28.46
CA LEU D 168 -16.14 0.21 -29.05
C LEU D 168 -17.37 0.13 -28.16
N ALA D 169 -18.07 1.25 -28.04
CA ALA D 169 -19.24 1.35 -27.19
C ALA D 169 -20.48 0.76 -27.88
N PRO D 170 -21.30 0.02 -27.15
CA PRO D 170 -22.54 -0.51 -27.71
C PRO D 170 -23.47 0.61 -28.17
N LYS D 171 -24.44 0.21 -29.01
CA LYS D 171 -25.45 1.13 -29.53
C LYS D 171 -26.79 0.98 -28.82
N LYS D 172 -27.12 -0.23 -28.34
CA LYS D 172 -28.35 -0.50 -27.62
C LYS D 172 -28.08 -1.55 -26.55
N PHE D 173 -28.94 -1.58 -25.54
CA PHE D 173 -28.73 -2.37 -24.33
C PHE D 173 -30.04 -3.00 -23.85
N PRO D 174 -30.07 -4.30 -23.60
CA PRO D 174 -31.27 -4.91 -23.01
C PRO D 174 -31.23 -4.82 -21.48
N CYS D 175 -32.37 -4.49 -20.90
CA CYS D 175 -32.50 -4.25 -19.47
C CYS D 175 -33.57 -5.17 -18.90
N THR D 176 -33.23 -5.85 -17.80
CA THR D 176 -34.09 -6.90 -17.27
C THR D 176 -34.39 -6.81 -15.77
N ARG D 177 -33.51 -6.20 -14.96
CA ARG D 177 -33.74 -6.11 -13.52
C ARG D 177 -35.03 -5.34 -13.25
N PRO D 178 -36.06 -5.99 -12.70
CA PRO D 178 -37.40 -5.39 -12.68
C PRO D 178 -37.66 -4.55 -11.43
N PRO D 179 -37.71 -3.21 -11.56
CA PRO D 179 -38.78 -2.47 -10.87
C PRO D 179 -39.84 -2.12 -11.90
N CYS D 180 -39.62 -2.60 -13.12
CA CYS D 180 -40.45 -2.35 -14.29
C CYS D 180 -40.76 -3.65 -15.00
N THR D 181 -41.87 -3.67 -15.72
CA THR D 181 -42.43 -4.88 -16.31
C THR D 181 -41.76 -5.15 -17.66
N GLY D 182 -41.16 -6.32 -17.80
CA GLY D 182 -40.65 -6.80 -19.08
C GLY D 182 -39.18 -6.49 -19.27
N VAL D 183 -38.71 -6.72 -20.50
CA VAL D 183 -37.34 -6.40 -20.91
C VAL D 183 -37.39 -5.13 -21.75
N VAL D 184 -36.54 -4.17 -21.43
CA VAL D 184 -36.55 -2.86 -22.08
C VAL D 184 -35.29 -2.71 -22.91
N ASP D 185 -35.47 -2.46 -24.21
CA ASP D 185 -34.38 -2.23 -25.13
C ASP D 185 -34.08 -0.74 -25.14
N CYS D 186 -32.89 -0.36 -24.67
CA CYS D 186 -32.62 1.01 -24.28
C CYS D 186 -31.42 1.55 -25.06
N TYR D 187 -31.53 2.80 -25.48
CA TYR D 187 -30.65 3.38 -26.48
C TYR D 187 -29.65 4.34 -25.85
N VAL D 188 -28.38 4.21 -26.23
CA VAL D 188 -27.38 5.16 -25.81
C VAL D 188 -27.48 6.42 -26.67
N SER D 189 -26.77 7.46 -26.25
CA SER D 189 -26.73 8.73 -26.97
C SER D 189 -25.34 8.96 -27.53
N ARG D 190 -25.26 9.20 -28.84
CA ARG D 190 -24.06 9.65 -29.53
C ARG D 190 -22.90 8.67 -29.28
N PRO D 191 -22.93 7.51 -29.94
CA PRO D 191 -21.87 6.52 -29.73
C PRO D 191 -20.61 6.73 -30.57
N THR D 192 -20.76 7.18 -31.83
CA THR D 192 -19.62 7.25 -32.72
C THR D 192 -18.60 8.29 -32.26
N GLU D 193 -19.08 9.43 -31.76
CA GLU D 193 -18.17 10.43 -31.20
C GLU D 193 -17.36 9.81 -30.07
N LYS D 194 -18.03 9.03 -29.21
CA LYS D 194 -17.36 8.43 -28.07
C LYS D 194 -16.32 7.41 -28.52
N SER D 195 -16.68 6.57 -29.50
CA SER D 195 -15.74 5.56 -29.99
C SER D 195 -14.52 6.21 -30.63
N LEU D 196 -14.72 7.23 -31.46
CA LEU D 196 -13.57 7.91 -32.09
C LEU D 196 -12.70 8.58 -31.04
N LEU D 197 -13.32 9.27 -30.08
CA LEU D 197 -12.54 10.00 -29.08
C LEU D 197 -11.74 9.04 -28.21
N MET D 198 -12.35 7.93 -27.79
CA MET D 198 -11.63 7.00 -26.93
C MET D 198 -10.58 6.22 -27.73
N LEU D 199 -10.80 6.04 -29.04
CA LEU D 199 -9.73 5.52 -29.89
C LEU D 199 -8.55 6.47 -29.92
N PHE D 200 -8.82 7.78 -30.00
CA PHE D 200 -7.74 8.76 -29.98
C PHE D 200 -6.97 8.70 -28.66
N LEU D 201 -7.69 8.59 -27.55
CA LEU D 201 -7.02 8.43 -26.25
C LEU D 201 -6.21 7.14 -26.19
N TRP D 202 -6.74 6.05 -26.73
CA TRP D 202 -5.98 4.80 -26.75
C TRP D 202 -4.70 4.96 -27.55
N ALA D 203 -4.77 5.63 -28.70
CA ALA D 203 -3.58 5.82 -29.53
C ALA D 203 -2.54 6.68 -28.82
N VAL D 204 -2.96 7.78 -28.20
CA VAL D 204 -1.98 8.66 -27.56
C VAL D 204 -1.38 7.97 -26.34
N SER D 205 -2.18 7.18 -25.61
CA SER D 205 -1.66 6.42 -24.49
C SER D 205 -0.64 5.38 -24.96
N ALA D 206 -0.92 4.71 -26.07
CA ALA D 206 0.02 3.74 -26.60
C ALA D 206 1.33 4.41 -27.01
N LEU D 207 1.24 5.58 -27.64
CA LEU D 207 2.45 6.31 -28.02
C LEU D 207 3.25 6.70 -26.79
N SER D 208 2.57 7.22 -25.76
CA SER D 208 3.25 7.61 -24.53
C SER D 208 3.91 6.42 -23.84
N PHE D 209 3.27 5.25 -23.88
CA PHE D 209 3.84 4.06 -23.27
C PHE D 209 5.16 3.68 -23.94
N LEU D 210 5.18 3.65 -25.27
CA LEU D 210 6.41 3.31 -25.98
C LEU D 210 7.50 4.34 -25.74
N LEU D 211 7.14 5.63 -25.74
CA LEU D 211 8.14 6.66 -25.51
C LEU D 211 8.72 6.56 -24.09
N GLY D 212 7.86 6.29 -23.11
CA GLY D 212 8.33 6.09 -21.75
C GLY D 212 9.24 4.88 -21.61
N LEU D 213 8.91 3.78 -22.29
CA LEU D 213 9.82 2.65 -22.32
C LEU D 213 11.16 3.02 -22.96
N ALA D 214 11.14 3.85 -23.99
CA ALA D 214 12.38 4.33 -24.59
C ALA D 214 13.22 5.14 -23.61
N ASP D 215 12.59 5.99 -22.80
CA ASP D 215 13.33 6.81 -21.85
C ASP D 215 14.21 5.99 -20.93
N LEU D 216 13.65 4.98 -20.24
CA LEU D 216 14.44 4.20 -19.28
C LEU D 216 15.53 3.40 -19.98
N VAL D 217 15.20 2.76 -21.10
CA VAL D 217 16.18 1.90 -21.76
C VAL D 217 17.33 2.71 -22.35
N CYS D 218 17.09 3.97 -22.72
CA CYS D 218 18.19 4.84 -23.14
C CYS D 218 18.97 5.42 -21.96
N SER D 219 18.28 5.82 -20.90
CA SER D 219 18.91 6.41 -19.73
C SER D 219 19.82 5.44 -18.99
N LEU D 220 19.42 4.18 -18.87
CA LEU D 220 20.30 3.19 -18.23
C LEU D 220 21.58 2.96 -19.03
N ARG D 221 21.48 2.89 -20.36
CA ARG D 221 22.67 2.75 -21.18
C ARG D 221 23.58 3.96 -21.09
N ARG D 222 23.01 5.17 -21.10
CA ARG D 222 23.81 6.38 -21.07
C ARG D 222 24.45 6.65 -19.71
N ARG D 223 24.36 5.71 -18.76
CA ARG D 223 25.00 5.92 -17.46
C ARG D 223 26.04 4.84 -17.18
N MET D 224 25.85 3.63 -17.72
CA MET D 224 26.92 2.63 -17.70
C MET D 224 27.97 2.86 -18.77
N ARG D 225 27.74 3.77 -19.71
CA ARG D 225 28.74 4.05 -20.73
C ARG D 225 29.94 4.77 -20.12
N ARG D 226 29.73 5.41 -18.97
CA ARG D 226 30.80 6.13 -18.29
C ARG D 226 31.71 5.15 -17.53
N ARG D 227 31.24 3.91 -17.39
CA ARG D 227 32.04 2.89 -16.74
C ARG D 227 32.91 2.15 -17.74
N GLY E 3 29.17 38.83 -18.18
CA GLY E 3 28.99 38.77 -16.75
C GLY E 3 27.57 39.02 -16.31
N VAL E 4 26.67 38.11 -16.67
CA VAL E 4 25.26 38.21 -16.35
C VAL E 4 24.82 36.90 -15.69
N ASP E 5 23.78 37.01 -14.86
CA ASP E 5 23.17 35.84 -14.23
C ASP E 5 22.53 34.96 -15.30
N LEU E 6 22.23 33.71 -14.96
CA LEU E 6 21.71 32.79 -15.96
C LEU E 6 20.20 32.88 -16.10
N LEU E 7 19.53 33.68 -15.25
CA LEU E 7 18.19 34.15 -15.57
C LEU E 7 18.26 35.35 -16.51
N GLY E 8 19.48 35.69 -16.88
CA GLY E 8 19.84 36.76 -17.81
C GLY E 8 20.04 36.16 -19.19
N PHE E 9 21.24 35.70 -19.49
CA PHE E 9 21.47 35.00 -20.74
C PHE E 9 20.72 33.67 -20.74
N LEU E 10 19.39 33.77 -20.69
CA LEU E 10 18.49 32.65 -20.93
C LEU E 10 17.28 33.04 -21.75
N ILE E 11 16.95 34.34 -21.86
CA ILE E 11 15.81 34.79 -22.63
C ILE E 11 16.24 35.50 -23.92
N ILE E 12 17.44 36.09 -23.92
CA ILE E 12 17.99 36.63 -25.15
C ILE E 12 18.32 35.50 -26.11
N THR E 13 18.82 34.39 -25.58
CA THR E 13 18.97 33.18 -26.40
C THR E 13 17.62 32.64 -26.85
N LEU E 14 16.52 33.13 -26.28
CA LEU E 14 15.18 32.82 -26.74
C LEU E 14 14.63 33.84 -27.71
N ASN E 15 14.77 35.13 -27.39
CA ASN E 15 14.20 36.18 -28.22
C ASN E 15 14.98 36.37 -29.52
N CYS E 16 16.31 36.26 -29.47
CA CYS E 16 17.13 36.54 -30.65
C CYS E 16 16.92 35.53 -31.77
N ASN E 17 16.49 34.31 -31.47
CA ASN E 17 16.28 33.28 -32.48
C ASN E 17 14.87 33.27 -33.04
N VAL E 18 14.02 34.22 -32.64
CA VAL E 18 12.65 34.31 -33.11
C VAL E 18 12.36 35.75 -33.53
N THR E 19 11.66 35.91 -34.64
CA THR E 19 11.37 37.23 -35.18
C THR E 19 10.08 37.79 -34.57
N MET E 20 9.94 39.11 -34.66
CA MET E 20 8.77 39.76 -34.08
C MET E 20 7.48 39.33 -34.75
N VAL E 21 7.57 38.95 -36.03
CA VAL E 21 6.41 38.40 -36.72
C VAL E 21 5.95 37.10 -36.05
N GLY E 22 6.90 36.28 -35.60
CA GLY E 22 6.54 35.06 -34.90
C GLY E 22 5.83 35.32 -33.59
N LYS E 23 6.34 36.29 -32.80
CA LYS E 23 5.66 36.64 -31.56
C LYS E 23 4.26 37.19 -31.83
N LEU E 24 4.12 38.01 -32.88
CA LEU E 24 2.80 38.50 -33.24
C LEU E 24 1.88 37.36 -33.63
N TRP E 25 2.40 36.36 -34.36
CA TRP E 25 1.62 35.18 -34.68
C TRP E 25 1.15 34.46 -33.41
N PHE E 26 2.06 34.30 -32.46
CA PHE E 26 1.72 33.63 -31.21
C PHE E 26 0.60 34.39 -30.50
N VAL E 27 0.73 35.71 -30.44
CA VAL E 27 -0.28 36.52 -29.74
C VAL E 27 -1.63 36.42 -30.41
N LEU E 28 -1.66 36.55 -31.75
CA LEU E 28 -2.93 36.48 -32.46
C LEU E 28 -3.58 35.10 -32.34
N THR E 29 -2.78 34.03 -32.41
CA THR E 29 -3.35 32.69 -32.35
C THR E 29 -3.64 32.21 -30.93
N MET E 30 -3.20 32.93 -29.90
CA MET E 30 -3.65 32.61 -28.55
C MET E 30 -4.75 33.54 -28.04
N LEU E 31 -4.82 34.78 -28.51
CA LEU E 31 -5.82 35.72 -28.03
C LEU E 31 -7.10 35.71 -28.85
N LEU E 32 -7.02 35.63 -30.18
CA LEU E 32 -8.21 35.54 -31.01
C LEU E 32 -8.54 34.13 -31.48
N ARG E 33 -7.71 33.14 -31.17
CA ARG E 33 -7.93 31.79 -31.67
C ARG E 33 -8.10 30.78 -30.55
N MET E 34 -7.19 30.76 -29.57
CA MET E 34 -7.34 29.88 -28.42
C MET E 34 -8.37 30.37 -27.41
N LEU E 35 -8.67 31.66 -27.39
CA LEU E 35 -9.58 32.22 -26.39
C LEU E 35 -11.03 32.23 -26.84
N VAL E 36 -11.29 32.51 -28.12
CA VAL E 36 -12.67 32.56 -28.60
C VAL E 36 -13.31 31.17 -28.58
N ILE E 37 -12.52 30.14 -28.89
CA ILE E 37 -13.09 28.80 -29.06
C ILE E 37 -13.56 28.24 -27.73
N VAL E 38 -12.74 28.35 -26.67
CA VAL E 38 -13.13 27.80 -25.38
C VAL E 38 -14.24 28.63 -24.76
N LEU E 39 -14.22 29.94 -24.98
CA LEU E 39 -15.06 30.86 -24.22
C LEU E 39 -16.41 31.11 -24.89
N ALA E 40 -16.47 31.10 -26.23
CA ALA E 40 -17.70 31.31 -26.95
C ALA E 40 -18.20 30.07 -27.68
N GLY E 41 -17.31 29.14 -28.02
CA GLY E 41 -17.73 27.95 -28.75
C GLY E 41 -18.26 26.87 -27.85
N ARG E 42 -17.81 26.87 -26.59
CA ARG E 42 -18.30 25.91 -25.61
C ARG E 42 -19.78 26.13 -25.31
N PRO E 43 -20.26 27.34 -25.00
CA PRO E 43 -21.69 27.48 -24.65
C PRO E 43 -22.63 27.31 -25.83
N VAL E 44 -22.22 27.70 -27.03
CA VAL E 44 -23.14 27.70 -28.17
C VAL E 44 -23.52 26.27 -28.54
N TYR E 45 -22.60 25.32 -28.37
CA TYR E 45 -22.76 23.97 -28.87
C TYR E 45 -23.24 22.99 -27.80
N GLN E 46 -23.64 23.48 -26.63
CA GLN E 46 -24.24 22.61 -25.63
C GLN E 46 -25.66 22.21 -26.03
N ASP E 47 -26.40 23.10 -26.67
CA ASP E 47 -27.79 22.87 -27.01
C ASP E 47 -27.94 22.40 -28.46
N GLU E 48 -26.85 21.86 -29.02
CA GLU E 48 -26.95 21.17 -30.29
C GLU E 48 -27.68 19.85 -30.15
N GLN E 49 -27.76 19.33 -28.92
CA GLN E 49 -28.45 18.08 -28.61
C GLN E 49 -29.86 18.28 -28.14
N GLU E 50 -30.12 19.35 -27.38
CA GLU E 50 -31.41 19.51 -26.72
C GLU E 50 -32.54 19.78 -27.70
N ARG E 51 -32.25 20.48 -28.79
CA ARG E 51 -33.32 20.96 -29.66
C ARG E 51 -33.08 20.50 -31.10
N PHE E 52 -32.81 19.21 -31.27
CA PHE E 52 -32.75 18.57 -32.58
C PHE E 52 -34.18 18.07 -32.85
N VAL E 53 -35.12 19.00 -32.70
CA VAL E 53 -36.54 18.67 -32.60
C VAL E 53 -37.15 18.49 -33.98
N CYS E 54 -38.02 17.48 -34.09
CA CYS E 54 -38.63 17.10 -35.37
C CYS E 54 -39.74 16.07 -35.20
N ASN E 55 -40.55 15.94 -36.26
CA ASN E 55 -41.86 15.30 -36.17
C ASN E 55 -41.72 13.77 -36.16
N THR E 56 -41.61 13.24 -34.95
CA THR E 56 -41.75 11.80 -34.75
C THR E 56 -42.25 11.57 -33.33
N LEU E 57 -42.79 10.38 -33.11
CA LEU E 57 -43.36 10.04 -31.81
C LEU E 57 -42.81 8.75 -31.20
N GLN E 58 -42.41 7.77 -32.00
CA GLN E 58 -41.88 6.54 -31.43
C GLN E 58 -40.51 6.84 -30.82
N PRO E 59 -40.21 6.36 -29.62
CA PRO E 59 -38.91 6.67 -29.02
C PRO E 59 -37.76 6.05 -29.78
N GLY E 60 -36.67 6.80 -29.93
CA GLY E 60 -35.45 6.30 -30.52
C GLY E 60 -35.26 6.62 -32.00
N CYS E 61 -36.08 7.50 -32.57
CA CYS E 61 -35.82 7.94 -33.94
C CYS E 61 -34.92 9.16 -33.95
N ALA E 62 -35.14 10.12 -33.05
CA ALA E 62 -34.37 11.35 -33.06
C ALA E 62 -32.88 11.09 -32.79
N ASN E 63 -32.58 10.16 -31.89
CA ASN E 63 -31.19 9.89 -31.55
C ASN E 63 -30.41 9.33 -32.74
N VAL E 64 -30.99 8.35 -33.44
CA VAL E 64 -30.32 7.79 -34.61
C VAL E 64 -30.30 8.82 -35.74
N CYS E 65 -31.32 9.69 -35.81
CA CYS E 65 -31.32 10.75 -36.81
C CYS E 65 -30.17 11.72 -36.60
N TYR E 66 -29.89 12.09 -35.35
CA TYR E 66 -28.73 12.95 -35.12
C TYR E 66 -27.44 12.18 -35.33
N ASP E 67 -27.40 10.90 -34.95
CA ASP E 67 -26.21 10.09 -35.15
C ASP E 67 -25.82 10.02 -36.62
N VAL E 68 -26.80 9.85 -37.51
CA VAL E 68 -26.50 9.91 -38.93
C VAL E 68 -26.32 11.36 -39.38
N PHE E 69 -26.82 12.32 -38.60
CA PHE E 69 -26.67 13.72 -38.98
C PHE E 69 -25.26 14.22 -38.75
N SER E 70 -24.78 14.16 -37.50
CA SER E 70 -23.46 14.68 -37.13
C SER E 70 -22.58 13.54 -36.65
N PRO E 71 -21.73 12.98 -37.53
CA PRO E 71 -20.75 12.00 -37.07
C PRO E 71 -19.74 12.59 -36.10
N VAL E 72 -19.14 13.72 -36.47
CA VAL E 72 -18.15 14.41 -35.64
C VAL E 72 -18.51 15.87 -35.59
N SER E 73 -18.67 16.42 -34.37
CA SER E 73 -18.91 17.84 -34.23
C SER E 73 -17.63 18.61 -34.52
N HIS E 74 -17.78 19.73 -35.25
CA HIS E 74 -16.63 20.51 -35.67
C HIS E 74 -15.99 21.31 -34.53
N LEU E 75 -16.63 21.38 -33.37
CA LEU E 75 -15.97 21.97 -32.21
C LEU E 75 -14.76 21.15 -31.79
N ARG E 76 -14.93 19.83 -31.73
CA ARG E 76 -13.79 18.97 -31.41
C ARG E 76 -12.72 19.05 -32.48
N PHE E 77 -13.14 19.18 -33.75
CA PHE E 77 -12.20 19.38 -34.84
C PHE E 77 -11.38 20.64 -34.62
N TRP E 78 -12.05 21.74 -34.25
CA TRP E 78 -11.34 22.99 -34.02
C TRP E 78 -10.37 22.87 -32.86
N LEU E 79 -10.78 22.22 -31.77
CA LEU E 79 -9.88 22.09 -30.62
C LEU E 79 -8.67 21.22 -30.94
N ILE E 80 -8.87 20.11 -31.63
CA ILE E 80 -7.73 19.26 -31.97
C ILE E 80 -6.82 19.97 -32.95
N GLN E 81 -7.39 20.73 -33.88
CA GLN E 81 -6.58 21.53 -34.78
C GLN E 81 -5.77 22.57 -34.01
N GLY E 82 -6.39 23.21 -33.02
CA GLY E 82 -5.67 24.20 -32.23
C GLY E 82 -4.53 23.59 -31.44
N VAL E 83 -4.77 22.44 -30.81
CA VAL E 83 -3.71 21.84 -30.01
C VAL E 83 -2.58 21.36 -30.90
N CYS E 84 -2.90 20.83 -32.10
CA CYS E 84 -1.82 20.40 -32.97
C CYS E 84 -1.07 21.59 -33.59
N VAL E 85 -1.74 22.74 -33.75
CA VAL E 85 -1.04 23.88 -34.31
C VAL E 85 -0.31 24.66 -33.22
N LEU E 86 -0.56 24.32 -31.95
CA LEU E 86 0.26 24.91 -30.89
C LEU E 86 1.34 23.96 -30.36
N LEU E 87 1.28 22.67 -30.67
CA LEU E 87 2.26 21.72 -30.15
C LEU E 87 3.70 22.01 -30.58
N PRO E 88 4.01 22.20 -31.87
CA PRO E 88 5.42 22.41 -32.24
C PRO E 88 6.07 23.62 -31.60
N SER E 89 5.31 24.69 -31.35
CA SER E 89 5.88 25.86 -30.69
C SER E 89 6.26 25.55 -29.25
N ALA E 90 5.60 24.59 -28.61
CA ALA E 90 5.98 24.13 -27.30
C ALA E 90 7.18 23.19 -27.34
N VAL E 91 7.22 22.26 -28.31
CA VAL E 91 8.36 21.35 -28.35
C VAL E 91 9.63 22.10 -28.70
N PHE E 92 9.56 23.07 -29.60
CA PHE E 92 10.72 23.90 -29.89
C PHE E 92 11.11 24.76 -28.70
N SER E 93 10.14 25.28 -27.96
CA SER E 93 10.46 26.05 -26.77
C SER E 93 11.24 25.20 -25.78
N VAL E 94 10.77 23.98 -25.52
CA VAL E 94 11.49 23.09 -24.61
C VAL E 94 12.87 22.77 -25.14
N TYR E 95 12.98 22.54 -26.46
CA TYR E 95 14.27 22.26 -27.07
C TYR E 95 15.26 23.39 -26.82
N VAL E 96 14.85 24.63 -27.09
CA VAL E 96 15.78 25.76 -27.02
C VAL E 96 16.14 26.06 -25.56
N LEU E 97 15.16 26.00 -24.65
CA LEU E 97 15.52 26.17 -23.23
C LEU E 97 16.47 25.07 -22.76
N HIS E 98 16.26 23.83 -23.20
CA HIS E 98 17.14 22.74 -22.78
C HIS E 98 18.55 22.95 -23.30
N ARG E 99 18.70 23.37 -24.56
CA ARG E 99 20.03 23.58 -25.10
C ARG E 99 20.65 24.90 -24.67
N GLY E 100 19.88 25.81 -24.09
CA GLY E 100 20.46 27.04 -23.59
C GLY E 100 20.87 26.97 -22.14
N ALA E 101 20.09 26.24 -21.34
CA ALA E 101 20.40 26.09 -19.92
C ALA E 101 21.53 25.11 -19.66
N THR E 102 21.90 24.30 -20.65
CA THR E 102 22.96 23.31 -20.47
C THR E 102 24.35 23.86 -20.75
N LEU E 103 24.50 24.64 -21.83
CA LEU E 103 25.80 25.17 -22.19
C LEU E 103 26.34 26.13 -21.14
N ALA E 104 25.47 26.87 -20.46
CA ALA E 104 25.91 27.81 -19.45
C ALA E 104 26.54 27.14 -18.25
N ALA E 105 26.20 25.87 -17.99
CA ALA E 105 26.79 25.16 -16.86
C ALA E 105 28.29 24.98 -17.03
N LEU E 106 28.73 24.62 -18.24
CA LEU E 106 30.16 24.45 -18.48
C LEU E 106 30.88 25.79 -18.47
N GLY E 107 30.25 26.84 -18.98
CA GLY E 107 30.84 28.15 -19.04
C GLY E 107 31.83 28.28 -20.19
N PRO E 108 32.54 29.41 -20.23
CA PRO E 108 33.53 29.67 -21.29
C PRO E 108 34.75 28.76 -21.19
N GLY E 133 28.57 42.29 -26.39
CA GLY E 133 29.64 41.41 -25.95
C GLY E 133 29.15 40.10 -25.36
N LEU E 134 28.18 39.49 -26.02
CA LEU E 134 27.60 38.23 -25.58
C LEU E 134 28.03 37.08 -26.49
N GLN E 135 27.64 35.87 -26.11
CA GLN E 135 27.98 34.65 -26.83
C GLN E 135 26.72 33.86 -27.12
N VAL E 136 25.71 34.53 -27.65
CA VAL E 136 24.40 33.94 -27.94
C VAL E 136 24.54 32.84 -28.99
N PRO E 137 24.05 31.64 -28.73
CA PRO E 137 24.07 30.59 -29.76
C PRO E 137 23.10 30.90 -30.88
N ASP E 138 23.32 30.24 -32.02
CA ASP E 138 22.54 30.46 -33.23
C ASP E 138 21.69 29.22 -33.50
N PHE E 139 20.42 29.26 -33.07
CA PHE E 139 19.47 28.20 -33.38
C PHE E 139 18.60 28.61 -34.55
N SER E 140 19.20 28.53 -35.74
CA SER E 140 18.53 28.88 -36.99
C SER E 140 18.07 27.67 -37.78
N ALA E 141 18.79 26.55 -37.68
CA ALA E 141 18.41 25.35 -38.41
C ALA E 141 17.06 24.80 -37.98
N GLY E 142 16.75 24.82 -36.69
CA GLY E 142 15.50 24.30 -36.21
C GLY E 142 14.30 25.17 -36.45
N TYR E 143 14.47 26.49 -36.57
CA TYR E 143 13.35 27.40 -36.75
C TYR E 143 12.78 27.32 -38.16
N ILE E 144 13.65 27.12 -39.15
CA ILE E 144 13.18 26.99 -40.54
C ILE E 144 12.43 25.67 -40.73
N ILE E 145 12.93 24.57 -40.16
CA ILE E 145 12.19 23.31 -40.23
C ILE E 145 10.92 23.41 -39.39
N HIS E 146 10.98 24.15 -38.29
CA HIS E 146 9.78 24.44 -37.50
C HIS E 146 8.71 25.10 -38.36
N LEU E 147 9.08 26.12 -39.12
CA LEU E 147 8.11 26.82 -39.94
C LEU E 147 7.65 25.97 -41.12
N LEU E 148 8.53 25.10 -41.63
CA LEU E 148 8.10 24.14 -42.65
C LEU E 148 7.02 23.21 -42.11
N LEU E 149 7.22 22.67 -40.90
CA LEU E 149 6.22 21.84 -40.27
C LEU E 149 4.93 22.62 -40.03
N ARG E 150 5.06 23.89 -39.63
CA ARG E 150 3.89 24.74 -39.47
C ARG E 150 3.10 24.85 -40.77
N THR E 151 3.78 25.18 -41.87
CA THR E 151 3.09 25.36 -43.14
C THR E 151 2.46 24.05 -43.60
N LEU E 152 3.10 22.92 -43.31
CA LEU E 152 2.56 21.64 -43.75
C LEU E 152 1.37 21.20 -42.89
N LEU E 153 1.36 21.55 -41.60
CA LEU E 153 0.32 21.08 -40.71
C LEU E 153 -0.93 21.94 -40.71
N GLU E 154 -1.00 22.97 -41.56
CA GLU E 154 -2.20 23.80 -41.63
C GLU E 154 -3.04 23.54 -42.86
N ALA E 155 -2.40 23.43 -44.03
CA ALA E 155 -3.14 23.26 -45.28
C ALA E 155 -3.91 21.94 -45.29
N ALA E 156 -3.31 20.88 -44.76
CA ALA E 156 -3.99 19.58 -44.75
C ALA E 156 -5.26 19.64 -43.92
N PHE E 157 -5.17 20.16 -42.70
CA PHE E 157 -6.36 20.23 -41.84
C PHE E 157 -7.39 21.20 -42.42
N GLY E 158 -6.93 22.26 -43.11
CA GLY E 158 -7.88 23.10 -43.83
C GLY E 158 -8.61 22.33 -44.92
N ALA E 159 -7.90 21.46 -45.63
CA ALA E 159 -8.52 20.65 -46.66
C ALA E 159 -9.55 19.69 -46.07
N LEU E 160 -9.21 19.06 -44.93
CA LEU E 160 -10.20 18.22 -44.26
C LEU E 160 -11.41 19.02 -43.80
N HIS E 161 -11.20 20.23 -43.27
CA HIS E 161 -12.33 21.07 -42.89
C HIS E 161 -13.22 21.37 -44.09
N TYR E 162 -12.60 21.71 -45.22
CA TYR E 162 -13.37 22.06 -46.41
C TYR E 162 -14.16 20.86 -46.93
N PHE E 163 -13.53 19.68 -46.95
CA PHE E 163 -14.19 18.48 -47.47
C PHE E 163 -15.19 17.87 -46.50
N LEU E 164 -15.14 18.21 -45.21
CA LEU E 164 -16.04 17.60 -44.25
C LEU E 164 -17.20 18.51 -43.84
N PHE E 165 -16.91 19.78 -43.49
CA PHE E 165 -17.93 20.64 -42.92
C PHE E 165 -18.40 21.75 -43.84
N GLY E 166 -17.80 21.91 -45.02
CA GLY E 166 -18.28 22.89 -45.98
C GLY E 166 -18.10 24.32 -45.49
N PHE E 167 -19.02 25.18 -45.91
CA PHE E 167 -18.98 26.60 -45.58
C PHE E 167 -20.17 27.09 -44.78
N LEU E 168 -21.38 26.58 -45.03
CA LEU E 168 -22.56 26.99 -44.29
C LEU E 168 -23.33 25.77 -43.84
N ALA E 169 -23.88 25.85 -42.63
CA ALA E 169 -24.59 24.73 -42.02
C ALA E 169 -26.02 24.64 -42.55
N PRO E 170 -26.50 23.43 -42.83
CA PRO E 170 -27.89 23.27 -43.27
C PRO E 170 -28.88 23.75 -42.20
N LYS E 171 -30.11 23.95 -42.66
CA LYS E 171 -31.21 24.37 -41.80
C LYS E 171 -32.14 23.23 -41.43
N LYS E 172 -32.30 22.25 -42.31
CA LYS E 172 -33.14 21.08 -42.07
C LYS E 172 -32.50 19.87 -42.74
N PHE E 173 -32.88 18.68 -42.26
CA PHE E 173 -32.23 17.43 -42.62
C PHE E 173 -33.25 16.30 -42.78
N PRO E 174 -33.23 15.59 -43.89
CA PRO E 174 -34.10 14.40 -44.02
C PRO E 174 -33.43 13.17 -43.44
N CYS E 175 -34.22 12.38 -42.71
CA CYS E 175 -33.75 11.21 -41.98
C CYS E 175 -34.53 9.99 -42.43
N THR E 176 -33.80 8.92 -42.74
CA THR E 176 -34.41 7.75 -43.37
C THR E 176 -34.07 6.41 -42.72
N ARG E 177 -32.91 6.27 -42.06
CA ARG E 177 -32.52 4.99 -41.44
C ARG E 177 -33.56 4.59 -40.41
N PRO E 178 -34.29 3.51 -40.61
CA PRO E 178 -35.48 3.24 -39.79
C PRO E 178 -35.17 2.42 -38.54
N PRO E 179 -35.21 3.02 -37.35
CA PRO E 179 -35.87 2.34 -36.22
C PRO E 179 -37.24 2.97 -36.04
N CYS E 180 -37.56 3.90 -36.93
CA CYS E 180 -38.79 4.68 -36.93
C CYS E 180 -39.42 4.66 -38.32
N THR E 181 -40.73 4.86 -38.35
CA THR E 181 -41.52 4.70 -39.56
C THR E 181 -41.48 5.98 -40.38
N GLY E 182 -41.04 5.86 -41.64
CA GLY E 182 -41.13 6.93 -42.61
C GLY E 182 -39.85 7.76 -42.67
N VAL E 183 -39.94 8.88 -43.38
CA VAL E 183 -38.85 9.86 -43.51
C VAL E 183 -39.19 11.03 -42.60
N VAL E 184 -38.22 11.44 -41.77
CA VAL E 184 -38.44 12.49 -40.78
C VAL E 184 -37.63 13.72 -41.18
N ASP E 185 -38.32 14.84 -41.34
CA ASP E 185 -37.68 16.12 -41.66
C ASP E 185 -37.35 16.81 -40.34
N CYS E 186 -36.06 16.98 -40.07
CA CYS E 186 -35.59 17.29 -38.73
C CYS E 186 -34.80 18.58 -38.73
N TYR E 187 -35.01 19.39 -37.69
CA TYR E 187 -34.60 20.78 -37.69
C TYR E 187 -33.39 20.98 -36.78
N VAL E 188 -32.39 21.71 -37.27
CA VAL E 188 -31.26 22.10 -36.45
C VAL E 188 -31.66 23.27 -35.56
N SER E 189 -30.79 23.58 -34.59
CA SER E 189 -31.00 24.69 -33.69
C SER E 189 -29.94 25.75 -33.93
N ARG E 190 -30.40 26.99 -34.16
CA ARG E 190 -29.56 28.18 -34.21
C ARG E 190 -28.45 28.02 -35.26
N PRO E 191 -28.80 28.12 -36.55
CA PRO E 191 -27.79 27.94 -37.60
C PRO E 191 -26.98 29.18 -37.94
N THR E 192 -27.61 30.37 -37.90
CA THR E 192 -26.93 31.57 -38.37
C THR E 192 -25.77 31.96 -37.46
N GLU E 193 -25.95 31.80 -36.14
CA GLU E 193 -24.85 32.03 -35.21
C GLU E 193 -23.67 31.13 -35.56
N LYS E 194 -23.96 29.86 -35.84
CA LYS E 194 -22.91 28.90 -36.17
C LYS E 194 -22.20 29.27 -37.45
N SER E 195 -22.96 29.65 -38.49
CA SER E 195 -22.35 30.01 -39.77
C SER E 195 -21.47 31.24 -39.62
N LEU E 196 -21.96 32.28 -38.93
CA LEU E 196 -21.14 33.48 -38.74
C LEU E 196 -19.88 33.17 -37.93
N LEU E 197 -20.02 32.40 -36.86
CA LEU E 197 -18.87 32.12 -36.00
C LEU E 197 -17.82 31.29 -36.74
N MET E 198 -18.26 30.28 -37.50
CA MET E 198 -17.29 29.47 -38.22
C MET E 198 -16.70 30.22 -39.41
N LEU E 199 -17.44 31.18 -39.97
CA LEU E 199 -16.84 32.07 -40.95
C LEU E 199 -15.74 32.91 -40.31
N PHE E 200 -15.95 33.38 -39.08
CA PHE E 200 -14.91 34.13 -38.37
C PHE E 200 -13.68 33.27 -38.15
N LEU E 201 -13.89 32.02 -37.73
CA LEU E 201 -12.76 31.10 -37.57
C LEU E 201 -12.04 30.86 -38.89
N TRP E 202 -12.80 30.69 -39.99
CA TRP E 202 -12.18 30.51 -41.29
C TRP E 202 -11.31 31.70 -41.66
N ALA E 203 -11.82 32.92 -41.42
CA ALA E 203 -11.07 34.12 -41.75
C ALA E 203 -9.79 34.23 -40.93
N VAL E 204 -9.88 33.98 -39.62
CA VAL E 204 -8.69 34.12 -38.78
C VAL E 204 -7.67 33.04 -39.12
N SER E 205 -8.14 31.84 -39.45
CA SER E 205 -7.23 30.78 -39.87
C SER E 205 -6.54 31.13 -41.19
N ALA E 206 -7.28 31.72 -42.13
CA ALA E 206 -6.68 32.14 -43.39
C ALA E 206 -5.63 33.22 -43.16
N LEU E 207 -5.92 34.18 -42.28
CA LEU E 207 -4.94 35.22 -41.98
C LEU E 207 -3.68 34.62 -41.35
N SER E 208 -3.86 33.69 -40.40
CA SER E 208 -2.72 33.05 -39.76
C SER E 208 -1.90 32.25 -40.75
N PHE E 209 -2.55 31.58 -41.71
CA PHE E 209 -1.82 30.83 -42.72
C PHE E 209 -0.91 31.73 -43.55
N LEU E 210 -1.44 32.85 -44.03
CA LEU E 210 -0.62 33.77 -44.83
C LEU E 210 0.51 34.36 -44.00
N LEU E 211 0.24 34.72 -42.75
CA LEU E 211 1.30 35.29 -41.92
C LEU E 211 2.39 34.25 -41.65
N GLY E 212 2.00 33.00 -41.39
CA GLY E 212 2.98 31.96 -41.22
C GLY E 212 3.81 31.69 -42.46
N LEU E 213 3.18 31.73 -43.64
CA LEU E 213 3.95 31.65 -44.87
C LEU E 213 4.92 32.80 -45.01
N ALA E 214 4.52 34.00 -44.58
CA ALA E 214 5.42 35.15 -44.58
C ALA E 214 6.63 34.93 -43.67
N ASP E 215 6.42 34.34 -42.49
CA ASP E 215 7.53 34.13 -41.56
C ASP E 215 8.68 33.34 -42.18
N LEU E 216 8.40 32.18 -42.77
CA LEU E 216 9.47 31.34 -43.31
C LEU E 216 10.15 32.02 -44.50
N VAL E 217 9.36 32.61 -45.40
CA VAL E 217 9.93 33.18 -46.61
C VAL E 217 10.79 34.41 -46.29
N CYS E 218 10.47 35.13 -45.21
CA CYS E 218 11.34 36.22 -44.77
C CYS E 218 12.55 35.73 -43.99
N SER E 219 12.38 34.73 -43.12
CA SER E 219 13.45 34.20 -42.30
C SER E 219 14.55 33.52 -43.12
N LEU E 220 14.19 32.78 -44.17
CA LEU E 220 15.19 32.19 -45.04
C LEU E 220 16.02 33.23 -45.77
N ARG E 221 15.39 34.30 -46.26
CA ARG E 221 16.13 35.37 -46.90
C ARG E 221 17.04 36.09 -45.93
N ARG E 222 16.58 36.36 -44.72
CA ARG E 222 17.38 37.10 -43.75
C ARG E 222 18.52 36.28 -43.17
N ARG E 223 18.80 35.08 -43.68
CA ARG E 223 19.91 34.29 -43.19
C ARG E 223 20.93 34.01 -44.29
N MET E 224 20.49 33.94 -45.55
CA MET E 224 21.43 33.91 -46.67
C MET E 224 21.95 35.30 -47.03
N ARG E 225 21.39 36.36 -46.46
CA ARG E 225 21.90 37.70 -46.74
C ARG E 225 23.28 37.89 -46.11
N ARG E 226 23.59 37.09 -45.09
CA ARG E 226 24.87 37.17 -44.41
C ARG E 226 25.96 36.49 -45.23
N ARG E 227 25.54 35.72 -46.23
CA ARG E 227 26.49 35.05 -47.11
C ARG E 227 26.84 35.93 -48.31
N GLY F 3 44.60 -14.26 32.24
CA GLY F 3 44.01 -13.03 31.74
C GLY F 3 43.10 -13.25 30.55
N VAL F 4 41.98 -13.94 30.79
CA VAL F 4 41.01 -14.26 29.75
C VAL F 4 39.63 -13.82 30.24
N ASP F 5 38.75 -13.52 29.29
CA ASP F 5 37.37 -13.18 29.59
C ASP F 5 36.66 -14.41 30.15
N LEU F 6 35.51 -14.21 30.79
CA LEU F 6 34.84 -15.33 31.44
C LEU F 6 33.93 -16.10 30.48
N LEU F 7 33.77 -15.62 29.24
CA LEU F 7 33.29 -16.49 28.18
C LEU F 7 34.45 -17.33 27.62
N GLY F 8 35.61 -17.16 28.22
CA GLY F 8 36.84 -17.85 27.95
C GLY F 8 36.99 -19.02 28.91
N PHE F 9 37.56 -18.76 30.07
CA PHE F 9 37.63 -19.79 31.11
C PHE F 9 36.22 -20.08 31.62
N LEU F 10 35.38 -20.60 30.72
CA LEU F 10 34.10 -21.19 31.05
C LEU F 10 33.79 -22.46 30.27
N ILE F 11 34.49 -22.71 29.16
CA ILE F 11 34.27 -23.90 28.35
C ILE F 11 35.42 -24.89 28.49
N ILE F 12 36.62 -24.39 28.79
CA ILE F 12 37.74 -25.29 29.09
C ILE F 12 37.49 -25.99 30.41
N THR F 13 36.90 -25.28 31.38
CA THR F 13 36.43 -25.94 32.59
C THR F 13 35.29 -26.92 32.30
N LEU F 14 34.72 -26.87 31.10
CA LEU F 14 33.75 -27.86 30.65
C LEU F 14 34.37 -28.98 29.84
N ASN F 15 35.25 -28.65 28.90
CA ASN F 15 35.83 -29.66 28.03
C ASN F 15 36.87 -30.52 28.75
N CYS F 16 37.67 -29.91 29.63
CA CYS F 16 38.76 -30.62 30.28
C CYS F 16 38.28 -31.72 31.23
N ASN F 17 37.07 -31.61 31.76
CA ASN F 17 36.54 -32.59 32.69
C ASN F 17 35.74 -33.69 32.00
N VAL F 18 35.71 -33.71 30.68
CA VAL F 18 34.99 -34.72 29.91
C VAL F 18 35.91 -35.24 28.80
N THR F 19 35.89 -36.55 28.58
CA THR F 19 36.76 -37.18 27.60
C THR F 19 36.09 -37.18 26.23
N MET F 20 36.92 -37.34 25.19
CA MET F 20 36.41 -37.31 23.83
C MET F 20 35.46 -38.48 23.56
N VAL F 21 35.64 -39.59 24.28
CA VAL F 21 34.70 -40.70 24.17
C VAL F 21 33.31 -40.27 24.64
N GLY F 22 33.26 -39.45 25.69
CA GLY F 22 31.97 -38.95 26.15
C GLY F 22 31.27 -38.05 25.14
N LYS F 23 32.04 -37.16 24.51
CA LYS F 23 31.44 -36.32 23.46
C LYS F 23 30.97 -37.16 22.29
N LEU F 24 31.75 -38.18 21.91
CA LEU F 24 31.31 -39.09 20.85
C LEU F 24 30.03 -39.81 21.25
N TRP F 25 29.92 -40.23 22.51
CA TRP F 25 28.69 -40.84 22.99
C TRP F 25 27.52 -39.88 22.85
N PHE F 26 27.72 -38.63 23.25
CA PHE F 26 26.66 -37.62 23.15
C PHE F 26 26.21 -37.47 21.70
N VAL F 27 27.18 -37.38 20.78
CA VAL F 27 26.85 -37.18 19.37
C VAL F 27 26.08 -38.37 18.82
N LEU F 28 26.55 -39.59 19.11
CA LEU F 28 25.86 -40.78 18.60
C LEU F 28 24.46 -40.92 19.18
N THR F 29 24.29 -40.63 20.46
CA THR F 29 22.97 -40.80 21.08
C THR F 29 22.03 -39.62 20.84
N MET F 30 22.50 -38.53 20.26
CA MET F 30 21.59 -37.48 19.82
C MET F 30 21.32 -37.50 18.32
N LEU F 31 22.27 -37.97 17.50
CA LEU F 31 22.10 -37.99 16.06
C LEU F 31 21.47 -39.27 15.53
N LEU F 32 21.87 -40.44 16.04
CA LEU F 32 21.26 -41.69 15.62
C LEU F 32 20.23 -42.23 16.60
N ARG F 33 20.02 -41.58 17.73
CA ARG F 33 19.10 -42.12 18.73
C ARG F 33 17.96 -41.16 19.05
N MET F 34 18.26 -39.89 19.32
CA MET F 34 17.22 -38.89 19.53
C MET F 34 16.55 -38.42 18.24
N LEU F 35 17.23 -38.55 17.10
CA LEU F 35 16.70 -38.04 15.84
C LEU F 35 15.88 -39.07 15.08
N VAL F 36 16.27 -40.34 15.10
CA VAL F 36 15.53 -41.35 14.35
C VAL F 36 14.16 -41.59 14.98
N ILE F 37 14.08 -41.51 16.31
CA ILE F 37 12.83 -41.89 16.99
C ILE F 37 11.73 -40.88 16.72
N VAL F 38 12.04 -39.58 16.82
CA VAL F 38 11.02 -38.57 16.60
C VAL F 38 10.65 -38.48 15.13
N LEU F 39 11.62 -38.69 14.25
CA LEU F 39 11.46 -38.39 12.84
C LEU F 39 10.94 -39.56 12.03
N ALA F 40 11.29 -40.79 12.40
CA ALA F 40 10.83 -41.99 11.70
C ALA F 40 9.88 -42.84 12.54
N GLY F 41 9.94 -42.75 13.86
CA GLY F 41 9.07 -43.57 14.69
C GLY F 41 7.70 -42.96 14.89
N ARG F 42 7.63 -41.63 14.79
CA ARG F 42 6.35 -40.94 14.90
C ARG F 42 5.41 -41.29 13.73
N PRO F 43 5.83 -41.24 12.47
CA PRO F 43 4.86 -41.54 11.39
C PRO F 43 4.47 -43.00 11.29
N VAL F 44 5.38 -43.92 11.61
CA VAL F 44 5.10 -45.34 11.39
C VAL F 44 3.99 -45.82 12.32
N TYR F 45 3.91 -45.24 13.52
CA TYR F 45 3.03 -45.75 14.57
C TYR F 45 1.72 -44.97 14.67
N GLN F 46 1.44 -44.10 13.71
CA GLN F 46 0.15 -43.42 13.68
C GLN F 46 -0.96 -44.38 13.24
N ASP F 47 -0.65 -45.29 12.32
CA ASP F 47 -1.63 -46.19 11.74
C ASP F 47 -1.61 -47.55 12.43
N GLU F 48 -1.08 -47.59 13.65
CA GLU F 48 -1.23 -48.78 14.48
C GLU F 48 -2.67 -48.94 14.96
N GLN F 49 -3.45 -47.85 14.91
CA GLN F 49 -4.84 -47.84 15.32
C GLN F 49 -5.81 -48.02 14.17
N GLU F 50 -5.48 -47.46 13.01
CA GLU F 50 -6.43 -47.40 11.91
C GLU F 50 -6.70 -48.78 11.31
N ARG F 51 -5.70 -49.66 11.30
CA ARG F 51 -5.83 -50.90 10.56
C ARG F 51 -5.55 -52.10 11.46
N PHE F 52 -6.19 -52.12 12.63
CA PHE F 52 -6.19 -53.28 13.52
C PHE F 52 -7.40 -54.12 13.09
N VAL F 53 -7.44 -54.40 11.79
CA VAL F 53 -8.65 -54.90 11.15
C VAL F 53 -8.77 -56.40 11.30
N CYS F 54 -9.99 -56.87 11.54
CA CYS F 54 -10.28 -58.26 11.84
C CYS F 54 -11.77 -58.57 11.86
N ASN F 55 -12.08 -59.87 11.78
CA ASN F 55 -13.42 -60.34 11.42
C ASN F 55 -14.36 -60.24 12.61
N THR F 56 -15.01 -59.09 12.71
CA THR F 56 -16.15 -58.95 13.62
C THR F 56 -17.06 -57.88 13.07
N LEU F 57 -18.31 -57.88 13.54
CA LEU F 57 -19.32 -56.95 13.06
C LEU F 57 -20.01 -56.15 14.15
N GLN F 58 -20.16 -56.68 15.36
CA GLN F 58 -20.83 -55.92 16.41
C GLN F 58 -19.88 -54.81 16.85
N PRO F 59 -20.37 -53.59 17.02
CA PRO F 59 -19.47 -52.48 17.40
C PRO F 59 -18.91 -52.68 18.81
N GLY F 60 -17.62 -52.37 18.96
CA GLY F 60 -16.96 -52.38 20.25
C GLY F 60 -16.18 -53.63 20.57
N CYS F 61 -15.95 -54.51 19.59
CA CYS F 61 -15.06 -55.65 19.83
C CYS F 61 -13.62 -55.30 19.50
N ALA F 62 -13.39 -54.59 18.38
CA ALA F 62 -12.03 -54.29 17.96
C ALA F 62 -11.30 -53.42 18.98
N ASN F 63 -12.01 -52.45 19.59
CA ASN F 63 -11.37 -51.55 20.53
C ASN F 63 -10.87 -52.29 21.76
N VAL F 64 -11.71 -53.15 22.35
CA VAL F 64 -11.28 -53.93 23.51
C VAL F 64 -10.22 -54.95 23.10
N CYS F 65 -10.30 -55.45 21.86
CA CYS F 65 -9.28 -56.38 21.39
C CYS F 65 -7.92 -55.71 21.32
N TYR F 66 -7.86 -54.47 20.85
CA TYR F 66 -6.57 -53.79 20.86
C TYR F 66 -6.16 -53.41 22.27
N ASP F 67 -7.13 -53.03 23.12
CA ASP F 67 -6.81 -52.70 24.51
C ASP F 67 -6.15 -53.86 25.22
N VAL F 68 -6.66 -55.08 25.02
CA VAL F 68 -5.99 -56.24 25.58
C VAL F 68 -4.75 -56.59 24.77
N PHE F 69 -4.66 -56.12 23.53
CA PHE F 69 -3.50 -56.42 22.69
C PHE F 69 -2.29 -55.61 23.14
N SER F 70 -2.38 -54.28 23.10
CA SER F 70 -1.26 -53.40 23.41
C SER F 70 -1.59 -52.57 24.65
N PRO F 71 -1.14 -53.00 25.83
CA PRO F 71 -1.29 -52.15 27.02
C PRO F 71 -0.51 -50.85 26.90
N VAL F 72 0.78 -50.95 26.56
CA VAL F 72 1.64 -49.78 26.41
C VAL F 72 2.39 -49.91 25.09
N SER F 73 2.29 -48.89 24.25
CA SER F 73 3.05 -48.88 23.01
C SER F 73 4.53 -48.62 23.32
N HIS F 74 5.39 -49.35 22.62
CA HIS F 74 6.83 -49.26 22.89
C HIS F 74 7.45 -47.97 22.34
N LEU F 75 6.72 -47.19 21.55
CA LEU F 75 7.21 -45.86 21.18
C LEU F 75 7.34 -44.97 22.39
N ARG F 76 6.31 -44.95 23.25
CA ARG F 76 6.38 -44.17 24.47
C ARG F 76 7.49 -44.70 25.38
N PHE F 77 7.67 -46.01 25.41
CA PHE F 77 8.77 -46.60 26.17
C PHE F 77 10.11 -46.09 25.68
N TRP F 78 10.29 -46.05 24.35
CA TRP F 78 11.54 -45.56 23.80
C TRP F 78 11.77 -44.09 24.14
N LEU F 79 10.72 -43.27 24.04
CA LEU F 79 10.88 -41.84 24.34
C LEU F 79 11.19 -41.61 25.81
N ILE F 80 10.51 -42.31 26.72
CA ILE F 80 10.80 -42.11 28.14
C ILE F 80 12.20 -42.62 28.47
N GLN F 81 12.61 -43.72 27.84
CA GLN F 81 13.97 -44.21 28.01
C GLN F 81 14.98 -43.18 27.51
N GLY F 82 14.71 -42.55 26.36
CA GLY F 82 15.61 -41.55 25.85
C GLY F 82 15.72 -40.34 26.76
N VAL F 83 14.59 -39.85 27.27
CA VAL F 83 14.65 -38.67 28.12
C VAL F 83 15.35 -38.99 29.43
N CYS F 84 15.14 -40.20 29.97
CA CYS F 84 15.83 -40.53 31.21
C CYS F 84 17.32 -40.79 30.98
N VAL F 85 17.71 -41.23 29.78
CA VAL F 85 19.12 -41.47 29.52
C VAL F 85 19.81 -40.18 29.09
N LEU F 86 19.04 -39.13 28.80
CA LEU F 86 19.65 -37.83 28.56
C LEU F 86 19.58 -36.88 29.75
N LEU F 87 18.75 -37.17 30.76
CA LEU F 87 18.60 -36.26 31.89
C LEU F 87 19.89 -36.04 32.68
N PRO F 88 20.62 -37.08 33.13
CA PRO F 88 21.81 -36.83 33.95
C PRO F 88 22.87 -35.98 33.27
N SER F 89 23.02 -36.10 31.94
CA SER F 89 23.99 -35.27 31.24
C SER F 89 23.61 -33.81 31.27
N ALA F 90 22.32 -33.50 31.38
CA ALA F 90 21.86 -32.13 31.55
C ALA F 90 22.03 -31.65 32.99
N VAL F 91 21.74 -32.50 33.98
CA VAL F 91 21.87 -32.04 35.36
C VAL F 91 23.35 -31.82 35.69
N PHE F 92 24.23 -32.70 35.20
CA PHE F 92 25.66 -32.47 35.39
C PHE F 92 26.14 -31.24 34.65
N SER F 93 25.62 -30.99 33.45
CA SER F 93 26.00 -29.78 32.73
C SER F 93 25.65 -28.54 33.54
N VAL F 94 24.42 -28.49 34.07
CA VAL F 94 24.03 -27.35 34.88
C VAL F 94 24.89 -27.24 36.12
N TYR F 95 25.19 -28.38 36.75
CA TYR F 95 26.06 -28.38 37.92
C TYR F 95 27.42 -27.76 37.63
N VAL F 96 28.06 -28.19 36.54
CA VAL F 96 29.43 -27.75 36.27
C VAL F 96 29.44 -26.29 35.84
N LEU F 97 28.47 -25.87 35.01
CA LEU F 97 28.40 -24.44 34.69
C LEU F 97 28.14 -23.59 35.93
N HIS F 98 27.27 -24.06 36.84
CA HIS F 98 27.01 -23.29 38.04
C HIS F 98 28.26 -23.17 38.92
N ARG F 99 29.00 -24.25 39.07
CA ARG F 99 30.21 -24.18 39.89
C ARG F 99 31.39 -23.55 39.18
N GLY F 100 31.33 -23.36 37.87
CA GLY F 100 32.39 -22.69 37.16
C GLY F 100 32.18 -21.19 37.04
N ALA F 101 30.92 -20.78 36.86
CA ALA F 101 30.60 -19.37 36.73
C ALA F 101 30.60 -18.64 38.07
N THR F 102 30.61 -19.37 39.18
CA THR F 102 30.58 -18.73 40.50
C THR F 102 31.97 -18.42 41.03
N LEU F 103 32.92 -19.33 40.86
CA LEU F 103 34.27 -19.11 41.40
C LEU F 103 34.97 -17.94 40.71
N ALA F 104 34.67 -17.72 39.42
CA ALA F 104 35.32 -16.63 38.69
C ALA F 104 34.91 -15.26 39.22
N ALA F 105 33.74 -15.16 39.87
CA ALA F 105 33.31 -13.88 40.40
C ALA F 105 34.25 -13.39 41.50
N LEU F 106 34.66 -14.29 42.40
CA LEU F 106 35.57 -13.90 43.47
C LEU F 106 36.96 -13.61 42.93
N GLY F 107 37.39 -14.35 41.92
CA GLY F 107 38.70 -14.16 41.35
C GLY F 107 39.80 -14.79 42.19
N PRO F 108 41.06 -14.55 41.81
CA PRO F 108 42.22 -15.09 42.54
C PRO F 108 42.38 -14.47 43.92
N GLY F 133 49.02 -22.00 31.79
CA GLY F 133 49.02 -21.13 32.95
C GLY F 133 47.62 -20.79 33.44
N LEU F 134 46.75 -21.79 33.49
CA LEU F 134 45.38 -21.62 33.92
C LEU F 134 45.17 -22.24 35.31
N GLN F 135 43.96 -22.04 35.83
CA GLN F 135 43.58 -22.53 37.15
C GLN F 135 42.28 -23.33 37.05
N VAL F 136 42.23 -24.25 36.10
CA VAL F 136 41.04 -25.05 35.82
C VAL F 136 40.70 -25.92 37.02
N PRO F 137 39.46 -25.89 37.52
CA PRO F 137 39.09 -26.79 38.62
C PRO F 137 38.98 -28.22 38.13
N ASP F 138 39.02 -29.14 39.08
CA ASP F 138 39.02 -30.58 38.81
C ASP F 138 37.69 -31.16 39.28
N PHE F 139 36.75 -31.31 38.35
CA PHE F 139 35.48 -31.97 38.63
C PHE F 139 35.53 -33.42 38.15
N SER F 140 36.23 -34.24 38.93
CA SER F 140 36.41 -35.66 38.63
C SER F 140 35.51 -36.55 39.47
N ALA F 141 35.19 -36.14 40.71
CA ALA F 141 34.35 -36.95 41.58
C ALA F 141 32.95 -37.12 41.02
N GLY F 142 32.37 -36.07 40.44
CA GLY F 142 31.03 -36.18 39.91
C GLY F 142 30.89 -36.92 38.60
N TYR F 143 31.94 -36.97 37.79
CA TYR F 143 31.86 -37.62 36.48
C TYR F 143 31.86 -39.14 36.62
N ILE F 144 32.60 -39.67 37.59
CA ILE F 144 32.61 -41.11 37.82
C ILE F 144 31.28 -41.59 38.37
N ILE F 145 30.69 -40.84 39.32
CA ILE F 145 29.36 -41.21 39.81
C ILE F 145 28.32 -40.98 38.72
N HIS F 146 28.54 -39.96 37.88
CA HIS F 146 27.69 -39.77 36.70
C HIS F 146 27.68 -41.01 35.82
N LEU F 147 28.86 -41.56 35.52
CA LEU F 147 28.93 -42.73 34.65
C LEU F 147 28.40 -43.96 35.35
N LEU F 148 28.55 -44.05 36.68
CA LEU F 148 27.92 -45.13 37.42
C LEU F 148 26.41 -45.09 37.28
N LEU F 149 25.81 -43.90 37.44
CA LEU F 149 24.38 -43.76 37.25
C LEU F 149 23.99 -44.09 35.82
N ARG F 150 24.81 -43.68 34.85
CA ARG F 150 24.56 -44.06 33.46
C ARG F 150 24.50 -45.57 33.29
N THR F 151 25.51 -46.28 33.78
CA THR F 151 25.55 -47.72 33.63
C THR F 151 24.38 -48.40 34.33
N LEU F 152 23.96 -47.84 35.47
CA LEU F 152 22.85 -48.45 36.20
C LEU F 152 21.51 -48.17 35.54
N LEU F 153 21.35 -47.02 34.89
CA LEU F 153 20.05 -46.64 34.33
C LEU F 153 19.81 -47.19 32.94
N GLU F 154 20.71 -47.99 32.38
CA GLU F 154 20.50 -48.57 31.07
C GLU F 154 20.14 -50.05 31.12
N ALA F 155 20.84 -50.83 31.94
CA ALA F 155 20.60 -52.28 31.99
C ALA F 155 19.20 -52.60 32.48
N ALA F 156 18.71 -51.85 33.47
CA ALA F 156 17.38 -52.10 34.00
C ALA F 156 16.31 -51.89 32.93
N PHE F 157 16.36 -50.76 32.23
CA PHE F 157 15.37 -50.49 31.21
C PHE F 157 15.51 -51.46 30.04
N GLY F 158 16.74 -51.90 29.75
CA GLY F 158 16.90 -52.97 28.77
C GLY F 158 16.21 -54.26 29.21
N ALA F 159 16.32 -54.58 30.50
CA ALA F 159 15.65 -55.77 31.02
C ALA F 159 14.13 -55.65 30.91
N LEU F 160 13.59 -54.48 31.24
CA LEU F 160 12.15 -54.27 31.05
C LEU F 160 11.76 -54.39 29.58
N HIS F 161 12.56 -53.83 28.68
CA HIS F 161 12.26 -53.98 27.25
C HIS F 161 12.23 -55.44 26.85
N TYR F 162 13.22 -56.21 27.31
CA TYR F 162 13.30 -57.62 26.94
C TYR F 162 12.12 -58.41 27.50
N PHE F 163 11.73 -58.15 28.76
CA PHE F 163 10.64 -58.87 29.38
C PHE F 163 9.26 -58.41 28.93
N LEU F 164 9.13 -57.23 28.33
CA LEU F 164 7.83 -56.73 27.92
C LEU F 164 7.56 -56.86 26.43
N PHE F 165 8.51 -56.45 25.58
CA PHE F 165 8.23 -56.37 24.15
C PHE F 165 8.97 -57.43 23.32
N GLY F 166 9.82 -58.23 23.94
CA GLY F 166 10.45 -59.33 23.21
C GLY F 166 11.39 -58.83 22.13
N PHE F 167 11.49 -59.61 21.05
CA PHE F 167 12.40 -59.33 19.94
C PHE F 167 11.69 -59.10 18.61
N LEU F 168 10.62 -59.84 18.33
CA LEU F 168 9.88 -59.68 17.08
C LEU F 168 8.39 -59.57 17.36
N ALA F 169 7.72 -58.70 16.61
CA ALA F 169 6.30 -58.44 16.81
C ALA F 169 5.45 -59.53 16.16
N PRO F 170 4.38 -59.97 16.84
CA PRO F 170 3.47 -60.95 16.25
C PRO F 170 2.83 -60.42 14.97
N LYS F 171 2.27 -61.36 14.20
CA LYS F 171 1.57 -61.05 12.96
C LYS F 171 0.05 -61.10 13.12
N LYS F 172 -0.45 -61.95 14.01
CA LYS F 172 -1.88 -62.07 14.27
C LYS F 172 -2.07 -62.38 15.75
N PHE F 173 -3.28 -62.09 16.25
CA PHE F 173 -3.58 -62.12 17.68
C PHE F 173 -4.98 -62.69 17.92
N PRO F 174 -5.13 -63.67 18.79
CA PRO F 174 -6.48 -64.13 19.16
C PRO F 174 -7.04 -63.31 20.31
N CYS F 175 -8.34 -62.98 20.18
CA CYS F 175 -9.02 -62.10 21.10
C CYS F 175 -10.24 -62.81 21.66
N THR F 176 -10.39 -62.78 22.99
CA THR F 176 -11.41 -63.58 23.65
C THR F 176 -12.28 -62.83 24.65
N ARG F 177 -11.80 -61.74 25.27
CA ARG F 177 -12.60 -61.00 26.26
C ARG F 177 -13.88 -60.49 25.60
N PRO F 178 -15.05 -60.98 26.01
CA PRO F 178 -16.27 -60.73 25.23
C PRO F 178 -16.99 -59.46 25.66
N PRO F 179 -16.98 -58.40 24.84
CA PRO F 179 -18.21 -57.66 24.59
C PRO F 179 -18.76 -58.07 23.24
N CYS F 180 -18.08 -59.04 22.63
CA CYS F 180 -18.37 -59.56 21.31
C CYS F 180 -18.38 -61.09 21.35
N THR F 181 -19.11 -61.68 20.41
CA THR F 181 -19.39 -63.11 20.40
C THR F 181 -18.23 -63.85 19.74
N GLY F 182 -17.64 -64.80 20.46
CA GLY F 182 -16.67 -65.73 19.92
C GLY F 182 -15.23 -65.26 20.11
N VAL F 183 -14.32 -65.96 19.45
CA VAL F 183 -12.90 -65.62 19.44
C VAL F 183 -12.59 -64.96 18.10
N VAL F 184 -11.92 -63.81 18.14
CA VAL F 184 -11.66 -63.02 16.94
C VAL F 184 -10.17 -63.06 16.66
N ASP F 185 -9.80 -63.51 15.46
CA ASP F 185 -8.42 -63.54 15.00
C ASP F 185 -8.12 -62.22 14.31
N CYS F 186 -7.22 -61.44 14.89
CA CYS F 186 -7.11 -60.03 14.57
C CYS F 186 -5.69 -59.71 14.10
N TYR F 187 -5.60 -58.88 13.06
CA TYR F 187 -4.38 -58.71 12.29
C TYR F 187 -3.71 -57.37 12.61
N VAL F 188 -2.40 -57.42 12.83
CA VAL F 188 -1.62 -56.19 13.00
C VAL F 188 -1.36 -55.57 11.64
N SER F 189 -0.87 -54.34 11.65
CA SER F 189 -0.52 -53.62 10.44
C SER F 189 0.98 -53.41 10.37
N ARG F 190 1.58 -53.82 9.26
CA ARG F 190 2.98 -53.53 8.91
C ARG F 190 3.91 -54.01 10.02
N PRO F 191 4.14 -55.33 10.13
CA PRO F 191 5.01 -55.85 11.18
C PRO F 191 6.50 -55.82 10.86
N THR F 192 6.87 -56.09 9.61
CA THR F 192 8.29 -56.24 9.28
C THR F 192 9.05 -54.93 9.44
N GLU F 193 8.43 -53.81 9.05
CA GLU F 193 9.03 -52.51 9.28
C GLU F 193 9.31 -52.31 10.76
N LYS F 194 8.34 -52.67 11.60
CA LYS F 194 8.49 -52.49 13.04
C LYS F 194 9.61 -53.36 13.58
N SER F 195 9.67 -54.63 13.15
CA SER F 195 10.71 -55.53 13.64
C SER F 195 12.09 -55.05 13.23
N LEU F 196 12.26 -54.64 11.97
CA LEU F 196 13.56 -54.14 11.54
C LEU F 196 13.95 -52.87 12.29
N LEU F 197 13.01 -51.94 12.45
CA LEU F 197 13.32 -50.68 13.10
C LEU F 197 13.68 -50.89 14.57
N MET F 198 12.94 -51.75 15.27
CA MET F 198 13.24 -51.98 16.68
C MET F 198 14.50 -52.82 16.84
N LEU F 199 14.84 -53.65 15.85
CA LEU F 199 16.15 -54.29 15.85
C LEU F 199 17.26 -53.26 15.72
N PHE F 200 17.07 -52.24 14.88
CA PHE F 200 18.06 -51.19 14.75
C PHE F 200 18.22 -50.44 16.08
N LEU F 201 17.11 -50.13 16.74
CA LEU F 201 17.19 -49.49 18.05
C LEU F 201 17.90 -50.38 19.07
N TRP F 202 17.62 -51.68 19.05
CA TRP F 202 18.31 -52.61 19.95
C TRP F 202 19.81 -52.59 19.72
N ALA F 203 20.21 -52.61 18.44
CA ALA F 203 21.63 -52.61 18.12
C ALA F 203 22.31 -51.32 18.57
N VAL F 204 21.69 -50.17 18.31
CA VAL F 204 22.33 -48.91 18.69
C VAL F 204 22.38 -48.77 20.21
N SER F 205 21.35 -49.25 20.90
CA SER F 205 21.36 -49.23 22.36
C SER F 205 22.46 -50.13 22.91
N ALA F 206 22.65 -51.31 22.30
CA ALA F 206 23.71 -52.20 22.75
C ALA F 206 25.08 -51.57 22.53
N LEU F 207 25.28 -50.90 21.39
CA LEU F 207 26.55 -50.22 21.14
C LEU F 207 26.79 -49.11 22.16
N SER F 208 25.75 -48.31 22.43
CA SER F 208 25.88 -47.24 23.41
C SER F 208 26.19 -47.79 24.81
N PHE F 209 25.59 -48.92 25.18
CA PHE F 209 25.87 -49.51 26.48
C PHE F 209 27.33 -49.89 26.62
N LEU F 210 27.89 -50.56 25.62
CA LEU F 210 29.29 -50.95 25.69
C LEU F 210 30.21 -49.74 25.70
N LEU F 211 29.90 -48.72 24.89
CA LEU F 211 30.74 -47.52 24.88
C LEU F 211 30.69 -46.80 26.22
N GLY F 212 29.50 -46.72 26.83
CA GLY F 212 29.39 -46.13 28.14
C GLY F 212 30.13 -46.89 29.21
N LEU F 213 30.09 -48.23 29.16
CA LEU F 213 30.92 -49.02 30.05
C LEU F 213 32.41 -48.74 29.84
N ALA F 214 32.82 -48.55 28.59
CA ALA F 214 34.20 -48.18 28.30
C ALA F 214 34.59 -46.84 28.92
N ASP F 215 33.69 -45.85 28.88
CA ASP F 215 34.00 -44.54 29.43
C ASP F 215 34.43 -44.60 30.89
N LEU F 216 33.62 -45.23 31.75
CA LEU F 216 33.93 -45.27 33.18
C LEU F 216 35.20 -46.06 33.45
N VAL F 217 35.35 -47.22 32.81
CA VAL F 217 36.50 -48.08 33.10
C VAL F 217 37.79 -47.44 32.62
N CYS F 218 37.75 -46.61 31.58
CA CYS F 218 38.93 -45.86 31.19
C CYS F 218 39.18 -44.62 32.06
N SER F 219 38.12 -43.91 32.42
CA SER F 219 38.24 -42.70 33.23
C SER F 219 38.76 -42.98 34.63
N LEU F 220 38.33 -44.06 35.27
CA LEU F 220 38.85 -44.41 36.58
C LEU F 220 40.34 -44.74 36.54
N ARG F 221 40.78 -45.46 35.52
CA ARG F 221 42.21 -45.75 35.38
C ARG F 221 43.02 -44.50 35.11
N ARG F 222 42.52 -43.59 34.26
CA ARG F 222 43.26 -42.38 33.93
C ARG F 222 43.29 -41.36 35.06
N ARG F 223 42.82 -41.70 36.25
CA ARG F 223 42.88 -40.77 37.37
C ARG F 223 43.70 -41.32 38.52
N MET F 224 43.73 -42.66 38.69
CA MET F 224 44.68 -43.27 39.61
C MET F 224 46.09 -43.39 39.03
N ARG F 225 46.26 -43.13 37.74
CA ARG F 225 47.59 -43.19 37.15
C ARG F 225 48.45 -42.04 37.67
N ARG F 226 47.81 -40.97 38.13
CA ARG F 226 48.52 -39.80 38.66
C ARG F 226 49.03 -40.07 40.07
N ARG F 227 48.53 -41.16 40.67
CA ARG F 227 48.97 -41.53 42.01
C ARG F 227 50.17 -42.48 41.93
N GLY G 3 47.50 -12.48 20.72
CA GLY G 3 46.75 -11.86 21.80
C GLY G 3 45.28 -11.72 21.52
N VAL G 4 44.59 -12.85 21.41
CA VAL G 4 43.16 -12.90 21.12
C VAL G 4 42.48 -13.77 22.17
N ASP G 5 41.20 -13.50 22.40
CA ASP G 5 40.38 -14.30 23.30
C ASP G 5 40.21 -15.70 22.70
N LEU G 6 39.78 -16.66 23.52
CA LEU G 6 39.69 -18.03 23.05
C LEU G 6 38.36 -18.32 22.37
N LEU G 7 37.43 -17.37 22.38
CA LEU G 7 36.33 -17.39 21.42
C LEU G 7 36.78 -16.81 20.08
N GLY G 8 38.06 -16.46 20.04
CA GLY G 8 38.76 -15.93 18.88
C GLY G 8 39.48 -17.06 18.18
N PHE G 9 40.70 -17.36 18.62
CA PHE G 9 41.41 -18.52 18.09
C PHE G 9 40.70 -19.80 18.52
N LEU G 10 39.46 -19.95 18.06
CA LEU G 10 38.72 -21.20 18.15
C LEU G 10 37.93 -21.51 16.88
N ILE G 11 37.69 -20.54 16.01
CA ILE G 11 36.96 -20.75 14.77
C ILE G 11 37.88 -20.70 13.55
N ILE G 12 38.98 -19.95 13.65
CA ILE G 12 39.99 -19.98 12.59
C ILE G 12 40.67 -21.34 12.56
N THR G 13 40.90 -21.93 13.73
CA THR G 13 41.34 -23.32 13.78
C THR G 13 40.28 -24.27 13.25
N LEU G 14 39.06 -23.79 13.05
CA LEU G 14 38.01 -24.56 12.41
C LEU G 14 37.89 -24.27 10.92
N ASN G 15 37.92 -22.99 10.54
CA ASN G 15 37.74 -22.62 9.14
C ASN G 15 38.97 -22.94 8.30
N CYS G 16 40.16 -22.73 8.85
CA CYS G 16 41.39 -22.91 8.08
C CYS G 16 41.64 -24.35 7.67
N ASN G 17 41.10 -25.33 8.39
CA ASN G 17 41.32 -26.73 8.07
C ASN G 17 40.23 -27.29 7.16
N VAL G 18 39.32 -26.46 6.68
CA VAL G 18 38.24 -26.90 5.79
C VAL G 18 38.16 -25.93 4.61
N THR G 19 37.97 -26.47 3.42
CA THR G 19 37.93 -25.67 2.20
C THR G 19 36.51 -25.16 1.95
N MET G 20 36.42 -24.11 1.14
CA MET G 20 35.13 -23.50 0.83
C MET G 20 34.22 -24.46 0.10
N VAL G 21 34.80 -25.39 -0.67
CA VAL G 21 33.99 -26.42 -1.32
C VAL G 21 33.30 -27.29 -0.27
N GLY G 22 33.98 -27.57 0.83
CA GLY G 22 33.36 -28.35 1.90
C GLY G 22 32.19 -27.63 2.55
N LYS G 23 32.35 -26.34 2.81
CA LYS G 23 31.24 -25.56 3.36
C LYS G 23 30.08 -25.51 2.38
N LEU G 24 30.37 -25.35 1.09
CA LEU G 24 29.31 -25.38 0.09
C LEU G 24 28.60 -26.72 0.07
N TRP G 25 29.36 -27.82 0.20
CA TRP G 25 28.75 -29.14 0.31
C TRP G 25 27.82 -29.22 1.50
N PHE G 26 28.27 -28.71 2.66
CA PHE G 26 27.45 -28.75 3.86
C PHE G 26 26.15 -27.97 3.64
N VAL G 27 26.25 -26.79 3.02
CA VAL G 27 25.07 -25.96 2.80
C VAL G 27 24.10 -26.65 1.85
N LEU G 28 24.60 -27.21 0.74
CA LEU G 28 23.71 -27.87 -0.21
C LEU G 28 23.06 -29.11 0.38
N THR G 29 23.80 -29.89 1.16
CA THR G 29 23.24 -31.11 1.72
C THR G 29 22.41 -30.89 2.98
N MET G 30 22.41 -29.68 3.55
CA MET G 30 21.45 -29.39 4.61
C MET G 30 20.26 -28.58 4.15
N LEU G 31 20.40 -27.76 3.10
CA LEU G 31 19.30 -26.93 2.63
C LEU G 31 18.44 -27.60 1.56
N LEU G 32 19.05 -28.30 0.60
CA LEU G 32 18.28 -29.01 -0.42
C LEU G 32 18.16 -30.51 -0.15
N ARG G 33 18.78 -31.03 0.90
CA ARG G 33 18.76 -32.46 1.14
C ARG G 33 18.15 -32.83 2.49
N MET G 34 18.59 -32.18 3.56
CA MET G 34 17.99 -32.39 4.88
C MET G 34 16.64 -31.69 5.04
N LEU G 35 16.37 -30.64 4.28
CA LEU G 35 15.16 -29.86 4.45
C LEU G 35 14.00 -30.37 3.59
N VAL G 36 14.27 -30.81 2.36
CA VAL G 36 13.20 -31.26 1.49
C VAL G 36 12.60 -32.56 2.02
N ILE G 37 13.42 -33.44 2.60
CA ILE G 37 12.95 -34.77 2.97
C ILE G 37 11.98 -34.71 4.14
N VAL G 38 12.31 -33.94 5.18
CA VAL G 38 11.44 -33.85 6.34
C VAL G 38 10.18 -33.06 6.01
N LEU G 39 10.30 -32.06 5.15
CA LEU G 39 9.25 -31.08 4.97
C LEU G 39 8.28 -31.45 3.85
N ALA G 40 8.75 -32.12 2.80
CA ALA G 40 7.91 -32.54 1.69
C ALA G 40 7.74 -34.05 1.61
N GLY G 41 8.69 -34.84 2.14
CA GLY G 41 8.57 -36.28 2.05
C GLY G 41 7.71 -36.87 3.14
N ARG G 42 7.63 -36.16 4.27
CA ARG G 42 6.77 -36.60 5.37
C ARG G 42 5.29 -36.57 4.99
N PRO G 43 4.75 -35.49 4.42
CA PRO G 43 3.30 -35.49 4.13
C PRO G 43 2.90 -36.39 2.97
N VAL G 44 3.77 -36.56 1.97
CA VAL G 44 3.37 -37.30 0.78
C VAL G 44 3.16 -38.78 1.11
N TYR G 45 3.92 -39.31 2.06
CA TYR G 45 3.96 -40.74 2.33
C TYR G 45 3.08 -41.15 3.51
N GLN G 46 2.25 -40.24 4.01
CA GLN G 46 1.29 -40.60 5.05
C GLN G 46 0.15 -41.43 4.47
N ASP G 47 -0.26 -41.13 3.23
CA ASP G 47 -1.41 -41.78 2.60
C ASP G 47 -0.97 -42.90 1.68
N GLU G 48 0.25 -43.42 1.90
CA GLU G 48 0.66 -44.65 1.24
C GLU G 48 -0.08 -45.85 1.81
N GLN G 49 -0.67 -45.70 3.00
CA GLN G 49 -1.42 -46.76 3.66
C GLN G 49 -2.91 -46.65 3.43
N GLU G 50 -3.43 -45.42 3.37
CA GLU G 50 -4.88 -45.21 3.37
C GLU G 50 -5.52 -45.70 2.07
N ARG G 51 -4.81 -45.57 0.96
CA ARG G 51 -5.44 -45.80 -0.34
C ARG G 51 -4.66 -46.84 -1.15
N PHE G 52 -4.35 -47.97 -0.51
CA PHE G 52 -3.78 -49.14 -1.17
C PHE G 52 -4.99 -49.97 -1.60
N VAL G 53 -5.91 -49.30 -2.31
CA VAL G 53 -7.25 -49.83 -2.53
C VAL G 53 -7.27 -50.77 -3.72
N CYS G 54 -8.03 -51.85 -3.59
CA CYS G 54 -8.08 -52.93 -4.58
C CYS G 54 -9.18 -53.94 -4.29
N ASN G 55 -9.50 -54.72 -5.32
CA ASN G 55 -10.74 -55.49 -5.38
C ASN G 55 -10.63 -56.75 -4.52
N THR G 56 -11.02 -56.60 -3.25
CA THR G 56 -11.25 -57.75 -2.39
C THR G 56 -12.28 -57.36 -1.33
N LEU G 57 -12.87 -58.38 -0.72
CA LEU G 57 -13.92 -58.16 0.27
C LEU G 57 -13.67 -58.84 1.60
N GLN G 58 -12.99 -59.97 1.63
CA GLN G 58 -12.75 -60.64 2.91
C GLN G 58 -11.74 -59.83 3.69
N PRO G 59 -11.94 -59.58 4.98
CA PRO G 59 -10.99 -58.75 5.73
C PRO G 59 -9.63 -59.44 5.87
N GLY G 60 -8.57 -58.64 5.73
CA GLY G 60 -7.21 -59.12 5.96
C GLY G 60 -6.45 -59.52 4.71
N CYS G 61 -6.96 -59.21 3.52
CA CYS G 61 -6.18 -59.45 2.31
C CYS G 61 -5.33 -58.24 1.96
N ALA G 62 -5.89 -57.03 2.08
CA ALA G 62 -5.15 -55.83 1.69
C ALA G 62 -3.91 -55.63 2.55
N ASN G 63 -4.00 -55.93 3.85
CA ASN G 63 -2.87 -55.70 4.75
C ASN G 63 -1.68 -56.61 4.38
N VAL G 64 -1.94 -57.89 4.16
CA VAL G 64 -0.87 -58.80 3.76
C VAL G 64 -0.39 -58.46 2.35
N CYS G 65 -1.29 -57.96 1.49
CA CYS G 65 -0.89 -57.56 0.15
C CYS G 65 0.11 -56.40 0.20
N TYR G 66 -0.13 -55.42 1.07
CA TYR G 66 0.85 -54.35 1.20
C TYR G 66 2.11 -54.85 1.89
N ASP G 67 1.97 -55.74 2.87
CA ASP G 67 3.14 -56.28 3.55
C ASP G 67 4.08 -56.98 2.57
N VAL G 68 3.53 -57.75 1.64
CA VAL G 68 4.37 -58.34 0.61
C VAL G 68 4.74 -57.29 -0.44
N PHE G 69 3.98 -56.19 -0.52
CA PHE G 69 4.28 -55.15 -1.50
C PHE G 69 5.50 -54.33 -1.09
N SER G 70 5.43 -53.68 0.07
CA SER G 70 6.50 -52.80 0.54
C SER G 70 7.11 -53.36 1.82
N PRO G 71 8.22 -54.09 1.71
CA PRO G 71 8.94 -54.50 2.93
C PRO G 71 9.48 -53.31 3.72
N VAL G 72 10.20 -52.42 3.05
CA VAL G 72 10.77 -51.24 3.68
C VAL G 72 10.44 -50.03 2.82
N SER G 73 9.82 -49.02 3.42
CA SER G 73 9.57 -47.78 2.71
C SER G 73 10.86 -47.01 2.50
N HIS G 74 11.02 -46.45 1.31
CA HIS G 74 12.25 -45.76 0.97
C HIS G 74 12.39 -44.40 1.65
N LEU G 75 11.34 -43.89 2.29
CA LEU G 75 11.48 -42.69 3.11
C LEU G 75 12.42 -42.95 4.29
N ARG G 76 12.24 -44.07 4.98
CA ARG G 76 13.14 -44.42 6.08
C ARG G 76 14.54 -44.65 5.56
N PHE G 77 14.67 -45.24 4.36
CA PHE G 77 15.98 -45.42 3.74
C PHE G 77 16.65 -44.08 3.51
N TRP G 78 15.90 -43.10 3.00
CA TRP G 78 16.47 -41.78 2.77
C TRP G 78 16.90 -41.12 4.07
N LEU G 79 16.08 -41.23 5.12
CA LEU G 79 16.44 -40.60 6.39
C LEU G 79 17.67 -41.25 7.01
N ILE G 80 17.76 -42.58 6.99
CA ILE G 80 18.92 -43.24 7.57
C ILE G 80 20.17 -42.92 6.74
N GLN G 81 20.02 -42.85 5.42
CA GLN G 81 21.13 -42.44 4.58
C GLN G 81 21.57 -41.01 4.92
N GLY G 82 20.62 -40.12 5.13
CA GLY G 82 20.97 -38.75 5.48
C GLY G 82 21.69 -38.65 6.81
N VAL G 83 21.21 -39.37 7.82
CA VAL G 83 21.86 -39.27 9.13
C VAL G 83 23.26 -39.90 9.07
N CYS G 84 23.43 -40.98 8.30
CA CYS G 84 24.76 -41.56 8.23
C CYS G 84 25.70 -40.70 7.38
N VAL G 85 25.17 -39.94 6.42
CA VAL G 85 26.05 -39.09 5.61
C VAL G 85 26.29 -37.76 6.32
N LEU G 86 25.55 -37.47 7.39
CA LEU G 86 25.88 -36.30 8.19
C LEU G 86 26.66 -36.63 9.47
N LEU G 87 26.70 -37.90 9.89
CA LEU G 87 27.39 -38.24 11.13
C LEU G 87 28.88 -37.91 11.14
N PRO G 88 29.69 -38.32 10.14
CA PRO G 88 31.13 -38.04 10.23
C PRO G 88 31.48 -36.58 10.33
N SER G 89 30.70 -35.69 9.69
CA SER G 89 30.97 -34.27 9.79
C SER G 89 30.75 -33.75 11.20
N ALA G 90 29.87 -34.39 11.96
CA ALA G 90 29.69 -34.06 13.37
C ALA G 90 30.80 -34.65 14.25
N VAL G 91 31.20 -35.89 13.99
CA VAL G 91 32.25 -36.47 14.83
C VAL G 91 33.58 -35.74 14.60
N PHE G 92 33.88 -35.37 13.36
CA PHE G 92 35.07 -34.56 13.10
C PHE G 92 34.96 -33.18 13.72
N SER G 93 33.78 -32.57 13.67
CA SER G 93 33.60 -31.27 14.31
C SER G 93 33.92 -31.36 15.80
N VAL G 94 33.37 -32.37 16.47
CA VAL G 94 33.65 -32.53 17.90
C VAL G 94 35.14 -32.79 18.12
N TYR G 95 35.75 -33.60 17.27
CA TYR G 95 37.19 -33.88 17.39
C TYR G 95 38.01 -32.60 17.32
N VAL G 96 37.74 -31.75 16.32
CA VAL G 96 38.58 -30.58 16.11
C VAL G 96 38.33 -29.54 17.20
N LEU G 97 37.08 -29.34 17.61
CA LEU G 97 36.85 -28.45 18.74
C LEU G 97 37.51 -28.96 20.01
N HIS G 98 37.47 -30.27 20.25
CA HIS G 98 38.11 -30.81 21.45
C HIS G 98 39.62 -30.60 21.43
N ARG G 99 40.24 -30.84 20.28
CA ARG G 99 41.69 -30.65 20.21
C ARG G 99 42.11 -29.19 20.05
N GLY G 100 41.18 -28.29 19.77
CA GLY G 100 41.52 -26.88 19.70
C GLY G 100 41.32 -26.15 21.02
N ALA G 101 40.28 -26.54 21.75
CA ALA G 101 39.99 -25.92 23.04
C ALA G 101 40.92 -26.40 24.15
N THR G 102 41.65 -27.49 23.94
CA THR G 102 42.53 -28.03 24.96
C THR G 102 43.92 -27.43 24.92
N LEU G 103 44.49 -27.25 23.73
CA LEU G 103 45.85 -26.72 23.63
C LEU G 103 45.93 -25.28 24.12
N ALA G 104 44.87 -24.50 23.96
CA ALA G 104 44.88 -23.11 24.40
C ALA G 104 44.97 -22.98 25.91
N ALA G 105 44.54 -24.01 26.66
CA ALA G 105 44.62 -23.94 28.11
C ALA G 105 46.07 -23.87 28.59
N LEU G 106 46.95 -24.67 27.99
CA LEU G 106 48.35 -24.65 28.39
C LEU G 106 49.03 -23.36 27.94
N GLY G 107 48.66 -22.85 26.77
CA GLY G 107 49.24 -21.63 26.25
C GLY G 107 50.60 -21.88 25.61
N PRO G 108 51.29 -20.80 25.23
CA PRO G 108 52.62 -20.90 24.62
C PRO G 108 53.69 -21.38 25.59
N GLY G 133 50.25 -13.65 12.31
CA GLY G 133 51.05 -13.96 13.48
C GLY G 133 50.34 -14.89 14.46
N LEU G 134 49.71 -15.92 13.93
CA LEU G 134 48.99 -16.90 14.73
C LEU G 134 49.74 -18.23 14.78
N GLN G 135 49.22 -19.14 15.58
CA GLN G 135 49.80 -20.48 15.77
C GLN G 135 48.75 -21.55 15.53
N VAL G 136 48.05 -21.43 14.41
CA VAL G 136 46.95 -22.34 14.05
C VAL G 136 47.49 -23.75 13.86
N PRO G 137 46.91 -24.75 14.52
CA PRO G 137 47.34 -26.13 14.30
C PRO G 137 46.89 -26.62 12.92
N ASP G 138 47.54 -27.68 12.46
CA ASP G 138 47.31 -28.24 11.13
C ASP G 138 46.63 -29.60 11.28
N PHE G 139 45.30 -29.60 11.15
CA PHE G 139 44.53 -30.85 11.15
C PHE G 139 44.20 -31.25 9.71
N SER G 140 45.23 -31.77 9.04
CA SER G 140 45.11 -32.21 7.66
C SER G 140 44.99 -33.72 7.52
N ALA G 141 45.60 -34.48 8.43
CA ALA G 141 45.53 -35.94 8.37
C ALA G 141 44.11 -36.46 8.52
N GLY G 142 43.32 -35.87 9.41
CA GLY G 142 41.97 -36.35 9.62
C GLY G 142 40.97 -35.95 8.56
N TYR G 143 41.20 -34.86 7.84
CA TYR G 143 40.25 -34.40 6.83
C TYR G 143 40.30 -35.27 5.58
N ILE G 144 41.48 -35.75 5.21
CA ILE G 144 41.61 -36.63 4.06
C ILE G 144 40.98 -37.99 4.33
N ILE G 145 41.20 -38.54 5.52
CA ILE G 145 40.53 -39.80 5.87
C ILE G 145 39.04 -39.57 6.05
N HIS G 146 38.66 -38.39 6.53
CA HIS G 146 37.25 -38.01 6.58
C HIS G 146 36.61 -38.07 5.19
N LEU G 147 37.27 -37.49 4.20
CA LEU G 147 36.71 -37.49 2.85
C LEU G 147 36.74 -38.89 2.23
N LEU G 148 37.74 -39.70 2.59
CA LEU G 148 37.76 -41.10 2.15
C LEU G 148 36.54 -41.84 2.69
N LEU G 149 36.24 -41.66 3.98
CA LEU G 149 35.05 -42.28 4.56
C LEU G 149 33.79 -41.75 3.90
N ARG G 150 33.77 -40.45 3.59
CA ARG G 150 32.63 -39.88 2.85
C ARG G 150 32.43 -40.58 1.52
N THR G 151 33.49 -40.70 0.72
CA THR G 151 33.38 -41.31 -0.60
C THR G 151 32.96 -42.76 -0.48
N LEU G 152 33.43 -43.46 0.55
CA LEU G 152 33.08 -44.88 0.70
C LEU G 152 31.65 -45.07 1.19
N LEU G 153 31.13 -44.14 2.01
CA LEU G 153 29.81 -44.31 2.60
C LEU G 153 28.67 -43.83 1.70
N GLU G 154 28.96 -43.38 0.48
CA GLU G 154 27.89 -42.95 -0.42
C GLU G 154 27.62 -43.95 -1.54
N ALA G 155 28.67 -44.48 -2.17
CA ALA G 155 28.49 -45.38 -3.30
C ALA G 155 27.77 -46.66 -2.89
N ALA G 156 28.10 -47.19 -1.71
CA ALA G 156 27.46 -48.42 -1.26
C ALA G 156 25.95 -48.23 -1.07
N PHE G 157 25.55 -47.16 -0.36
CA PHE G 157 24.13 -46.92 -0.15
C PHE G 157 23.43 -46.59 -1.46
N GLY G 158 24.13 -45.94 -2.39
CA GLY G 158 23.56 -45.76 -3.72
C GLY G 158 23.32 -47.08 -4.42
N ALA G 159 24.25 -48.03 -4.27
CA ALA G 159 24.07 -49.36 -4.86
C ALA G 159 22.88 -50.08 -4.25
N LEU G 160 22.72 -50.00 -2.92
CA LEU G 160 21.54 -50.58 -2.29
C LEU G 160 20.26 -49.92 -2.78
N HIS G 161 20.26 -48.60 -2.92
CA HIS G 161 19.08 -47.92 -3.46
C HIS G 161 18.75 -48.43 -4.85
N TYR G 162 19.76 -48.56 -5.71
CA TYR G 162 19.54 -49.00 -7.07
C TYR G 162 19.02 -50.44 -7.13
N PHE G 163 19.58 -51.32 -6.30
CA PHE G 163 19.17 -52.72 -6.30
C PHE G 163 17.85 -52.97 -5.57
N LEU G 164 17.40 -52.05 -4.73
CA LEU G 164 16.17 -52.28 -3.97
C LEU G 164 14.97 -51.53 -4.52
N PHE G 165 15.11 -50.23 -4.83
CA PHE G 165 13.95 -49.43 -5.19
C PHE G 165 13.91 -49.02 -6.65
N GLY G 166 14.93 -49.35 -7.44
CA GLY G 166 14.87 -49.07 -8.86
C GLY G 166 14.86 -47.59 -9.18
N PHE G 167 14.19 -47.24 -10.27
CA PHE G 167 14.12 -45.86 -10.75
C PHE G 167 12.71 -45.30 -10.79
N LEU G 168 11.70 -46.09 -11.14
CA LEU G 168 10.32 -45.63 -11.20
C LEU G 168 9.43 -46.61 -10.46
N ALA G 169 8.44 -46.05 -9.74
CA ALA G 169 7.54 -46.84 -8.93
C ALA G 169 6.43 -47.46 -9.79
N PRO G 170 6.09 -48.72 -9.54
CA PRO G 170 4.99 -49.36 -10.26
C PRO G 170 3.66 -48.64 -10.04
N LYS G 171 2.72 -48.94 -10.93
CA LYS G 171 1.37 -48.37 -10.86
C LYS G 171 0.35 -49.36 -10.29
N LYS G 172 0.55 -50.65 -10.51
CA LYS G 172 -0.33 -51.69 -10.00
C LYS G 172 0.51 -52.92 -9.67
N PHE G 173 -0.04 -53.77 -8.79
CA PHE G 173 0.68 -54.88 -8.19
C PHE G 173 -0.20 -56.12 -8.08
N PRO G 174 0.26 -57.28 -8.55
CA PRO G 174 -0.51 -58.51 -8.33
C PRO G 174 -0.14 -59.15 -7.00
N CYS G 175 -1.17 -59.62 -6.29
CA CYS G 175 -1.03 -60.16 -4.95
C CYS G 175 -1.58 -61.57 -4.92
N THR G 176 -0.81 -62.50 -4.35
CA THR G 176 -1.13 -63.92 -4.43
C THR G 176 -1.09 -64.67 -3.11
N ARG G 177 -0.29 -64.25 -2.13
CA ARG G 177 -0.20 -64.95 -0.85
C ARG G 177 -1.57 -64.98 -0.18
N PRO G 178 -2.17 -66.16 -0.02
CA PRO G 178 -3.60 -66.22 0.35
C PRO G 178 -3.81 -66.26 1.86
N PRO G 179 -4.32 -65.17 2.46
CA PRO G 179 -5.37 -65.33 3.46
C PRO G 179 -6.70 -64.99 2.81
N CYS G 180 -6.63 -64.70 1.51
CA CYS G 180 -7.75 -64.28 0.69
C CYS G 180 -7.77 -65.10 -0.61
N THR G 181 -8.96 -65.20 -1.19
CA THR G 181 -9.21 -66.09 -2.33
C THR G 181 -8.82 -65.39 -3.62
N GLY G 182 -7.92 -66.01 -4.39
CA GLY G 182 -7.60 -65.58 -5.73
C GLY G 182 -6.39 -64.66 -5.77
N VAL G 183 -6.18 -64.07 -6.95
CA VAL G 183 -5.12 -63.08 -7.17
C VAL G 183 -5.77 -61.71 -7.21
N VAL G 184 -5.22 -60.76 -6.46
CA VAL G 184 -5.81 -59.44 -6.31
C VAL G 184 -4.89 -58.42 -6.98
N ASP G 185 -5.44 -57.68 -7.94
CA ASP G 185 -4.72 -56.63 -8.63
C ASP G 185 -4.93 -55.33 -7.85
N CYS G 186 -3.85 -54.79 -7.30
CA CYS G 186 -3.95 -53.80 -6.26
C CYS G 186 -3.20 -52.53 -6.67
N TYR G 187 -3.81 -51.38 -6.35
CA TYR G 187 -3.42 -50.10 -6.93
C TYR G 187 -2.68 -49.25 -5.92
N VAL G 188 -1.55 -48.67 -6.35
CA VAL G 188 -0.83 -47.72 -5.51
C VAL G 188 -1.54 -46.36 -5.58
N SER G 189 -1.12 -45.46 -4.69
CA SER G 189 -1.66 -44.12 -4.64
C SER G 189 -0.59 -43.12 -5.03
N ARG G 190 -0.90 -42.27 -6.00
CA ARG G 190 -0.09 -41.12 -6.39
C ARG G 190 1.33 -41.54 -6.74
N PRO G 191 1.53 -42.16 -7.91
CA PRO G 191 2.87 -42.61 -8.29
C PRO G 191 3.76 -41.56 -8.92
N THR G 192 3.19 -40.66 -9.74
CA THR G 192 4.01 -39.73 -10.50
C THR G 192 4.72 -38.72 -9.59
N GLU G 193 4.02 -38.25 -8.55
CA GLU G 193 4.67 -37.39 -7.57
C GLU G 193 5.87 -38.08 -6.97
N LYS G 194 5.71 -39.37 -6.61
CA LYS G 194 6.78 -40.12 -5.99
C LYS G 194 7.96 -40.29 -6.95
N SER G 195 7.68 -40.62 -8.21
CA SER G 195 8.74 -40.81 -9.19
C SER G 195 9.51 -39.52 -9.42
N LEU G 196 8.81 -38.40 -9.59
CA LEU G 196 9.48 -37.12 -9.79
C LEU G 196 10.31 -36.74 -8.57
N LEU G 197 9.75 -36.90 -7.37
CA LEU G 197 10.46 -36.49 -6.16
C LEU G 197 11.71 -37.35 -5.95
N MET G 198 11.60 -38.65 -6.16
CA MET G 198 12.76 -39.52 -5.95
C MET G 198 13.79 -39.33 -7.07
N LEU G 199 13.34 -38.94 -8.26
CA LEU G 199 14.30 -38.52 -9.28
C LEU G 199 15.07 -37.29 -8.85
N PHE G 200 14.38 -36.33 -8.22
CA PHE G 200 15.06 -35.14 -7.71
C PHE G 200 16.09 -35.51 -6.66
N LEU G 201 15.72 -36.42 -5.74
CA LEU G 201 16.68 -36.89 -4.75
C LEU G 201 17.86 -37.60 -5.40
N TRP G 202 17.61 -38.42 -6.43
CA TRP G 202 18.69 -39.09 -7.12
C TRP G 202 19.64 -38.07 -7.75
N ALA G 203 19.09 -37.03 -8.37
CA ALA G 203 19.93 -36.02 -9.01
C ALA G 203 20.77 -35.27 -7.98
N VAL G 204 20.17 -34.85 -6.86
CA VAL G 204 20.93 -34.09 -5.87
C VAL G 204 21.99 -34.98 -5.23
N SER G 205 21.68 -36.25 -5.01
CA SER G 205 22.67 -37.18 -4.46
C SER G 205 23.83 -37.37 -5.43
N ALA G 206 23.52 -37.48 -6.73
CA ALA G 206 24.59 -37.62 -7.73
C ALA G 206 25.47 -36.38 -7.75
N LEU G 207 24.87 -35.19 -7.67
CA LEU G 207 25.66 -33.96 -7.65
C LEU G 207 26.55 -33.92 -6.40
N SER G 208 26.00 -34.27 -5.24
CA SER G 208 26.78 -34.28 -4.02
C SER G 208 27.93 -35.29 -4.09
N PHE G 209 27.70 -36.44 -4.70
CA PHE G 209 28.76 -37.44 -4.84
C PHE G 209 29.93 -36.89 -5.64
N LEU G 210 29.65 -36.27 -6.79
CA LEU G 210 30.73 -35.72 -7.60
C LEU G 210 31.45 -34.58 -6.88
N LEU G 211 30.71 -33.72 -6.20
CA LEU G 211 31.35 -32.62 -5.48
C LEU G 211 32.24 -33.15 -4.36
N GLY G 212 31.76 -34.18 -3.64
CA GLY G 212 32.58 -34.78 -2.60
C GLY G 212 33.83 -35.44 -3.15
N LEU G 213 33.72 -36.11 -4.29
CA LEU G 213 34.93 -36.63 -4.96
C LEU G 213 35.88 -35.51 -5.33
N ALA G 214 35.35 -34.37 -5.77
CA ALA G 214 36.20 -33.22 -6.06
C ALA G 214 36.93 -32.71 -4.82
N ASP G 215 36.27 -32.68 -3.67
CA ASP G 215 36.91 -32.19 -2.45
C ASP G 215 38.20 -32.93 -2.13
N LEU G 216 38.16 -34.27 -2.06
CA LEU G 216 39.35 -35.02 -1.68
C LEU G 216 40.46 -34.88 -2.72
N VAL G 217 40.10 -34.98 -4.01
CA VAL G 217 41.12 -34.96 -5.05
C VAL G 217 41.78 -33.59 -5.15
N CYS G 218 41.08 -32.52 -4.80
CA CYS G 218 41.71 -31.21 -4.73
C CYS G 218 42.51 -31.00 -3.45
N SER G 219 41.99 -31.46 -2.31
CA SER G 219 42.64 -31.30 -1.02
C SER G 219 43.96 -32.05 -0.93
N LEU G 220 44.04 -33.27 -1.49
CA LEU G 220 45.30 -33.99 -1.49
C LEU G 220 46.37 -33.30 -2.33
N ARG G 221 45.99 -32.75 -3.48
CA ARG G 221 46.94 -32.00 -4.30
C ARG G 221 47.40 -30.73 -3.60
N ARG G 222 46.49 -30.00 -2.96
CA ARG G 222 46.85 -28.75 -2.32
C ARG G 222 47.66 -28.93 -1.03
N ARG G 223 48.10 -30.14 -0.73
CA ARG G 223 48.92 -30.36 0.46
C ARG G 223 50.29 -30.93 0.10
N MET G 224 50.38 -31.69 -0.99
CA MET G 224 51.69 -32.07 -1.52
C MET G 224 52.33 -30.95 -2.35
N ARG G 225 51.60 -29.88 -2.66
CA ARG G 225 52.20 -28.78 -3.40
C ARG G 225 53.21 -28.04 -2.54
N ARG G 226 53.08 -28.16 -1.21
CA ARG G 226 53.99 -27.50 -0.28
C ARG G 226 55.30 -28.26 -0.19
N ARG G 227 55.31 -29.48 -0.72
CA ARG G 227 56.52 -30.30 -0.72
C ARG G 227 57.33 -30.05 -1.99
N GLY H 3 42.08 -2.43 16.63
CA GLY H 3 42.27 -3.20 17.84
C GLY H 3 40.97 -3.76 18.40
N VAL H 4 40.36 -4.68 17.65
CA VAL H 4 39.09 -5.29 18.03
C VAL H 4 39.26 -6.81 17.95
N ASP H 5 38.46 -7.52 18.74
CA ASP H 5 38.44 -8.97 18.71
C ASP H 5 37.86 -9.43 17.37
N LEU H 6 38.07 -10.70 17.02
CA LEU H 6 37.64 -11.17 15.71
C LEU H 6 36.18 -11.63 15.70
N LEU H 7 35.52 -11.64 16.86
CA LEU H 7 34.06 -11.65 16.88
C LEU H 7 33.52 -10.23 16.70
N GLY H 8 34.46 -9.31 16.50
CA GLY H 8 34.24 -7.89 16.25
C GLY H 8 34.27 -7.65 14.76
N PHE H 9 35.46 -7.42 14.22
CA PHE H 9 35.61 -7.29 12.77
C PHE H 9 35.33 -8.64 12.12
N LEU H 10 34.09 -9.11 12.26
CA LEU H 10 33.56 -10.24 11.51
C LEU H 10 32.13 -10.03 11.07
N ILE H 11 31.40 -9.08 11.65
CA ILE H 11 30.02 -8.79 11.28
C ILE H 11 29.90 -7.48 10.52
N ILE H 12 30.80 -6.53 10.78
CA ILE H 12 30.85 -5.32 9.98
C ILE H 12 31.30 -5.63 8.57
N THR H 13 32.23 -6.58 8.42
CA THR H 13 32.56 -7.10 7.10
C THR H 13 31.39 -7.85 6.48
N LEU H 14 30.35 -8.15 7.27
CA LEU H 14 29.11 -8.72 6.76
C LEU H 14 28.05 -7.66 6.49
N ASN H 15 27.85 -6.73 7.42
CA ASN H 15 26.80 -5.74 7.27
C ASN H 15 27.15 -4.69 6.22
N CYS H 16 28.42 -4.27 6.16
CA CYS H 16 28.81 -3.19 5.26
C CYS H 16 28.67 -3.55 3.79
N ASN H 17 28.73 -4.83 3.44
CA ASN H 17 28.64 -5.26 2.05
C ASN H 17 27.21 -5.57 1.63
N VAL H 18 26.23 -5.32 2.49
CA VAL H 18 24.83 -5.57 2.18
C VAL H 18 24.01 -4.34 2.59
N THR H 19 23.06 -3.97 1.75
CA THR H 19 22.24 -2.78 1.97
C THR H 19 21.02 -3.13 2.84
N MET H 20 20.46 -2.09 3.46
CA MET H 20 19.31 -2.29 4.34
C MET H 20 18.10 -2.83 3.58
N VAL H 21 18.00 -2.51 2.29
CA VAL H 21 16.95 -3.08 1.47
C VAL H 21 17.09 -4.59 1.39
N GLY H 22 18.33 -5.09 1.31
CA GLY H 22 18.54 -6.53 1.28
C GLY H 22 18.13 -7.21 2.58
N LYS H 23 18.46 -6.60 3.72
CA LYS H 23 18.02 -7.16 4.99
C LYS H 23 16.50 -7.15 5.10
N LEU H 24 15.87 -6.07 4.64
CA LEU H 24 14.41 -6.02 4.63
C LEU H 24 13.83 -7.11 3.74
N TRP H 25 14.45 -7.37 2.59
CA TRP H 25 14.03 -8.46 1.73
C TRP H 25 14.12 -9.79 2.46
N PHE H 26 15.24 -10.02 3.16
CA PHE H 26 15.43 -11.26 3.90
C PHE H 26 14.33 -11.42 4.94
N VAL H 27 14.03 -10.35 5.67
CA VAL H 27 13.02 -10.42 6.73
C VAL H 27 11.65 -10.71 6.15
N LEU H 28 11.27 -10.01 5.08
CA LEU H 28 9.96 -10.24 4.49
C LEU H 28 9.83 -11.64 3.90
N THR H 29 10.88 -12.15 3.25
CA THR H 29 10.79 -13.46 2.64
C THR H 29 11.02 -14.61 3.61
N MET H 30 11.43 -14.34 4.85
CA MET H 30 11.43 -15.40 5.86
C MET H 30 10.25 -15.33 6.82
N LEU H 31 9.68 -14.14 7.06
CA LEU H 31 8.57 -14.01 8.00
C LEU H 31 7.21 -14.14 7.34
N LEU H 32 7.01 -13.56 6.15
CA LEU H 32 5.74 -13.71 5.45
C LEU H 32 5.78 -14.74 4.33
N ARG H 33 6.93 -15.35 4.05
CA ARG H 33 7.02 -16.28 2.93
C ARG H 33 7.46 -17.67 3.36
N MET H 34 8.52 -17.79 4.16
CA MET H 34 8.94 -19.07 4.70
C MET H 34 8.06 -19.55 5.85
N LEU H 35 7.39 -18.65 6.56
CA LEU H 35 6.60 -19.03 7.74
C LEU H 35 5.16 -19.37 7.41
N VAL H 36 4.53 -18.66 6.47
CA VAL H 36 3.14 -18.94 6.15
C VAL H 36 3.00 -20.30 5.48
N ILE H 37 3.98 -20.68 4.65
CA ILE H 37 3.83 -21.88 3.83
C ILE H 37 3.89 -23.14 4.70
N VAL H 38 4.85 -23.21 5.61
CA VAL H 38 4.98 -24.40 6.46
C VAL H 38 3.83 -24.46 7.46
N LEU H 39 3.39 -23.31 7.95
CA LEU H 39 2.51 -23.25 9.10
C LEU H 39 1.03 -23.27 8.72
N ALA H 40 0.67 -22.69 7.57
CA ALA H 40 -0.71 -22.65 7.10
C ALA H 40 -0.93 -23.50 5.86
N GLY H 41 0.09 -23.74 5.05
CA GLY H 41 -0.09 -24.51 3.84
C GLY H 41 -0.02 -26.00 4.08
N ARG H 42 0.68 -26.40 5.13
CA ARG H 42 0.76 -27.82 5.49
C ARG H 42 -0.60 -28.36 5.92
N PRO H 43 -1.35 -27.73 6.82
CA PRO H 43 -2.63 -28.34 7.25
C PRO H 43 -3.71 -28.29 6.19
N VAL H 44 -3.75 -27.25 5.35
CA VAL H 44 -4.85 -27.10 4.41
C VAL H 44 -4.83 -28.21 3.36
N TYR H 45 -3.64 -28.69 3.00
CA TYR H 45 -3.48 -29.60 1.88
C TYR H 45 -3.36 -31.05 2.30
N GLN H 46 -3.62 -31.36 3.58
CA GLN H 46 -3.67 -32.75 4.00
C GLN H 46 -4.93 -33.44 3.51
N ASP H 47 -6.04 -32.73 3.45
CA ASP H 47 -7.33 -33.29 3.09
C ASP H 47 -7.65 -33.05 1.62
N GLU H 48 -6.62 -32.80 0.82
CA GLU H 48 -6.79 -32.79 -0.62
C GLU H 48 -7.00 -34.20 -1.15
N GLN H 49 -6.64 -35.21 -0.36
CA GLN H 49 -6.80 -36.61 -0.73
C GLN H 49 -8.06 -37.23 -0.16
N GLU H 50 -8.46 -36.83 1.05
CA GLU H 50 -9.53 -37.51 1.76
C GLU H 50 -10.88 -37.29 1.10
N ARG H 51 -11.10 -36.12 0.51
CA ARG H 51 -12.43 -35.75 0.06
C ARG H 51 -12.41 -35.35 -1.42
N PHE H 52 -11.78 -36.20 -2.25
CA PHE H 52 -11.84 -36.07 -3.71
C PHE H 52 -13.05 -36.90 -4.12
N VAL H 53 -14.19 -36.59 -3.48
CA VAL H 53 -15.35 -37.48 -3.51
C VAL H 53 -16.19 -37.22 -4.75
N CYS H 54 -16.70 -38.30 -5.34
CA CYS H 54 -17.42 -38.26 -6.60
C CYS H 54 -18.09 -39.59 -6.95
N ASN H 55 -19.04 -39.51 -7.89
CA ASN H 55 -20.02 -40.58 -8.09
C ASN H 55 -19.40 -41.74 -8.86
N THR H 56 -18.86 -42.68 -8.12
CA THR H 56 -18.48 -43.97 -8.69
C THR H 56 -18.53 -45.01 -7.57
N LEU H 57 -18.60 -46.27 -7.98
CA LEU H 57 -18.72 -47.37 -7.03
C LEU H 57 -17.67 -48.46 -7.19
N GLN H 58 -17.17 -48.71 -8.40
CA GLN H 58 -16.16 -49.74 -8.57
C GLN H 58 -14.86 -49.25 -7.95
N PRO H 59 -14.15 -50.07 -7.19
CA PRO H 59 -12.92 -49.59 -6.55
C PRO H 59 -11.83 -49.29 -7.59
N GLY H 60 -11.11 -48.20 -7.36
CA GLY H 60 -9.97 -47.85 -8.18
C GLY H 60 -10.23 -46.84 -9.28
N CYS H 61 -11.40 -46.18 -9.27
CA CYS H 61 -11.63 -45.10 -10.22
C CYS H 61 -11.18 -43.76 -9.65
N ALA H 62 -11.48 -43.52 -8.37
CA ALA H 62 -11.15 -42.22 -7.77
C ALA H 62 -9.65 -41.98 -7.74
N ASN H 63 -8.86 -43.03 -7.46
CA ASN H 63 -7.41 -42.85 -7.36
C ASN H 63 -6.81 -42.44 -8.70
N VAL H 64 -7.18 -43.13 -9.78
CA VAL H 64 -6.68 -42.76 -11.10
C VAL H 64 -7.24 -41.40 -11.53
N CYS H 65 -8.47 -41.09 -11.10
CA CYS H 65 -9.04 -39.79 -11.41
C CYS H 65 -8.23 -38.66 -10.78
N TYR H 66 -7.81 -38.83 -9.53
CA TYR H 66 -6.96 -37.81 -8.93
C TYR H 66 -5.57 -37.81 -9.56
N ASP H 67 -5.05 -39.00 -9.90
CA ASP H 67 -3.74 -39.07 -10.53
C ASP H 67 -3.70 -38.29 -11.84
N VAL H 68 -4.76 -38.41 -12.65
CA VAL H 68 -4.84 -37.58 -13.85
C VAL H 68 -5.23 -36.16 -13.50
N PHE H 69 -5.82 -35.94 -12.32
CA PHE H 69 -6.21 -34.60 -11.91
C PHE H 69 -5.00 -33.75 -11.52
N SER H 70 -4.27 -34.19 -10.50
CA SER H 70 -3.13 -33.44 -9.97
C SER H 70 -1.85 -34.22 -10.19
N PRO H 71 -1.10 -33.93 -11.25
CA PRO H 71 0.23 -34.54 -11.40
C PRO H 71 1.19 -34.12 -10.31
N VAL H 72 1.31 -32.81 -10.07
CA VAL H 72 2.19 -32.27 -9.04
C VAL H 72 1.40 -31.27 -8.22
N SER H 73 1.37 -31.46 -6.90
CA SER H 73 0.74 -30.49 -6.03
C SER H 73 1.61 -29.23 -5.93
N HIS H 74 0.95 -28.08 -5.98
CA HIS H 74 1.66 -26.81 -5.97
C HIS H 74 2.25 -26.44 -4.62
N LEU H 75 1.92 -27.18 -3.56
CA LEU H 75 2.60 -26.98 -2.28
C LEU H 75 4.07 -27.36 -2.40
N ARG H 76 4.36 -28.51 -3.02
CA ARG H 76 5.75 -28.89 -3.23
C ARG H 76 6.45 -27.91 -4.16
N PHE H 77 5.74 -27.38 -5.15
CA PHE H 77 6.29 -26.36 -6.02
C PHE H 77 6.69 -25.13 -5.22
N TRP H 78 5.81 -24.69 -4.31
CA TRP H 78 6.12 -23.53 -3.49
C TRP H 78 7.32 -23.78 -2.59
N LEU H 79 7.40 -24.97 -1.99
CA LEU H 79 8.53 -25.25 -1.11
C LEU H 79 9.85 -25.31 -1.87
N ILE H 80 9.86 -25.96 -3.05
CA ILE H 80 11.10 -26.04 -3.81
C ILE H 80 11.49 -24.65 -4.32
N GLN H 81 10.50 -23.85 -4.70
CA GLN H 81 10.78 -22.47 -5.09
C GLN H 81 11.38 -21.69 -3.92
N GLY H 82 10.84 -21.88 -2.72
CA GLY H 82 11.37 -21.18 -1.56
C GLY H 82 12.80 -21.59 -1.24
N VAL H 83 13.08 -22.88 -1.29
CA VAL H 83 14.45 -23.32 -0.96
C VAL H 83 15.43 -22.85 -2.02
N CYS H 84 15.02 -22.83 -3.30
CA CYS H 84 15.94 -22.35 -4.31
C CYS H 84 16.11 -20.83 -4.25
N VAL H 85 15.09 -20.10 -3.77
CA VAL H 85 15.24 -18.65 -3.69
C VAL H 85 15.93 -18.26 -2.38
N LEU H 86 16.10 -19.21 -1.46
CA LEU H 86 16.92 -18.91 -0.28
C LEU H 86 18.33 -19.49 -0.36
N LEU H 87 18.61 -20.40 -1.29
CA LEU H 87 19.93 -21.01 -1.37
C LEU H 87 21.06 -20.02 -1.65
N PRO H 88 20.99 -19.15 -2.66
CA PRO H 88 22.14 -18.27 -2.93
C PRO H 88 22.50 -17.34 -1.78
N SER H 89 21.53 -16.91 -0.99
CA SER H 89 21.83 -16.06 0.16
C SER H 89 22.62 -16.82 1.22
N ALA H 90 22.46 -18.13 1.28
CA ALA H 90 23.27 -18.96 2.16
C ALA H 90 24.65 -19.23 1.59
N VAL H 91 24.75 -19.49 0.28
CA VAL H 91 26.08 -19.76 -0.28
C VAL H 91 26.94 -18.50 -0.23
N PHE H 92 26.35 -17.34 -0.50
CA PHE H 92 27.08 -16.09 -0.36
C PHE H 92 27.46 -15.81 1.08
N SER H 93 26.56 -16.12 2.02
CA SER H 93 26.91 -15.93 3.43
C SER H 93 28.12 -16.76 3.80
N VAL H 94 28.13 -18.03 3.41
CA VAL H 94 29.28 -18.88 3.71
C VAL H 94 30.52 -18.35 3.03
N TYR H 95 30.39 -17.88 1.77
CA TYR H 95 31.54 -17.32 1.06
C TYR H 95 32.14 -16.14 1.82
N VAL H 96 31.30 -15.19 2.25
CA VAL H 96 31.82 -13.97 2.85
C VAL H 96 32.39 -14.26 4.24
N LEU H 97 31.74 -15.12 5.03
CA LEU H 97 32.34 -15.49 6.31
C LEU H 97 33.67 -16.22 6.11
N HIS H 98 33.77 -17.09 5.10
CA HIS H 98 35.01 -17.80 4.86
C HIS H 98 36.12 -16.84 4.47
N ARG H 99 35.83 -15.88 3.60
CA ARG H 99 36.87 -14.93 3.19
C ARG H 99 37.13 -13.83 4.22
N GLY H 100 36.27 -13.68 5.23
CA GLY H 100 36.52 -12.70 6.26
C GLY H 100 37.26 -13.27 7.45
N ALA H 101 36.96 -14.53 7.79
CA ALA H 101 37.62 -15.19 8.91
C ALA H 101 39.03 -15.65 8.58
N THR H 102 39.41 -15.68 7.30
CA THR H 102 40.73 -16.15 6.90
C THR H 102 41.77 -15.03 6.88
N LEU H 103 41.40 -13.85 6.37
CA LEU H 103 42.36 -12.76 6.28
C LEU H 103 42.80 -12.27 7.66
N ALA H 104 41.91 -12.33 8.65
CA ALA H 104 42.26 -11.87 9.99
C ALA H 104 43.34 -12.73 10.64
N ALA H 105 43.48 -13.98 10.22
CA ALA H 105 44.51 -14.84 10.79
C ALA H 105 45.90 -14.32 10.50
N LEU H 106 46.14 -13.87 9.26
CA LEU H 106 47.46 -13.34 8.91
C LEU H 106 47.70 -11.99 9.58
N GLY H 107 46.66 -11.17 9.71
CA GLY H 107 46.78 -9.88 10.32
C GLY H 107 47.37 -8.86 9.37
N PRO H 108 47.67 -7.65 9.88
CA PRO H 108 48.25 -6.57 9.07
C PRO H 108 49.68 -6.87 8.64
N GLY H 133 38.51 3.89 11.42
CA GLY H 133 39.88 3.41 11.31
C GLY H 133 39.97 1.90 11.16
N LEU H 134 39.12 1.34 10.30
CA LEU H 134 39.09 -0.09 10.06
C LEU H 134 39.63 -0.40 8.67
N GLN H 135 39.75 -1.70 8.39
CA GLN H 135 40.28 -2.21 7.13
C GLN H 135 39.30 -3.20 6.51
N VAL H 136 38.03 -2.80 6.45
CA VAL H 136 36.95 -3.67 5.95
C VAL H 136 37.19 -3.99 4.49
N PRO H 137 37.16 -5.27 4.09
CA PRO H 137 37.29 -5.62 2.68
C PRO H 137 36.03 -5.24 1.92
N ASP H 138 36.18 -5.15 0.60
CA ASP H 138 35.10 -4.71 -0.30
C ASP H 138 34.66 -5.90 -1.13
N PHE H 139 33.58 -6.56 -0.70
CA PHE H 139 32.97 -7.65 -1.46
C PHE H 139 31.76 -7.11 -2.23
N SER H 140 32.06 -6.39 -3.30
CA SER H 140 31.04 -5.79 -4.16
C SER H 140 30.81 -6.57 -5.45
N ALA H 141 31.85 -7.22 -5.98
CA ALA H 141 31.72 -7.99 -7.21
C ALA H 141 30.75 -9.16 -7.07
N GLY H 142 30.76 -9.86 -5.94
CA GLY H 142 29.87 -10.98 -5.76
C GLY H 142 28.44 -10.65 -5.45
N TYR H 143 28.15 -9.48 -4.89
CA TYR H 143 26.80 -9.11 -4.52
C TYR H 143 25.97 -8.74 -5.76
N ILE H 144 26.60 -8.10 -6.73
CA ILE H 144 25.90 -7.75 -7.97
C ILE H 144 25.57 -9.00 -8.79
N ILE H 145 26.51 -9.95 -8.89
CA ILE H 145 26.20 -11.20 -9.57
C ILE H 145 25.21 -12.01 -8.76
N HIS H 146 25.29 -11.90 -7.42
CA HIS H 146 24.28 -12.51 -6.56
C HIS H 146 22.89 -12.01 -6.91
N LEU H 147 22.72 -10.70 -7.05
CA LEU H 147 21.41 -10.13 -7.35
C LEU H 147 20.98 -10.46 -8.77
N LEU H 148 21.95 -10.57 -9.70
CA LEU H 148 21.63 -11.03 -11.04
C LEU H 148 21.05 -12.43 -11.02
N LEU H 149 21.69 -13.34 -10.27
CA LEU H 149 21.17 -14.69 -10.13
C LEU H 149 19.80 -14.67 -9.47
N ARG H 150 19.61 -13.80 -8.47
CA ARG H 150 18.29 -13.66 -7.85
C ARG H 150 17.23 -13.28 -8.88
N THR H 151 17.51 -12.24 -9.67
CA THR H 151 16.52 -11.78 -10.64
C THR H 151 16.24 -12.86 -11.69
N LEU H 152 17.26 -13.64 -12.05
CA LEU H 152 17.06 -14.66 -13.06
C LEU H 152 16.31 -15.87 -12.51
N LEU H 153 16.49 -16.20 -11.23
CA LEU H 153 15.89 -17.40 -10.66
C LEU H 153 14.46 -17.20 -10.17
N GLU H 154 13.88 -16.01 -10.35
CA GLU H 154 12.50 -15.79 -9.94
C GLU H 154 11.52 -15.75 -11.10
N ALA H 155 11.86 -15.05 -12.18
CA ALA H 155 10.95 -14.90 -13.31
C ALA H 155 10.65 -16.24 -13.96
N ALA H 156 11.66 -17.10 -14.09
CA ALA H 156 11.45 -18.40 -14.73
C ALA H 156 10.46 -19.25 -13.93
N PHE H 157 10.66 -19.35 -12.62
CA PHE H 157 9.74 -20.15 -11.81
C PHE H 157 8.36 -19.51 -11.75
N GLY H 158 8.29 -18.19 -11.81
CA GLY H 158 6.98 -17.55 -11.96
C GLY H 158 6.30 -17.94 -13.26
N ALA H 159 7.06 -18.03 -14.34
CA ALA H 159 6.51 -18.44 -15.63
C ALA H 159 6.00 -19.88 -15.56
N LEU H 160 6.77 -20.78 -14.94
CA LEU H 160 6.29 -22.14 -14.76
C LEU H 160 5.02 -22.18 -13.91
N HIS H 161 4.97 -21.38 -12.84
CA HIS H 161 3.75 -21.33 -12.02
C HIS H 161 2.55 -20.89 -12.87
N TYR H 162 2.75 -19.85 -13.68
CA TYR H 162 1.65 -19.33 -14.49
C TYR H 162 1.20 -20.35 -15.53
N PHE H 163 2.14 -21.04 -16.17
CA PHE H 163 1.78 -22.01 -17.20
C PHE H 163 1.28 -23.34 -16.65
N LEU H 164 1.52 -23.64 -15.38
CA LEU H 164 1.10 -24.92 -14.83
C LEU H 164 -0.14 -24.83 -13.96
N PHE H 165 -0.20 -23.87 -13.03
CA PHE H 165 -1.27 -23.85 -12.06
C PHE H 165 -2.26 -22.72 -12.25
N GLY H 166 -2.04 -21.82 -13.20
CA GLY H 166 -3.02 -20.78 -13.50
C GLY H 166 -3.19 -19.80 -12.35
N PHE H 167 -4.41 -19.29 -12.22
CA PHE H 167 -4.74 -18.28 -11.21
C PHE H 167 -5.80 -18.74 -10.22
N LEU H 168 -6.81 -19.49 -10.66
CA LEU H 168 -7.86 -19.97 -9.77
C LEU H 168 -8.08 -21.46 -9.98
N ALA H 169 -8.31 -22.17 -8.88
CA ALA H 169 -8.48 -23.61 -8.90
C ALA H 169 -9.89 -24.00 -9.34
N PRO H 170 -10.02 -25.02 -10.19
CA PRO H 170 -11.34 -25.49 -10.59
C PRO H 170 -12.15 -25.99 -9.40
N LYS H 171 -13.46 -26.10 -9.64
CA LYS H 171 -14.41 -26.59 -8.64
C LYS H 171 -14.81 -28.03 -8.88
N LYS H 172 -14.85 -28.46 -10.14
CA LYS H 172 -15.21 -29.83 -10.50
C LYS H 172 -14.40 -30.24 -11.72
N PHE H 173 -14.25 -31.56 -11.91
CA PHE H 173 -13.33 -32.13 -12.89
C PHE H 173 -13.96 -33.35 -13.57
N PRO H 174 -13.97 -33.40 -14.90
CA PRO H 174 -14.43 -34.63 -15.57
C PRO H 174 -13.29 -35.62 -15.74
N CYS H 175 -13.61 -36.89 -15.50
CA CYS H 175 -12.62 -37.97 -15.49
C CYS H 175 -13.06 -39.04 -16.48
N THR H 176 -12.13 -39.46 -17.34
CA THR H 176 -12.47 -40.34 -18.44
C THR H 176 -11.58 -41.58 -18.60
N ARG H 177 -10.31 -41.54 -18.16
CA ARG H 177 -9.41 -42.68 -18.30
C ARG H 177 -10.00 -43.89 -17.57
N PRO H 178 -10.37 -44.94 -18.29
CA PRO H 178 -11.19 -46.01 -17.67
C PRO H 178 -10.35 -47.11 -17.04
N PRO H 179 -10.30 -47.21 -15.71
CA PRO H 179 -10.43 -48.52 -15.07
C PRO H 179 -11.85 -48.65 -14.54
N CYS H 180 -12.64 -47.62 -14.81
CA CYS H 180 -14.01 -47.48 -14.35
C CYS H 180 -14.91 -47.09 -15.52
N THR H 181 -16.19 -47.43 -15.40
CA THR H 181 -17.16 -47.32 -16.49
C THR H 181 -17.72 -45.89 -16.52
N GLY H 182 -17.56 -45.23 -17.67
CA GLY H 182 -18.21 -43.97 -17.94
C GLY H 182 -17.30 -42.77 -17.63
N VAL H 183 -17.90 -41.59 -17.65
CA VAL H 183 -17.25 -40.34 -17.30
C VAL H 183 -17.71 -39.95 -15.90
N VAL H 184 -16.76 -39.63 -15.02
CA VAL H 184 -17.07 -39.34 -13.63
C VAL H 184 -16.81 -37.87 -13.36
N ASP H 185 -17.83 -37.16 -12.89
CA ASP H 185 -17.72 -35.76 -12.52
C ASP H 185 -17.33 -35.68 -11.06
N CYS H 186 -16.13 -35.16 -10.79
CA CYS H 186 -15.48 -35.36 -9.51
C CYS H 186 -15.17 -34.01 -8.87
N TYR H 187 -15.37 -33.94 -7.56
CA TYR H 187 -15.42 -32.67 -6.84
C TYR H 187 -14.17 -32.47 -6.01
N VAL H 188 -13.60 -31.26 -6.10
CA VAL H 188 -12.48 -30.90 -5.24
C VAL H 188 -13.00 -30.53 -3.85
N SER H 189 -12.09 -30.39 -2.91
CA SER H 189 -12.41 -30.01 -1.55
C SER H 189 -11.84 -28.64 -1.24
N ARG H 190 -12.70 -27.73 -0.79
CA ARG H 190 -12.32 -26.42 -0.25
C ARG H 190 -11.50 -25.64 -1.27
N PRO H 191 -12.15 -25.10 -2.31
CA PRO H 191 -11.40 -24.36 -3.34
C PRO H 191 -11.13 -22.89 -3.02
N THR H 192 -12.08 -22.22 -2.36
CA THR H 192 -11.94 -20.77 -2.15
C THR H 192 -10.78 -20.44 -1.22
N GLU H 193 -10.59 -21.24 -0.17
CA GLU H 193 -9.44 -21.07 0.69
C GLU H 193 -8.15 -21.16 -0.12
N LYS H 194 -8.08 -22.15 -1.00
CA LYS H 194 -6.89 -22.36 -1.81
C LYS H 194 -6.65 -21.18 -2.74
N SER H 195 -7.72 -20.70 -3.41
CA SER H 195 -7.56 -19.58 -4.34
C SER H 195 -7.11 -18.32 -3.61
N LEU H 196 -7.72 -18.01 -2.47
CA LEU H 196 -7.30 -16.83 -1.71
C LEU H 196 -5.86 -16.95 -1.24
N LEU H 197 -5.49 -18.12 -0.70
CA LEU H 197 -4.15 -18.30 -0.16
C LEU H 197 -3.10 -18.19 -1.27
N MET H 198 -3.36 -18.81 -2.42
CA MET H 198 -2.38 -18.76 -3.50
C MET H 198 -2.35 -17.38 -4.16
N LEU H 199 -3.47 -16.65 -4.10
CA LEU H 199 -3.42 -15.25 -4.50
C LEU H 199 -2.52 -14.44 -3.56
N PHE H 200 -2.59 -14.72 -2.27
CA PHE H 200 -1.70 -14.04 -1.32
C PHE H 200 -0.24 -14.35 -1.62
N LEU H 201 0.06 -15.63 -1.90
CA LEU H 201 1.43 -15.98 -2.27
C LEU H 201 1.86 -15.29 -3.56
N TRP H 202 0.96 -15.20 -4.55
CA TRP H 202 1.28 -14.51 -5.79
C TRP H 202 1.61 -13.04 -5.52
N ALA H 203 0.82 -12.40 -4.67
CA ALA H 203 1.05 -10.99 -4.36
C ALA H 203 2.38 -10.78 -3.65
N VAL H 204 2.69 -11.61 -2.66
CA VAL H 204 3.93 -11.42 -1.92
C VAL H 204 5.13 -11.72 -2.80
N SER H 205 5.00 -12.72 -3.69
CA SER H 205 6.08 -13.01 -4.64
C SER H 205 6.29 -11.85 -5.60
N ALA H 206 5.20 -11.24 -6.07
CA ALA H 206 5.33 -10.09 -6.96
C ALA H 206 6.01 -8.92 -6.25
N LEU H 207 5.65 -8.68 -4.99
CA LEU H 207 6.29 -7.61 -4.23
C LEU H 207 7.79 -7.89 -4.05
N SER H 208 8.13 -9.13 -3.71
CA SER H 208 9.53 -9.50 -3.54
C SER H 208 10.31 -9.35 -4.84
N PHE H 209 9.69 -9.69 -5.97
CA PHE H 209 10.37 -9.55 -7.25
C PHE H 209 10.73 -8.09 -7.53
N LEU H 210 9.78 -7.18 -7.34
CA LEU H 210 10.05 -5.77 -7.59
C LEU H 210 11.10 -5.23 -6.62
N LEU H 211 11.03 -5.62 -5.35
CA LEU H 211 12.01 -5.15 -4.38
C LEU H 211 13.41 -5.67 -4.73
N GLY H 212 13.50 -6.93 -5.15
CA GLY H 212 14.78 -7.47 -5.58
C GLY H 212 15.34 -6.78 -6.80
N LEU H 213 14.48 -6.45 -7.77
CA LEU H 213 14.92 -5.64 -8.91
C LEU H 213 15.42 -4.28 -8.46
N ALA H 214 14.76 -3.68 -7.46
CA ALA H 214 15.23 -2.42 -6.91
C ALA H 214 16.63 -2.54 -6.29
N ASP H 215 16.89 -3.64 -5.57
CA ASP H 215 18.19 -3.81 -4.93
C ASP H 215 19.36 -3.69 -5.92
N LEU H 216 19.33 -4.46 -7.00
CA LEU H 216 20.45 -4.44 -7.95
C LEU H 216 20.58 -3.10 -8.64
N VAL H 217 19.46 -2.52 -9.07
CA VAL H 217 19.53 -1.28 -9.83
C VAL H 217 20.00 -0.12 -8.96
N CYS H 218 19.73 -0.17 -7.65
CA CYS H 218 20.29 0.83 -6.74
C CYS H 218 21.75 0.55 -6.38
N SER H 219 22.11 -0.71 -6.14
CA SER H 219 23.45 -1.09 -5.77
C SER H 219 24.47 -0.82 -6.85
N LEU H 220 24.14 -1.06 -8.12
CA LEU H 220 25.04 -0.74 -9.21
C LEU H 220 25.31 0.75 -9.34
N ARG H 221 24.27 1.58 -9.17
CA ARG H 221 24.46 3.02 -9.20
C ARG H 221 25.30 3.50 -8.03
N ARG H 222 25.07 2.97 -6.84
CA ARG H 222 25.81 3.43 -5.66
C ARG H 222 27.26 2.95 -5.63
N ARG H 223 27.76 2.34 -6.70
CA ARG H 223 29.16 1.93 -6.73
C ARG H 223 29.93 2.60 -7.85
N MET H 224 29.25 2.95 -8.96
CA MET H 224 29.85 3.83 -9.96
C MET H 224 29.82 5.29 -9.58
N ARG H 225 29.09 5.65 -8.51
CA ARG H 225 29.09 7.05 -8.09
C ARG H 225 30.43 7.45 -7.51
N ARG H 226 31.20 6.46 -7.05
CA ARG H 226 32.53 6.71 -6.48
C ARG H 226 33.55 6.98 -7.58
N ARG H 227 33.17 6.67 -8.81
CA ARG H 227 34.05 6.92 -9.96
C ARG H 227 33.81 8.30 -10.53
N GLY I 3 35.69 1.84 26.28
CA GLY I 3 36.62 0.76 25.95
C GLY I 3 36.01 -0.61 26.12
N VAL I 4 35.02 -0.93 25.28
CA VAL I 4 34.32 -2.20 25.32
C VAL I 4 34.33 -2.79 23.92
N ASP I 5 34.25 -4.11 23.85
CA ASP I 5 34.15 -4.83 22.58
C ASP I 5 32.81 -4.50 21.93
N LEU I 6 32.68 -4.78 20.64
CA LEU I 6 31.46 -4.39 19.94
C LEU I 6 30.37 -5.45 20.05
N LEU I 7 30.66 -6.60 20.67
CA LEU I 7 29.59 -7.45 21.19
C LEU I 7 29.13 -6.94 22.55
N GLY I 8 29.72 -5.82 22.96
CA GLY I 8 29.44 -5.09 24.17
C GLY I 8 28.47 -3.97 23.87
N PHE I 9 28.99 -2.82 23.45
CA PHE I 9 28.13 -1.73 23.02
C PHE I 9 27.44 -2.12 21.72
N LEU I 10 26.61 -3.16 21.81
CA LEU I 10 25.66 -3.53 20.76
C LEU I 10 24.31 -3.95 21.29
N ILE I 11 24.20 -4.27 22.58
CA ILE I 11 22.94 -4.69 23.18
C ILE I 11 22.39 -3.62 24.12
N ILE I 12 23.27 -2.80 24.70
CA ILE I 12 22.81 -1.65 25.48
C ILE I 12 22.17 -0.63 24.55
N THR I 13 22.74 -0.46 23.35
CA THR I 13 22.06 0.33 22.34
C THR I 13 20.75 -0.30 21.89
N LEU I 14 20.51 -1.55 22.26
CA LEU I 14 19.23 -2.20 22.04
C LEU I 14 18.31 -2.12 23.23
N ASN I 15 18.82 -2.37 24.43
CA ASN I 15 17.98 -2.40 25.62
C ASN I 15 17.57 -1.00 26.05
N CYS I 16 18.48 -0.02 25.94
CA CYS I 16 18.21 1.32 26.43
C CYS I 16 17.11 2.03 25.67
N ASN I 17 16.86 1.66 24.41
CA ASN I 17 15.84 2.31 23.60
C ASN I 17 14.49 1.62 23.69
N VAL I 18 14.35 0.62 24.55
CA VAL I 18 13.10 -0.11 24.73
C VAL I 18 12.81 -0.24 26.22
N THR I 19 11.55 -0.05 26.60
CA THR I 19 11.16 -0.09 27.99
C THR I 19 10.82 -1.52 28.42
N MET I 20 10.85 -1.74 29.74
CA MET I 20 10.59 -3.08 30.27
C MET I 20 9.18 -3.53 29.97
N VAL I 21 8.24 -2.59 29.84
CA VAL I 21 6.89 -2.93 29.44
C VAL I 21 6.88 -3.54 28.04
N GLY I 22 7.74 -3.02 27.15
CA GLY I 22 7.82 -3.59 25.81
C GLY I 22 8.35 -5.01 25.81
N LYS I 23 9.39 -5.28 26.61
CA LYS I 23 9.90 -6.64 26.71
C LYS I 23 8.86 -7.56 27.30
N LEU I 24 8.12 -7.10 28.30
CA LEU I 24 7.04 -7.90 28.86
C LEU I 24 5.97 -8.19 27.81
N TRP I 25 5.64 -7.20 26.99
CA TRP I 25 4.72 -7.41 25.88
C TRP I 25 5.23 -8.50 24.94
N PHE I 26 6.51 -8.42 24.58
CA PHE I 26 7.11 -9.41 23.69
C PHE I 26 6.99 -10.81 24.29
N VAL I 27 7.31 -10.93 25.59
CA VAL I 27 7.27 -12.24 26.24
C VAL I 27 5.85 -12.79 26.28
N LEU I 28 4.88 -11.96 26.66
CA LEU I 28 3.49 -12.43 26.72
C LEU I 28 2.95 -12.81 25.35
N THR I 29 3.28 -12.04 24.31
CA THR I 29 2.75 -12.33 22.99
C THR I 29 3.52 -13.41 22.24
N MET I 30 4.67 -13.86 22.76
CA MET I 30 5.32 -15.02 22.18
C MET I 30 5.09 -16.30 22.99
N LEU I 31 4.88 -16.19 24.30
CA LEU I 31 4.69 -17.38 25.14
C LEU I 31 3.24 -17.80 25.27
N LEU I 32 2.31 -16.86 25.45
CA LEU I 32 0.89 -17.19 25.53
C LEU I 32 0.13 -16.95 24.24
N ARG I 33 0.77 -16.40 23.21
CA ARG I 33 0.05 -16.07 21.98
C ARG I 33 0.62 -16.79 20.76
N MET I 34 1.94 -16.76 20.56
CA MET I 34 2.56 -17.50 19.48
C MET I 34 2.67 -19.00 19.76
N LEU I 35 2.68 -19.41 21.03
CA LEU I 35 2.88 -20.81 21.38
C LEU I 35 1.58 -21.59 21.48
N VAL I 36 0.51 -20.99 22.00
CA VAL I 36 -0.74 -21.71 22.15
C VAL I 36 -1.35 -22.02 20.77
N ILE I 37 -1.21 -21.10 19.82
CA ILE I 37 -1.89 -21.23 18.54
C ILE I 37 -1.32 -22.39 17.72
N VAL I 38 0.01 -22.48 17.63
CA VAL I 38 0.62 -23.54 16.84
C VAL I 38 0.45 -24.89 17.53
N LEU I 39 0.49 -24.89 18.86
CA LEU I 39 0.62 -26.13 19.62
C LEU I 39 -0.74 -26.73 20.01
N ALA I 40 -1.75 -25.89 20.24
CA ALA I 40 -3.08 -26.37 20.60
C ALA I 40 -4.12 -26.09 19.52
N GLY I 41 -3.91 -25.09 18.67
CA GLY I 41 -4.89 -24.78 17.64
C GLY I 41 -4.73 -25.63 16.41
N ARG I 42 -3.52 -26.11 16.17
CA ARG I 42 -3.27 -27.00 15.04
C ARG I 42 -4.01 -28.33 15.19
N PRO I 43 -3.94 -29.05 16.32
CA PRO I 43 -4.61 -30.35 16.39
C PRO I 43 -6.12 -30.26 16.45
N VAL I 44 -6.67 -29.22 17.08
CA VAL I 44 -8.12 -29.16 17.28
C VAL I 44 -8.84 -29.01 15.94
N TYR I 45 -8.24 -28.32 14.99
CA TYR I 45 -8.90 -27.93 13.75
C TYR I 45 -8.58 -28.86 12.58
N GLN I 46 -7.93 -30.00 12.85
CA GLN I 46 -7.72 -30.99 11.81
C GLN I 46 -9.01 -31.72 11.48
N ASP I 47 -9.85 -31.97 12.48
CA ASP I 47 -11.07 -32.75 12.32
C ASP I 47 -12.29 -31.86 12.14
N GLU I 48 -12.05 -30.62 11.73
CA GLU I 48 -13.14 -29.76 11.29
C GLU I 48 -13.71 -30.23 9.96
N GLN I 49 -12.94 -31.03 9.22
CA GLN I 49 -13.35 -31.57 7.93
C GLN I 49 -13.93 -32.98 8.04
N GLU I 50 -13.40 -33.79 8.94
CA GLU I 50 -13.74 -35.21 8.97
C GLU I 50 -15.17 -35.44 9.42
N ARG I 51 -15.69 -34.60 10.31
CA ARG I 51 -16.96 -34.89 10.95
C ARG I 51 -17.92 -33.71 10.79
N PHE I 52 -18.05 -33.23 9.55
CA PHE I 52 -19.07 -32.25 9.18
C PHE I 52 -20.28 -33.07 8.74
N VAL I 53 -20.67 -33.99 9.63
CA VAL I 53 -21.59 -35.07 9.27
C VAL I 53 -23.03 -34.61 9.36
N CYS I 54 -23.85 -35.05 8.40
CA CYS I 54 -25.22 -34.62 8.27
C CYS I 54 -25.99 -35.42 7.22
N ASN I 55 -27.33 -35.32 7.30
CA ASN I 55 -28.23 -36.27 6.66
C ASN I 55 -28.35 -35.98 5.16
N THR I 56 -27.47 -36.62 4.40
CA THR I 56 -27.62 -36.66 2.96
C THR I 56 -26.95 -37.93 2.45
N LEU I 57 -27.32 -38.33 1.24
CA LEU I 57 -26.81 -39.56 0.65
C LEU I 57 -26.18 -39.38 -0.72
N GLN I 58 -26.63 -38.43 -1.53
CA GLN I 58 -26.04 -38.26 -2.85
C GLN I 58 -24.65 -37.66 -2.68
N PRO I 59 -23.64 -38.17 -3.38
CA PRO I 59 -22.27 -37.64 -3.19
C PRO I 59 -22.16 -36.20 -3.66
N GLY I 60 -21.44 -35.38 -2.88
CA GLY I 60 -21.13 -34.03 -3.26
C GLY I 60 -22.03 -32.96 -2.66
N CYS I 61 -22.87 -33.31 -1.69
CA CYS I 61 -23.63 -32.28 -0.99
C CYS I 61 -22.86 -31.75 0.21
N ALA I 62 -22.23 -32.63 0.98
CA ALA I 62 -21.53 -32.21 2.19
C ALA I 62 -20.38 -31.25 1.88
N ASN I 63 -19.66 -31.50 0.78
CA ASN I 63 -18.51 -30.65 0.46
C ASN I 63 -18.94 -29.21 0.14
N VAL I 64 -19.98 -29.05 -0.69
CA VAL I 64 -20.48 -27.72 -1.00
C VAL I 64 -21.13 -27.10 0.23
N CYS I 65 -21.74 -27.93 1.09
CA CYS I 65 -22.33 -27.41 2.31
C CYS I 65 -21.26 -26.81 3.22
N TYR I 66 -20.11 -27.48 3.35
CA TYR I 66 -19.05 -26.87 4.15
C TYR I 66 -18.44 -25.67 3.44
N ASP I 67 -18.32 -25.73 2.11
CA ASP I 67 -17.79 -24.60 1.35
C ASP I 67 -18.62 -23.34 1.57
N VAL I 68 -19.94 -23.47 1.58
CA VAL I 68 -20.78 -22.33 1.91
C VAL I 68 -20.78 -22.08 3.41
N PHE I 69 -20.40 -23.09 4.20
CA PHE I 69 -20.37 -22.91 5.65
C PHE I 69 -19.19 -22.07 6.09
N SER I 70 -17.97 -22.53 5.80
CA SER I 70 -16.76 -21.85 6.24
C SER I 70 -15.98 -21.36 5.02
N PRO I 71 -16.14 -20.09 4.65
CA PRO I 71 -15.27 -19.52 3.60
C PRO I 71 -13.81 -19.48 4.00
N VAL I 72 -13.52 -18.94 5.18
CA VAL I 72 -12.16 -18.85 5.67
C VAL I 72 -12.15 -19.33 7.11
N SER I 73 -11.29 -20.31 7.41
CA SER I 73 -11.13 -20.77 8.77
C SER I 73 -10.39 -19.72 9.60
N HIS I 74 -10.86 -19.50 10.83
CA HIS I 74 -10.28 -18.47 11.67
C HIS I 74 -8.92 -18.84 12.24
N LEU I 75 -8.48 -20.09 12.09
CA LEU I 75 -7.11 -20.44 12.45
C LEU I 75 -6.11 -19.70 11.56
N ARG I 76 -6.36 -19.70 10.24
CA ARG I 76 -5.49 -18.95 9.34
C ARG I 76 -5.56 -17.46 9.64
N PHE I 77 -6.74 -16.96 10.01
CA PHE I 77 -6.87 -15.57 10.40
C PHE I 77 -6.00 -15.26 11.61
N TRP I 78 -6.01 -16.15 12.61
CA TRP I 78 -5.20 -15.93 13.79
C TRP I 78 -3.71 -15.96 13.45
N LEU I 79 -3.29 -16.89 12.60
CA LEU I 79 -1.87 -16.95 12.26
C LEU I 79 -1.41 -15.73 11.46
N ILE I 80 -2.22 -15.29 10.50
CA ILE I 80 -1.82 -14.10 9.73
C ILE I 80 -1.83 -12.87 10.63
N GLN I 81 -2.78 -12.78 11.55
CA GLN I 81 -2.79 -11.70 12.51
C GLN I 81 -1.54 -11.74 13.39
N GLY I 82 -1.13 -12.93 13.82
CA GLY I 82 0.07 -13.04 14.63
C GLY I 82 1.32 -12.63 13.88
N VAL I 83 1.46 -13.07 12.63
CA VAL I 83 2.67 -12.73 11.89
C VAL I 83 2.69 -11.23 11.59
N CYS I 84 1.54 -10.62 11.32
CA CYS I 84 1.55 -9.18 11.05
C CYS I 84 1.77 -8.39 12.34
N VAL I 85 1.38 -8.92 13.49
CA VAL I 85 1.59 -8.18 14.74
C VAL I 85 3.00 -8.46 15.28
N LEU I 86 3.71 -9.42 14.70
CA LEU I 86 5.11 -9.59 15.07
C LEU I 86 6.08 -9.00 14.05
N LEU I 87 5.62 -8.69 12.83
CA LEU I 87 6.53 -8.18 11.80
C LEU I 87 7.21 -6.85 12.18
N PRO I 88 6.51 -5.80 12.62
CA PRO I 88 7.21 -4.53 12.88
C PRO I 88 8.29 -4.63 13.94
N SER I 89 8.11 -5.49 14.94
CA SER I 89 9.15 -5.65 15.96
C SER I 89 10.41 -6.27 15.40
N ALA I 90 10.28 -7.06 14.33
CA ALA I 90 11.44 -7.57 13.61
C ALA I 90 12.08 -6.53 12.70
N VAL I 91 11.26 -5.75 11.99
CA VAL I 91 11.85 -4.76 11.09
C VAL I 91 12.56 -3.67 11.89
N PHE I 92 11.98 -3.27 13.03
CA PHE I 92 12.67 -2.32 13.90
C PHE I 92 13.94 -2.91 14.50
N SER I 93 13.89 -4.19 14.88
CA SER I 93 15.09 -4.83 15.39
C SER I 93 16.21 -4.79 14.36
N VAL I 94 15.91 -5.15 13.13
CA VAL I 94 16.94 -5.10 12.08
C VAL I 94 17.41 -3.68 11.87
N TYR I 95 16.49 -2.71 11.90
CA TYR I 95 16.88 -1.31 11.74
C TYR I 95 17.87 -0.87 12.81
N VAL I 96 17.58 -1.18 14.07
CA VAL I 96 18.42 -0.68 15.16
C VAL I 96 19.76 -1.39 15.18
N LEU I 97 19.77 -2.71 14.94
CA LEU I 97 21.07 -3.39 14.83
C LEU I 97 21.89 -2.86 13.66
N HIS I 98 21.25 -2.57 12.53
CA HIS I 98 21.99 -2.05 11.38
C HIS I 98 22.58 -0.68 11.70
N ARG I 99 21.81 0.20 12.34
CA ARG I 99 22.34 1.53 12.65
C ARG I 99 23.26 1.54 13.87
N GLY I 100 23.31 0.46 14.65
CA GLY I 100 24.22 0.41 15.77
C GLY I 100 25.55 -0.23 15.41
N ALA I 101 25.51 -1.24 14.54
CA ALA I 101 26.74 -1.92 14.11
C ALA I 101 27.54 -1.12 13.11
N THR I 102 26.95 -0.09 12.50
CA THR I 102 27.64 0.71 11.49
C THR I 102 28.44 1.86 12.09
N LEU I 103 27.87 2.57 13.07
CA LEU I 103 28.55 3.72 13.66
C LEU I 103 29.82 3.30 14.40
N ALA I 104 29.82 2.11 14.99
CA ALA I 104 31.00 1.65 15.73
C ALA I 104 32.20 1.43 14.82
N ALA I 105 31.98 1.17 13.52
CA ALA I 105 33.10 0.96 12.62
C ALA I 105 33.95 2.21 12.47
N LEU I 106 33.31 3.37 12.36
CA LEU I 106 34.07 4.62 12.23
C LEU I 106 34.75 4.99 13.55
N GLY I 107 34.10 4.70 14.67
CA GLY I 107 34.65 5.01 15.97
C GLY I 107 34.47 6.48 16.32
N PRO I 108 35.09 6.90 17.44
CA PRO I 108 35.01 8.30 17.90
C PRO I 108 35.76 9.25 16.98
N GLY I 133 29.79 6.32 31.25
CA GLY I 133 30.70 6.94 30.32
C GLY I 133 30.61 6.35 28.92
N LEU I 134 29.39 6.14 28.45
CA LEU I 134 29.15 5.58 27.13
C LEU I 134 28.60 6.65 26.18
N GLN I 135 28.45 6.27 24.92
CA GLN I 135 27.97 7.14 23.85
C GLN I 135 26.79 6.50 23.13
N VAL I 136 25.83 6.02 23.90
CA VAL I 136 24.67 5.31 23.37
C VAL I 136 23.85 6.24 22.50
N PRO I 137 23.52 5.84 21.27
CA PRO I 137 22.64 6.67 20.44
C PRO I 137 21.21 6.65 20.95
N ASP I 138 20.44 7.64 20.53
CA ASP I 138 19.06 7.83 20.97
C ASP I 138 18.12 7.53 19.81
N PHE I 139 17.59 6.31 19.78
CA PHE I 139 16.59 5.93 18.78
C PHE I 139 15.20 6.00 19.42
N SER I 140 14.72 7.23 19.57
CA SER I 140 13.41 7.50 20.16
C SER I 140 12.36 7.83 19.12
N ALA I 141 12.74 8.44 18.00
CA ALA I 141 11.79 8.80 16.96
C ALA I 141 11.12 7.58 16.34
N GLY I 142 11.87 6.51 16.12
CA GLY I 142 11.30 5.33 15.51
C GLY I 142 10.45 4.47 16.41
N TYR I 143 10.66 4.52 17.72
CA TYR I 143 9.92 3.68 18.65
C TYR I 143 8.49 4.20 18.85
N ILE I 144 8.32 5.51 18.84
CA ILE I 144 6.98 6.09 18.98
C ILE I 144 6.14 5.82 17.72
N ILE I 145 6.74 5.96 16.53
CA ILE I 145 6.00 5.63 15.31
C ILE I 145 5.79 4.11 15.24
N HIS I 146 6.75 3.34 15.75
CA HIS I 146 6.56 1.90 15.88
C HIS I 146 5.31 1.57 16.69
N LEU I 147 5.15 2.21 17.86
CA LEU I 147 4.00 1.94 18.71
C LEU I 147 2.71 2.47 18.08
N LEU I 148 2.80 3.58 17.33
CA LEU I 148 1.64 4.05 16.59
C LEU I 148 1.18 3.01 15.58
N LEU I 149 2.12 2.45 14.82
CA LEU I 149 1.77 1.39 13.87
C LEU I 149 1.22 0.17 14.60
N ARG I 150 1.78 -0.15 15.76
CA ARG I 150 1.23 -1.24 16.56
C ARG I 150 -0.23 -1.00 16.92
N THR I 151 -0.53 0.18 17.46
CA THR I 151 -1.89 0.49 17.88
C THR I 151 -2.84 0.49 16.69
N LEU I 152 -2.36 0.93 15.52
CA LEU I 152 -3.22 0.97 14.35
C LEU I 152 -3.46 -0.43 13.76
N LEU I 153 -2.47 -1.31 13.85
CA LEU I 153 -2.58 -2.62 13.21
C LEU I 153 -3.29 -3.66 14.06
N GLU I 154 -3.80 -3.29 15.23
CA GLU I 154 -4.54 -4.25 16.05
C GLU I 154 -6.04 -4.02 16.04
N ALA I 155 -6.48 -2.77 16.16
CA ALA I 155 -7.91 -2.48 16.23
C ALA I 155 -8.63 -2.88 14.94
N ALA I 156 -7.99 -2.65 13.79
CA ALA I 156 -8.63 -2.99 12.52
C ALA I 156 -8.85 -4.50 12.41
N PHE I 157 -7.82 -5.29 12.69
CA PHE I 157 -7.99 -6.75 12.61
C PHE I 157 -8.95 -7.26 13.66
N GLY I 158 -9.00 -6.60 14.83
CA GLY I 158 -10.04 -6.94 15.79
C GLY I 158 -11.43 -6.68 15.25
N ALA I 159 -11.60 -5.57 14.54
CA ALA I 159 -12.89 -5.26 13.93
C ALA I 159 -13.28 -6.29 12.88
N LEU I 160 -12.32 -6.70 12.05
CA LEU I 160 -12.61 -7.77 11.08
C LEU I 160 -12.97 -9.07 11.79
N HIS I 161 -12.26 -9.41 12.87
CA HIS I 161 -12.60 -10.61 13.62
C HIS I 161 -14.04 -10.52 14.14
N TYR I 162 -14.41 -9.37 14.71
CA TYR I 162 -15.74 -9.21 15.27
C TYR I 162 -16.82 -9.30 14.19
N PHE I 163 -16.59 -8.67 13.04
CA PHE I 163 -17.57 -8.67 11.97
C PHE I 163 -17.62 -9.97 11.18
N LEU I 164 -16.59 -10.82 11.26
CA LEU I 164 -16.58 -12.05 10.48
C LEU I 164 -16.91 -13.29 11.30
N PHE I 165 -16.29 -13.46 12.47
CA PHE I 165 -16.43 -14.71 13.21
C PHE I 165 -17.26 -14.59 14.48
N GLY I 166 -17.70 -13.40 14.85
CA GLY I 166 -18.57 -13.26 16.00
C GLY I 166 -17.90 -13.63 17.31
N PHE I 167 -18.70 -14.15 18.24
CA PHE I 167 -18.22 -14.52 19.56
C PHE I 167 -18.36 -15.99 19.89
N LEU I 168 -19.42 -16.66 19.44
CA LEU I 168 -19.62 -18.08 19.70
C LEU I 168 -19.97 -18.80 18.41
N ALA I 169 -19.43 -20.00 18.26
CA ALA I 169 -19.63 -20.79 17.04
C ALA I 169 -20.99 -21.50 17.06
N PRO I 170 -21.68 -21.52 15.93
CA PRO I 170 -22.95 -22.25 15.84
C PRO I 170 -22.77 -23.73 16.11
N LYS I 171 -23.89 -24.38 16.40
CA LYS I 171 -23.94 -25.82 16.65
C LYS I 171 -24.46 -26.61 15.45
N LYS I 172 -25.35 -26.02 14.66
CA LYS I 172 -25.90 -26.66 13.47
C LYS I 172 -26.14 -25.58 12.41
N PHE I 173 -26.21 -26.03 11.15
CA PHE I 173 -26.21 -25.14 9.99
C PHE I 173 -27.17 -25.65 8.93
N PRO I 174 -28.08 -24.81 8.43
CA PRO I 174 -28.91 -25.24 7.29
C PRO I 174 -28.23 -24.95 5.97
N CYS I 175 -28.34 -25.92 5.05
CA CYS I 175 -27.65 -25.90 3.77
C CYS I 175 -28.67 -26.02 2.66
N THR I 176 -28.58 -25.14 1.66
CA THR I 176 -29.60 -25.04 0.64
C THR I 176 -29.10 -25.03 -0.80
N ARG I 177 -27.87 -24.58 -1.07
CA ARG I 177 -27.34 -24.53 -2.43
C ARG I 177 -27.33 -25.94 -3.02
N PRO I 178 -28.13 -26.21 -4.06
CA PRO I 178 -28.35 -27.60 -4.48
C PRO I 178 -27.35 -28.08 -5.53
N PRO I 179 -26.42 -28.96 -5.16
CA PRO I 179 -26.14 -30.10 -6.04
C PRO I 179 -26.83 -31.33 -5.47
N CYS I 180 -27.56 -31.10 -4.38
CA CYS I 180 -28.26 -32.12 -3.62
C CYS I 180 -29.70 -31.67 -3.37
N THR I 181 -30.57 -32.65 -3.16
CA THR I 181 -32.01 -32.43 -3.09
C THR I 181 -32.39 -32.02 -1.67
N GLY I 182 -33.03 -30.86 -1.54
CA GLY I 182 -33.65 -30.42 -0.30
C GLY I 182 -32.72 -29.54 0.52
N VAL I 183 -33.14 -29.28 1.76
CA VAL I 183 -32.37 -28.52 2.73
C VAL I 183 -31.75 -29.52 3.71
N VAL I 184 -30.45 -29.40 3.95
CA VAL I 184 -29.74 -30.34 4.79
C VAL I 184 -29.30 -29.64 6.07
N ASP I 185 -29.71 -30.19 7.21
CA ASP I 185 -29.34 -29.67 8.52
C ASP I 185 -28.05 -30.37 8.95
N CYS I 186 -26.98 -29.60 9.07
CA CYS I 186 -25.64 -30.17 9.10
C CYS I 186 -24.92 -29.75 10.38
N TYR I 187 -24.19 -30.69 10.96
CA TYR I 187 -23.70 -30.57 12.34
C TYR I 187 -22.20 -30.29 12.35
N VAL I 188 -21.80 -29.32 13.17
CA VAL I 188 -20.39 -29.07 13.38
C VAL I 188 -19.83 -30.09 14.36
N SER I 189 -18.50 -30.12 14.48
CA SER I 189 -17.82 -31.02 15.39
C SER I 189 -17.14 -30.20 16.49
N ARG I 190 -17.43 -30.54 17.74
CA ARG I 190 -16.74 -30.04 18.92
C ARG I 190 -16.80 -28.52 18.96
N PRO I 191 -17.96 -27.94 19.31
CA PRO I 191 -18.08 -26.48 19.34
C PRO I 191 -17.60 -25.82 20.63
N THR I 192 -17.83 -26.46 21.77
CA THR I 192 -17.54 -25.80 23.06
C THR I 192 -16.05 -25.58 23.25
N GLU I 193 -15.23 -26.57 22.85
CA GLU I 193 -13.79 -26.38 22.89
C GLU I 193 -13.38 -25.16 22.08
N LYS I 194 -13.96 -25.02 20.88
CA LYS I 194 -13.64 -23.91 20.00
C LYS I 194 -14.05 -22.58 20.62
N SER I 195 -15.26 -22.52 21.19
CA SER I 195 -15.73 -21.27 21.79
C SER I 195 -14.86 -20.87 22.97
N LEU I 196 -14.52 -21.82 23.85
CA LEU I 196 -13.67 -21.50 24.99
C LEU I 196 -12.29 -21.04 24.53
N LEU I 197 -11.70 -21.75 23.57
CA LEU I 197 -10.36 -21.42 23.12
C LEU I 197 -10.31 -20.05 22.47
N MET I 198 -11.30 -19.74 21.62
CA MET I 198 -11.31 -18.45 20.95
C MET I 198 -11.67 -17.33 21.92
N LEU I 199 -12.43 -17.63 22.98
CA LEU I 199 -12.62 -16.66 24.05
C LEU I 199 -11.29 -16.36 24.74
N PHE I 200 -10.48 -17.40 24.96
CA PHE I 200 -9.17 -17.18 25.57
C PHE I 200 -8.30 -16.30 24.68
N LEU I 201 -8.31 -16.56 23.36
CA LEU I 201 -7.57 -15.71 22.44
C LEU I 201 -8.10 -14.27 22.45
N TRP I 202 -9.42 -14.10 22.51
CA TRP I 202 -9.99 -12.76 22.57
C TRP I 202 -9.51 -12.03 23.82
N ALA I 203 -9.50 -12.73 24.96
CA ALA I 203 -9.07 -12.11 26.21
C ALA I 203 -7.59 -11.70 26.16
N VAL I 204 -6.73 -12.59 25.66
CA VAL I 204 -5.31 -12.27 25.64
C VAL I 204 -5.03 -11.14 24.64
N SER I 205 -5.76 -11.13 23.53
CA SER I 205 -5.62 -10.04 22.56
C SER I 205 -6.06 -8.72 23.18
N ALA I 206 -7.16 -8.72 23.93
CA ALA I 206 -7.62 -7.51 24.58
C ALA I 206 -6.60 -7.01 25.59
N LEU I 207 -6.01 -7.92 26.37
CA LEU I 207 -4.98 -7.52 27.32
C LEU I 207 -3.77 -6.92 26.62
N SER I 208 -3.32 -7.57 25.53
CA SER I 208 -2.19 -7.05 24.78
C SER I 208 -2.48 -5.68 24.18
N PHE I 209 -3.72 -5.46 23.72
CA PHE I 209 -4.07 -4.16 23.17
C PHE I 209 -3.95 -3.05 24.21
N LEU I 210 -4.48 -3.27 25.40
CA LEU I 210 -4.39 -2.26 26.45
C LEU I 210 -2.95 -2.03 26.88
N LEU I 211 -2.16 -3.10 27.00
CA LEU I 211 -0.77 -2.94 27.38
C LEU I 211 0.02 -2.17 26.33
N GLY I 212 -0.25 -2.46 25.04
CA GLY I 212 0.39 -1.71 23.98
C GLY I 212 0.00 -0.25 23.96
N LEU I 213 -1.27 0.06 24.22
CA LEU I 213 -1.68 1.45 24.38
C LEU I 213 -0.96 2.11 25.54
N ALA I 214 -0.75 1.37 26.64
CA ALA I 214 0.02 1.90 27.76
C ALA I 214 1.46 2.24 27.37
N ASP I 215 2.09 1.38 26.57
CA ASP I 215 3.48 1.62 26.17
C ASP I 215 3.68 2.99 25.53
N LEU I 216 2.90 3.32 24.49
CA LEU I 216 3.10 4.58 23.79
C LEU I 216 2.78 5.78 24.67
N VAL I 217 1.68 5.70 25.43
CA VAL I 217 1.26 6.85 26.23
C VAL I 217 2.24 7.11 27.37
N CYS I 218 2.93 6.08 27.87
CA CYS I 218 3.99 6.30 28.84
C CYS I 218 5.29 6.74 28.22
N SER I 219 5.66 6.18 27.07
CA SER I 219 6.91 6.52 26.39
C SER I 219 6.94 7.96 25.89
N LEU I 220 5.82 8.47 25.37
CA LEU I 220 5.78 9.87 24.95
C LEU I 220 5.95 10.82 26.11
N ARG I 221 5.32 10.53 27.25
CA ARG I 221 5.49 11.37 28.43
C ARG I 221 6.92 11.32 28.96
N ARG I 222 7.54 10.14 28.98
CA ARG I 222 8.88 10.02 29.52
C ARG I 222 9.96 10.59 28.61
N ARG I 223 9.58 11.29 27.53
CA ARG I 223 10.58 11.89 26.66
C ARG I 223 10.42 13.41 26.59
N MET I 224 9.18 13.92 26.77
CA MET I 224 8.99 15.35 26.96
C MET I 224 9.27 15.80 28.39
N ARG I 225 9.47 14.87 29.32
CA ARG I 225 9.80 15.27 30.68
C ARG I 225 11.21 15.85 30.75
N ARG I 226 12.04 15.51 29.77
CA ARG I 226 13.41 16.02 29.72
C ARG I 226 13.44 17.46 29.21
N ARG I 227 12.32 17.90 28.65
CA ARG I 227 12.21 19.27 28.16
C ARG I 227 11.70 20.19 29.25
N GLY J 3 37.28 -5.39 35.66
CA GLY J 3 37.72 -5.20 34.28
C GLY J 3 37.35 -6.35 33.39
N VAL J 4 36.05 -6.54 33.17
CA VAL J 4 35.52 -7.62 32.34
C VAL J 4 34.57 -7.02 31.31
N ASP J 5 34.44 -7.71 30.18
CA ASP J 5 33.50 -7.32 29.14
C ASP J 5 32.07 -7.48 29.67
N LEU J 6 31.10 -6.86 28.99
CA LEU J 6 29.74 -6.89 29.51
C LEU J 6 28.98 -8.13 29.04
N LEU J 7 29.57 -8.95 28.18
CA LEU J 7 29.12 -10.33 28.03
C LEU J 7 29.70 -11.21 29.14
N GLY J 8 30.44 -10.56 30.02
CA GLY J 8 31.06 -11.13 31.20
C GLY J 8 30.16 -10.90 32.40
N PHE J 9 30.30 -9.74 33.05
CA PHE J 9 29.40 -9.39 34.13
C PHE J 9 28.00 -9.15 33.57
N LEU J 10 27.42 -10.21 33.01
CA LEU J 10 26.00 -10.25 32.65
C LEU J 10 25.36 -11.58 32.97
N ILE J 11 26.13 -12.65 33.21
CA ILE J 11 25.59 -13.95 33.53
C ILE J 11 25.83 -14.31 34.99
N ILE J 12 26.90 -13.77 35.59
CA ILE J 12 27.10 -13.93 37.02
C ILE J 12 26.03 -13.18 37.79
N THR J 13 25.65 -12.00 37.29
CA THR J 13 24.49 -11.31 37.83
C THR J 13 23.20 -12.09 37.61
N LEU J 14 23.24 -13.12 36.75
CA LEU J 14 22.13 -14.03 36.57
C LEU J 14 22.24 -15.28 37.42
N ASN J 15 23.42 -15.90 37.46
CA ASN J 15 23.59 -17.15 38.18
C ASN J 15 23.62 -16.93 39.69
N CYS J 16 24.24 -15.85 40.15
CA CYS J 16 24.41 -15.62 41.59
C CYS J 16 23.08 -15.38 42.31
N ASN J 17 22.05 -14.90 41.62
CA ASN J 17 20.77 -14.63 42.25
C ASN J 17 19.81 -15.81 42.17
N VAL J 18 20.26 -16.96 41.68
CA VAL J 18 19.44 -18.15 41.57
C VAL J 18 20.21 -19.34 42.12
N THR J 19 19.54 -20.19 42.87
CA THR J 19 20.18 -21.34 43.50
C THR J 19 20.18 -22.54 42.56
N MET J 20 21.09 -23.49 42.84
CA MET J 20 21.21 -24.66 41.99
C MET J 20 19.95 -25.51 41.99
N VAL J 21 19.20 -25.46 43.10
CA VAL J 21 17.91 -26.15 43.14
C VAL J 21 16.95 -25.56 42.10
N GLY J 22 16.99 -24.24 41.92
CA GLY J 22 16.16 -23.62 40.90
C GLY J 22 16.51 -24.06 39.49
N LYS J 23 17.82 -24.11 39.18
CA LYS J 23 18.23 -24.59 37.88
C LYS J 23 17.82 -26.05 37.67
N LEU J 24 17.96 -26.87 38.72
CA LEU J 24 17.51 -28.26 38.62
C LEU J 24 16.02 -28.33 38.37
N TRP J 25 15.24 -27.47 39.02
CA TRP J 25 13.81 -27.39 38.77
C TRP J 25 13.53 -27.06 37.31
N PHE J 26 14.25 -26.06 36.78
CA PHE J 26 14.07 -25.67 35.39
C PHE J 26 14.35 -26.84 34.46
N VAL J 27 15.45 -27.56 34.71
CA VAL J 27 15.82 -28.68 33.86
C VAL J 27 14.78 -29.78 33.91
N LEU J 28 14.34 -30.15 35.12
CA LEU J 28 13.35 -31.22 35.23
C LEU J 28 12.01 -30.83 34.60
N THR J 29 11.58 -29.58 34.76
CA THR J 29 10.29 -29.18 34.20
C THR J 29 10.34 -28.81 32.73
N MET J 30 11.53 -28.72 32.12
CA MET J 30 11.59 -28.60 30.68
C MET J 30 11.93 -29.90 29.96
N LEU J 31 12.66 -30.82 30.61
CA LEU J 31 13.05 -32.06 29.97
C LEU J 31 12.05 -33.19 30.19
N LEU J 32 11.51 -33.35 31.39
CA LEU J 32 10.50 -34.36 31.65
C LEU J 32 9.07 -33.84 31.66
N ARG J 33 8.87 -32.54 31.51
CA ARG J 33 7.53 -31.97 31.60
C ARG J 33 7.11 -31.24 30.34
N MET J 34 7.95 -30.35 29.81
CA MET J 34 7.67 -29.69 28.54
C MET J 34 7.91 -30.57 27.33
N LEU J 35 8.75 -31.60 27.45
CA LEU J 35 9.11 -32.44 26.31
C LEU J 35 8.19 -33.63 26.14
N VAL J 36 7.76 -34.26 27.23
CA VAL J 36 6.90 -35.44 27.13
C VAL J 36 5.53 -35.06 26.58
N ILE J 37 5.02 -33.89 26.95
CA ILE J 37 3.64 -33.53 26.62
C ILE J 37 3.50 -33.27 25.13
N VAL J 38 4.42 -32.51 24.53
CA VAL J 38 4.32 -32.21 23.11
C VAL J 38 4.63 -33.44 22.28
N LEU J 39 5.55 -34.27 22.74
CA LEU J 39 6.12 -35.33 21.92
C LEU J 39 5.35 -36.64 22.03
N ALA J 40 4.79 -36.94 23.19
CA ALA J 40 4.02 -38.17 23.41
C ALA J 40 2.54 -37.93 23.62
N GLY J 41 2.15 -36.73 24.09
CA GLY J 41 0.74 -36.47 24.33
C GLY J 41 0.00 -36.02 23.10
N ARG J 42 0.73 -35.43 22.15
CA ARG J 42 0.14 -35.02 20.88
C ARG J 42 -0.33 -36.22 20.06
N PRO J 43 0.46 -37.27 19.85
CA PRO J 43 -0.03 -38.37 18.99
C PRO J 43 -1.11 -39.22 19.64
N VAL J 44 -1.08 -39.40 20.96
CA VAL J 44 -2.00 -40.32 21.62
C VAL J 44 -3.43 -39.80 21.51
N TYR J 45 -3.61 -38.48 21.53
CA TYR J 45 -4.92 -37.86 21.64
C TYR J 45 -5.49 -37.41 20.31
N GLN J 46 -4.86 -37.79 19.19
CA GLN J 46 -5.42 -37.51 17.87
C GLN J 46 -6.62 -38.41 17.60
N ASP J 47 -6.57 -39.66 18.06
CA ASP J 47 -7.60 -40.65 17.77
C ASP J 47 -8.60 -40.75 18.91
N GLU J 48 -8.68 -39.71 19.74
CA GLU J 48 -9.77 -39.61 20.70
C GLU J 48 -11.09 -39.32 20.02
N GLN J 49 -11.04 -38.82 18.78
CA GLN J 49 -12.22 -38.51 17.98
C GLN J 49 -12.60 -39.61 17.03
N GLU J 50 -11.62 -40.32 16.47
CA GLU J 50 -11.90 -41.26 15.38
C GLU J 50 -12.66 -42.48 15.88
N ARG J 51 -12.42 -42.91 17.11
CA ARG J 51 -12.95 -44.20 17.57
C ARG J 51 -13.74 -44.02 18.85
N PHE J 52 -14.66 -43.05 18.86
CA PHE J 52 -15.63 -42.87 19.93
C PHE J 52 -16.85 -43.71 19.50
N VAL J 53 -16.57 -44.97 19.18
CA VAL J 53 -17.51 -45.81 18.45
C VAL J 53 -18.50 -46.45 19.41
N CYS J 54 -19.76 -46.52 18.97
CA CYS J 54 -20.87 -47.00 19.78
C CYS J 54 -22.16 -47.18 19.00
N ASN J 55 -23.09 -47.92 19.60
CA ASN J 55 -24.22 -48.51 18.87
C ASN J 55 -25.30 -47.45 18.61
N THR J 56 -25.17 -46.80 17.47
CA THR J 56 -26.26 -45.98 16.94
C THR J 56 -26.13 -45.93 15.43
N LEU J 57 -27.22 -45.56 14.78
CA LEU J 57 -27.26 -45.52 13.32
C LEU J 57 -27.72 -44.19 12.73
N GLN J 58 -28.57 -43.44 13.41
CA GLN J 58 -29.01 -42.17 12.87
C GLN J 58 -27.84 -41.19 12.93
N PRO J 59 -27.57 -40.42 11.88
CA PRO J 59 -26.43 -39.51 11.91
C PRO J 59 -26.62 -38.39 12.93
N GLY J 60 -25.54 -38.07 13.65
CA GLY J 60 -25.53 -36.94 14.56
C GLY J 60 -25.78 -37.29 16.02
N CYS J 61 -25.75 -38.57 16.39
CA CYS J 61 -25.83 -38.93 17.80
C CYS J 61 -24.45 -38.99 18.42
N ALA J 62 -23.47 -39.58 17.71
CA ALA J 62 -22.14 -39.75 18.28
C ALA J 62 -21.47 -38.40 18.57
N ASN J 63 -21.67 -37.41 17.69
CA ASN J 63 -21.02 -36.12 17.89
C ASN J 63 -21.52 -35.42 19.15
N VAL J 64 -22.84 -35.39 19.36
CA VAL J 64 -23.39 -34.78 20.56
C VAL J 64 -23.04 -35.63 21.78
N CYS J 65 -22.93 -36.95 21.60
CA CYS J 65 -22.53 -37.80 22.72
C CYS J 65 -21.12 -37.49 23.18
N TYR J 66 -20.20 -37.25 22.25
CA TYR J 66 -18.85 -36.85 22.67
C TYR J 66 -18.86 -35.44 23.22
N ASP J 67 -19.66 -34.54 22.64
CA ASP J 67 -19.74 -33.18 23.13
C ASP J 67 -20.18 -33.13 24.59
N VAL J 68 -21.17 -33.95 24.96
CA VAL J 68 -21.54 -34.04 26.36
C VAL J 68 -20.52 -34.89 27.13
N PHE J 69 -19.74 -35.70 26.43
CA PHE J 69 -18.74 -36.53 27.11
C PHE J 69 -17.55 -35.72 27.56
N SER J 70 -16.85 -35.07 26.61
CA SER J 70 -15.63 -34.32 26.91
C SER J 70 -15.86 -32.84 26.61
N PRO J 71 -16.20 -32.03 27.62
CA PRO J 71 -16.26 -30.59 27.40
C PRO J 71 -14.90 -29.99 27.05
N VAL J 72 -13.88 -30.31 27.85
CA VAL J 72 -12.53 -29.80 27.63
C VAL J 72 -11.57 -30.98 27.73
N SER J 73 -10.75 -31.19 26.69
CA SER J 73 -9.74 -32.21 26.75
C SER J 73 -8.61 -31.79 27.68
N HIS J 74 -8.13 -32.73 28.49
CA HIS J 74 -7.11 -32.42 29.48
C HIS J 74 -5.73 -32.20 28.88
N LEU J 75 -5.53 -32.51 27.59
CA LEU J 75 -4.28 -32.13 26.93
C LEU J 75 -4.12 -30.62 26.88
N ARG J 76 -5.19 -29.92 26.49
CA ARG J 76 -5.13 -28.46 26.48
C ARG J 76 -4.95 -27.91 27.89
N PHE J 77 -5.57 -28.56 28.88
CA PHE J 77 -5.36 -28.18 30.27
C PHE J 77 -3.90 -28.30 30.66
N TRP J 78 -3.26 -29.41 30.27
CA TRP J 78 -1.85 -29.60 30.60
C TRP J 78 -0.98 -28.56 29.92
N LEU J 79 -1.26 -28.25 28.65
CA LEU J 79 -0.44 -27.25 27.95
C LEU J 79 -0.61 -25.86 28.55
N ILE J 80 -1.83 -25.46 28.87
CA ILE J 80 -2.02 -24.14 29.45
C ILE J 80 -1.40 -24.08 30.83
N GLN J 81 -1.49 -25.17 31.59
CA GLN J 81 -0.82 -25.23 32.88
C GLN J 81 0.69 -25.10 32.72
N GLY J 82 1.25 -25.77 31.72
CA GLY J 82 2.69 -25.68 31.49
C GLY J 82 3.13 -24.27 31.12
N VAL J 83 2.38 -23.62 30.22
CA VAL J 83 2.78 -22.28 29.81
C VAL J 83 2.64 -21.30 30.96
N CYS J 84 1.60 -21.46 31.81
CA CYS J 84 1.48 -20.54 32.93
C CYS J 84 2.53 -20.83 34.00
N VAL J 85 2.99 -22.09 34.12
CA VAL J 85 4.00 -22.38 35.13
C VAL J 85 5.39 -22.07 34.60
N LEU J 86 5.51 -21.81 33.30
CA LEU J 86 6.80 -21.33 32.78
C LEU J 86 6.85 -19.82 32.55
N LEU J 87 5.71 -19.13 32.54
CA LEU J 87 5.70 -17.69 32.28
C LEU J 87 6.49 -16.87 33.29
N PRO J 88 6.28 -17.00 34.61
CA PRO J 88 7.01 -16.13 35.54
C PRO J 88 8.52 -16.26 35.47
N SER J 89 9.05 -17.44 35.16
CA SER J 89 10.48 -17.60 35.02
C SER J 89 11.03 -16.84 33.83
N ALA J 90 10.21 -16.62 32.80
CA ALA J 90 10.57 -15.78 31.68
C ALA J 90 10.46 -14.30 32.01
N VAL J 91 9.39 -13.89 32.71
CA VAL J 91 9.26 -12.47 33.02
C VAL J 91 10.35 -12.03 33.98
N PHE J 92 10.69 -12.87 34.96
CA PHE J 92 11.80 -12.55 35.84
C PHE J 92 13.13 -12.53 35.09
N SER J 93 13.32 -13.46 34.16
CA SER J 93 14.55 -13.45 33.37
C SER J 93 14.69 -12.12 32.62
N VAL J 94 13.62 -11.69 31.96
CA VAL J 94 13.68 -10.41 31.25
C VAL J 94 13.93 -9.27 32.22
N TYR J 95 13.29 -9.31 33.39
CA TYR J 95 13.50 -8.27 34.40
C TYR J 95 14.97 -8.17 34.79
N VAL J 96 15.59 -9.30 35.12
CA VAL J 96 16.96 -9.27 35.64
C VAL J 96 17.95 -8.89 34.55
N LEU J 97 17.76 -9.42 33.33
CA LEU J 97 18.64 -8.96 32.24
C LEU J 97 18.47 -7.47 31.97
N HIS J 98 17.24 -6.96 32.03
CA HIS J 98 17.04 -5.53 31.79
C HIS J 98 17.71 -4.69 32.86
N ARG J 99 17.61 -5.09 34.12
CA ARG J 99 18.23 -4.31 35.18
C ARG J 99 19.73 -4.57 35.31
N GLY J 100 20.26 -5.60 34.66
CA GLY J 100 21.69 -5.82 34.69
C GLY J 100 22.42 -5.17 33.54
N ALA J 101 21.79 -5.16 32.37
CA ALA J 101 22.39 -4.55 31.19
C ALA J 101 22.33 -3.02 31.21
N THR J 102 21.51 -2.44 32.09
CA THR J 102 21.37 -0.98 32.14
C THR J 102 22.39 -0.33 33.06
N LEU J 103 22.64 -0.92 34.23
CA LEU J 103 23.56 -0.32 35.18
C LEU J 103 24.99 -0.29 34.65
N ALA J 104 25.38 -1.28 33.85
CA ALA J 104 26.72 -1.32 33.30
C ALA J 104 27.00 -0.19 32.34
N ALA J 105 25.97 0.39 31.72
CA ALA J 105 26.18 1.50 30.80
C ALA J 105 26.75 2.72 31.51
N LEU J 106 26.22 3.03 32.70
CA LEU J 106 26.72 4.18 33.45
C LEU J 106 28.12 3.91 34.00
N GLY J 107 28.39 2.67 34.40
CA GLY J 107 29.67 2.31 34.96
C GLY J 107 29.82 2.74 36.39
N PRO J 108 31.03 2.58 36.95
CA PRO J 108 31.32 2.96 38.34
C PRO J 108 31.28 4.47 38.56
N GLY J 133 36.34 -9.61 43.46
CA GLY J 133 36.40 -8.17 43.32
C GLY J 133 35.39 -7.62 42.33
N LEU J 134 34.16 -8.11 42.42
CA LEU J 134 33.08 -7.70 41.55
C LEU J 134 32.07 -6.84 42.30
N GLN J 135 31.10 -6.31 41.56
CA GLN J 135 30.05 -5.44 42.10
C GLN J 135 28.68 -5.97 41.70
N VAL J 136 28.47 -7.26 41.91
CA VAL J 136 27.24 -7.95 41.53
C VAL J 136 26.05 -7.37 42.31
N PRO J 137 24.99 -6.95 41.64
CA PRO J 137 23.79 -6.49 42.36
C PRO J 137 23.08 -7.65 43.04
N ASP J 138 22.25 -7.30 44.01
CA ASP J 138 21.53 -8.27 44.84
C ASP J 138 20.05 -8.21 44.49
N PHE J 139 19.60 -9.11 43.62
CA PHE J 139 18.18 -9.23 43.30
C PHE J 139 17.58 -10.39 44.09
N SER J 140 17.36 -10.12 45.37
CA SER J 140 16.78 -11.10 46.30
C SER J 140 15.31 -10.86 46.57
N ALA J 141 14.87 -9.60 46.55
CA ALA J 141 13.47 -9.29 46.82
C ALA J 141 12.53 -9.90 45.78
N GLY J 142 12.90 -9.89 44.51
CA GLY J 142 12.05 -10.42 43.48
C GLY J 142 12.00 -11.93 43.39
N TYR J 143 13.04 -12.63 43.84
CA TYR J 143 13.09 -14.08 43.73
C TYR J 143 12.18 -14.75 44.75
N ILE J 144 12.08 -14.16 45.94
CA ILE J 144 11.18 -14.71 46.97
C ILE J 144 9.72 -14.51 46.59
N ILE J 145 9.37 -13.34 46.06
CA ILE J 145 8.00 -13.14 45.57
C ILE J 145 7.76 -13.99 44.33
N HIS J 146 8.79 -14.18 43.52
CA HIS J 146 8.70 -15.12 42.39
C HIS J 146 8.32 -16.51 42.87
N LEU J 147 8.99 -17.01 43.90
CA LEU J 147 8.69 -18.35 44.39
C LEU J 147 7.34 -18.40 45.09
N LEU J 148 6.93 -17.30 45.73
CA LEU J 148 5.57 -17.24 46.27
C LEU J 148 4.52 -17.38 45.18
N LEU J 149 4.70 -16.65 44.07
CA LEU J 149 3.80 -16.78 42.94
C LEU J 149 3.83 -18.19 42.37
N ARG J 150 5.02 -18.79 42.32
CA ARG J 150 5.13 -20.18 41.88
C ARG J 150 4.29 -21.11 42.75
N THR J 151 4.46 -21.01 44.07
CA THR J 151 3.73 -21.89 44.97
C THR J 151 2.23 -21.67 44.88
N LEU J 152 1.81 -20.42 44.65
CA LEU J 152 0.39 -20.13 44.57
C LEU J 152 -0.21 -20.59 43.24
N LEU J 153 0.56 -20.56 42.15
CA LEU J 153 0.02 -20.88 40.84
C LEU J 153 0.04 -22.37 40.52
N GLU J 154 0.45 -23.22 41.45
CA GLU J 154 0.43 -24.66 41.20
C GLU J 154 -0.69 -25.39 41.93
N ALA J 155 -0.91 -25.07 43.21
CA ALA J 155 -1.91 -25.77 43.99
C ALA J 155 -3.31 -25.55 43.43
N ALA J 156 -3.60 -24.33 42.99
CA ALA J 156 -4.94 -24.05 42.45
C ALA J 156 -5.21 -24.88 41.20
N PHE J 157 -4.28 -24.89 40.26
CA PHE J 157 -4.50 -25.67 39.03
C PHE J 157 -4.52 -27.17 39.33
N GLY J 158 -3.76 -27.60 40.34
CA GLY J 158 -3.89 -28.99 40.78
C GLY J 158 -5.28 -29.29 41.31
N ALA J 159 -5.85 -28.35 42.06
CA ALA J 159 -7.21 -28.53 42.58
C ALA J 159 -8.22 -28.60 41.45
N LEU J 160 -8.08 -27.73 40.43
CA LEU J 160 -8.96 -27.83 39.27
C LEU J 160 -8.79 -29.16 38.54
N HIS J 161 -7.55 -29.63 38.39
CA HIS J 161 -7.34 -30.94 37.77
C HIS J 161 -8.05 -32.04 38.55
N TYR J 162 -7.92 -32.01 39.88
CA TYR J 162 -8.52 -33.05 40.70
C TYR J 162 -10.05 -33.00 40.62
N PHE J 163 -10.63 -31.80 40.65
CA PHE J 163 -12.08 -31.67 40.61
C PHE J 163 -12.68 -31.86 39.23
N LEU J 164 -11.89 -31.77 38.16
CA LEU J 164 -12.42 -31.89 36.81
C LEU J 164 -12.16 -33.25 36.17
N PHE J 165 -10.91 -33.75 36.23
CA PHE J 165 -10.55 -34.94 35.48
C PHE J 165 -10.31 -36.17 36.35
N GLY J 166 -10.36 -36.04 37.68
CA GLY J 166 -10.24 -37.21 38.54
C GLY J 166 -8.87 -37.85 38.45
N PHE J 167 -8.85 -39.17 38.63
CA PHE J 167 -7.61 -39.95 38.65
C PHE J 167 -7.53 -41.00 37.54
N LEU J 168 -8.64 -41.65 37.20
CA LEU J 168 -8.64 -42.66 36.15
C LEU J 168 -9.79 -42.40 35.19
N ALA J 169 -9.53 -42.62 33.90
CA ALA J 169 -10.50 -42.36 32.85
C ALA J 169 -11.51 -43.49 32.74
N PRO J 170 -12.79 -43.17 32.56
CA PRO J 170 -13.80 -44.20 32.36
C PRO J 170 -13.53 -45.04 31.12
N LYS J 171 -14.18 -46.20 31.08
CA LYS J 171 -14.08 -47.12 29.96
C LYS J 171 -15.29 -47.06 29.03
N LYS J 172 -16.47 -46.75 29.56
CA LYS J 172 -17.68 -46.62 28.78
C LYS J 172 -18.55 -45.52 29.39
N PHE J 173 -19.46 -44.97 28.56
CA PHE J 173 -20.21 -43.78 28.91
C PHE J 173 -21.66 -43.89 28.41
N PRO J 174 -22.64 -43.65 29.27
CA PRO J 174 -24.03 -43.61 28.80
C PRO J 174 -24.40 -42.23 28.30
N CYS J 175 -25.12 -42.20 27.18
CA CYS J 175 -25.47 -40.97 26.48
C CYS J 175 -26.98 -40.90 26.33
N THR J 176 -27.55 -39.74 26.69
CA THR J 176 -29.00 -39.61 26.77
C THR J 176 -29.59 -38.40 26.06
N ARG J 177 -28.84 -37.29 25.90
CA ARG J 177 -29.36 -36.09 25.25
C ARG J 177 -29.78 -36.43 23.82
N PRO J 178 -31.07 -36.35 23.50
CA PRO J 178 -31.55 -36.93 22.24
C PRO J 178 -31.53 -35.94 21.08
N PRO J 179 -30.62 -36.10 20.12
CA PRO J 179 -31.02 -35.96 18.71
C PRO J 179 -31.18 -37.35 18.12
N CYS J 180 -30.99 -38.35 18.98
CA CYS J 180 -31.03 -39.76 18.65
C CYS J 180 -31.91 -40.51 19.64
N THR J 181 -32.45 -41.63 19.19
CA THR J 181 -33.46 -42.38 19.93
C THR J 181 -32.79 -43.30 20.93
N GLY J 182 -33.15 -43.15 22.21
CA GLY J 182 -32.76 -44.07 23.25
C GLY J 182 -31.50 -43.62 23.99
N VAL J 183 -30.98 -44.52 24.82
CA VAL J 183 -29.73 -44.31 25.55
C VAL J 183 -28.65 -45.12 24.84
N VAL J 184 -27.51 -44.47 24.57
CA VAL J 184 -26.43 -45.09 23.80
C VAL J 184 -25.24 -45.32 24.72
N ASP J 185 -24.80 -46.56 24.82
CA ASP J 185 -23.63 -46.92 25.61
C ASP J 185 -22.41 -46.84 24.70
N CYS J 186 -21.51 -45.91 25.01
CA CYS J 186 -20.50 -45.47 24.05
C CYS J 186 -19.12 -45.67 24.63
N TYR J 187 -18.19 -46.12 23.77
CA TYR J 187 -16.92 -46.66 24.20
C TYR J 187 -15.79 -45.69 23.91
N VAL J 188 -14.92 -45.48 24.90
CA VAL J 188 -13.72 -44.69 24.69
C VAL J 188 -12.67 -45.54 23.96
N SER J 189 -11.61 -44.88 23.51
CA SER J 189 -10.52 -45.54 22.83
C SER J 189 -9.26 -45.44 23.68
N ARG J 190 -8.65 -46.60 23.96
CA ARG J 190 -7.33 -46.70 24.57
C ARG J 190 -7.30 -45.97 25.92
N PRO J 191 -7.91 -46.55 26.95
CA PRO J 191 -7.95 -45.89 28.26
C PRO J 191 -6.72 -46.11 29.14
N THR J 192 -6.13 -47.31 29.09
CA THR J 192 -5.05 -47.63 30.02
C THR J 192 -3.80 -46.80 29.74
N GLU J 193 -3.49 -46.58 28.46
CA GLU J 193 -2.38 -45.70 28.11
C GLU J 193 -2.60 -44.32 28.71
N LYS J 194 -3.82 -43.81 28.59
CA LYS J 194 -4.15 -42.48 29.11
C LYS J 194 -4.01 -42.42 30.62
N SER J 195 -4.52 -43.45 31.32
CA SER J 195 -4.44 -43.46 32.78
C SER J 195 -3.00 -43.52 33.24
N LEU J 196 -2.18 -44.38 32.63
CA LEU J 196 -0.77 -44.47 33.03
C LEU J 196 -0.04 -43.16 32.75
N LEU J 197 -0.27 -42.58 31.56
CA LEU J 197 0.44 -41.36 31.21
C LEU J 197 0.06 -40.20 32.12
N MET J 198 -1.23 -40.06 32.43
CA MET J 198 -1.65 -38.96 33.30
C MET J 198 -1.24 -39.22 34.74
N LEU J 199 -1.11 -40.48 35.14
CA LEU J 199 -0.51 -40.77 36.44
C LEU J 199 0.94 -40.32 36.47
N PHE J 200 1.68 -40.54 35.38
CA PHE J 200 3.06 -40.07 35.31
C PHE J 200 3.13 -38.55 35.42
N LEU J 201 2.24 -37.85 34.71
CA LEU J 201 2.19 -36.39 34.83
C LEU J 201 1.84 -35.96 36.26
N TRP J 202 0.89 -36.66 36.90
CA TRP J 202 0.55 -36.33 38.28
C TRP J 202 1.76 -36.48 39.20
N ALA J 203 2.52 -37.57 39.01
CA ALA J 203 3.69 -37.81 39.85
C ALA J 203 4.76 -36.74 39.65
N VAL J 204 5.04 -36.39 38.39
CA VAL J 204 6.09 -35.41 38.14
C VAL J 204 5.66 -34.03 38.64
N SER J 205 4.36 -33.71 38.50
CA SER J 205 3.86 -32.45 39.03
C SER J 205 3.96 -32.41 40.55
N ALA J 206 3.66 -33.52 41.22
CA ALA J 206 3.78 -33.57 42.67
C ALA J 206 5.23 -33.40 43.10
N LEU J 207 6.17 -34.03 42.39
CA LEU J 207 7.57 -33.86 42.71
C LEU J 207 8.02 -32.41 42.52
N SER J 208 7.60 -31.79 41.41
CA SER J 208 7.95 -30.40 41.17
C SER J 208 7.37 -29.48 42.23
N PHE J 209 6.15 -29.75 42.69
CA PHE J 209 5.54 -28.93 43.74
C PHE J 209 6.37 -28.96 45.01
N LEU J 210 6.76 -30.15 45.46
CA LEU J 210 7.56 -30.25 46.68
C LEU J 210 8.91 -29.59 46.51
N LEU J 211 9.55 -29.78 45.36
CA LEU J 211 10.86 -29.16 45.14
C LEU J 211 10.74 -27.63 45.13
N GLY J 212 9.69 -27.10 44.50
CA GLY J 212 9.46 -25.67 44.52
C GLY J 212 9.19 -25.12 45.91
N LEU J 213 8.43 -25.86 46.72
CA LEU J 213 8.27 -25.47 48.12
C LEU J 213 9.60 -25.48 48.86
N ALA J 214 10.47 -26.44 48.56
CA ALA J 214 11.80 -26.45 49.14
C ALA J 214 12.62 -25.22 48.77
N ASP J 215 12.54 -24.79 47.51
CA ASP J 215 13.31 -23.63 47.07
C ASP J 215 13.06 -22.38 47.93
N LEU J 216 11.79 -21.99 48.11
CA LEU J 216 11.49 -20.78 48.85
C LEU J 216 11.89 -20.92 50.32
N VAL J 217 11.57 -22.05 50.93
CA VAL J 217 11.82 -22.22 52.36
C VAL J 217 13.32 -22.26 52.65
N CYS J 218 14.14 -22.73 51.71
CA CYS J 218 15.59 -22.65 51.86
C CYS J 218 16.14 -21.27 51.56
N SER J 219 15.64 -20.62 50.52
CA SER J 219 16.11 -19.30 50.10
C SER J 219 15.83 -18.22 51.14
N LEU J 220 14.67 -18.24 51.79
CA LEU J 220 14.39 -17.29 52.84
C LEU J 220 15.31 -17.44 54.04
N ARG J 221 15.61 -18.69 54.44
CA ARG J 221 16.55 -18.91 55.52
C ARG J 221 17.95 -18.47 55.15
N ARG J 222 18.40 -18.75 53.94
CA ARG J 222 19.76 -18.40 53.53
C ARG J 222 19.95 -16.91 53.30
N ARG J 223 18.98 -16.06 53.64
CA ARG J 223 19.14 -14.63 53.48
C ARG J 223 19.02 -13.89 54.82
N MET J 224 18.23 -14.44 55.75
CA MET J 224 18.25 -13.93 57.12
C MET J 224 19.43 -14.46 57.93
N ARG J 225 20.18 -15.43 57.41
CA ARG J 225 21.35 -15.91 58.13
C ARG J 225 22.45 -14.87 58.15
N ARG J 226 22.40 -13.94 57.20
CA ARG J 226 23.40 -12.87 57.11
C ARG J 226 23.10 -11.78 58.14
N ARG J 227 21.91 -11.83 58.72
CA ARG J 227 21.54 -10.87 59.76
C ARG J 227 21.92 -11.39 61.14
#